data_9J4S
#
_entry.id   9J4S
#
_cell.length_a   91.978
_cell.length_b   93.303
_cell.length_c   261.912
_cell.angle_alpha   90.00
_cell.angle_beta   90.00
_cell.angle_gamma   90.00
#
_symmetry.space_group_name_H-M   'P 21 21 21'
#
loop_
_entity.id
_entity.type
_entity.pdbx_description
1 polymer 'T cell receptor CLA1 beta'
2 polymer 'T cell receptor CLA1 alpha'
3 polymer 'HLA class I histocompatibility antigen, B alpha chain'
4 polymer Beta-2-microglobulin
5 polymer Nucleoprotein
6 non-polymer 'SULFATE ION'
7 non-polymer GLYCEROL
8 water water
#
loop_
_entity_poly.entity_id
_entity_poly.type
_entity_poly.pdbx_seq_one_letter_code
_entity_poly.pdbx_strand_id
1 'polypeptide(L)'
;MDSGVTQTPKHLITATGQRVTLRCSPRSGDLSVYWYQQSLDQGLQFLIQYYNGEERAKGNILERFSAQQFPDLHSELNLS
SLELGDSALYFCASSVSGGAYNEQFFGPGTRLTVLEDLKNVFPPEVAVFEPSEAEISHTQKATLVCLATGFYPDHVELSW
WVNGKEVHSGVCTDPQPLKEQPALNDSRYALSSRLRVSATFWQNPRNHFRCQVQFYGLSENDEWTQDRAKPVTQIVSAEA
WGRAD
;
G,A
2 'polypeptide(L)'
;MAQSVAQPEDQVNVAEGNPLTVKCTYSVSGNPYLFWYVQYPNRGLQFLLKYITGDNLVKGSYGFEAEFNKSQTSFHLKKP
SALVSDSALYFCAVRDYNNARLMFGDGTQLVVKPNIQNPDPAVYQLRDSKSSDKSVCLFTDFDSQTNVSQSKDSDVYITD
KCVLDMRSMDFKSNSAVAWSNKSDFACANAFNNSIIPEDTFFPSPESS
;
I,B
3 'polypeptide(L)'
;MGSHSMRYFYTSVSRPGRGEPRFISVGYVDDTQFVRFDSDAASPREEPRAPWIEQEGPEYWDRNTQIYKAQAQTDRESLR
NLRGYYNQSEAGSHTLQSMYGCDVGPDGRLLRGHDQYAYDGKDYIALNEDLRSWTAADTAAQITQRKWEAAREAEQRRAY
LEGECVEWLRRYLENGKDKLERADPPKTHVTHHPISDHEATLRCWALGFYPAEITLTWQRDGEDQTQDTELVETRPAGDR
TFQKWAAVVVPSGEEQRYTCHVQHEGLPKPLTLRWE
;
C,F
4 'polypeptide(L)'
;MIQRTPKIQVYSRHPAENGKSNFLNCYVSGFHPSDIEVDLLKNGERIEKVEHSDLSFSKDWSFYLLYYTEFTPTEKDEYA
CRVNHVTLSQPKIVKWDRDM
;
D,H
5 'polypeptide(L)' SPRWYFYYL E,J
#
# COMPACT_ATOMS: atom_id res chain seq x y z
N SER A 3 5.49 -9.53 10.27
CA SER A 3 6.20 -9.23 11.56
C SER A 3 5.79 -7.89 12.17
N GLY A 4 6.18 -6.75 11.54
CA GLY A 4 5.98 -5.39 12.03
C GLY A 4 7.28 -4.73 12.51
N VAL A 5 8.31 -5.56 12.78
CA VAL A 5 9.60 -5.09 13.23
C VAL A 5 10.44 -4.83 11.99
N THR A 6 10.97 -3.62 11.87
CA THR A 6 11.78 -3.21 10.73
C THR A 6 13.18 -2.81 11.22
N GLN A 7 14.18 -2.97 10.34
CA GLN A 7 15.54 -2.63 10.67
C GLN A 7 16.17 -1.99 9.45
N THR A 8 16.99 -0.94 9.64
CA THR A 8 17.76 -0.35 8.55
C THR A 8 19.17 -0.14 9.07
N PRO A 9 20.22 -0.41 8.29
CA PRO A 9 20.07 -1.01 6.97
C PRO A 9 20.02 -2.54 7.04
N LYS A 10 19.88 -3.18 5.87
CA LYS A 10 19.90 -4.64 5.74
C LYS A 10 21.35 -5.12 5.65
N HIS A 11 22.21 -4.30 5.03
CA HIS A 11 23.59 -4.68 4.75
C HIS A 11 24.51 -3.53 5.17
N LEU A 12 25.63 -3.87 5.78
CA LEU A 12 26.52 -2.83 6.26
C LEU A 12 27.93 -3.33 6.07
N ILE A 13 28.70 -2.57 5.25
CA ILE A 13 30.08 -2.91 4.94
C ILE A 13 30.98 -1.86 5.55
N THR A 14 31.92 -2.25 6.40
CA THR A 14 32.83 -1.28 6.97
C THR A 14 34.20 -1.93 7.17
N ALA A 15 35.16 -1.16 7.68
CA ALA A 15 36.52 -1.63 7.90
C ALA A 15 36.85 -1.55 9.39
N THR A 16 37.75 -2.41 9.86
CA THR A 16 38.12 -2.38 11.28
C THR A 16 38.44 -0.96 11.74
N GLY A 17 38.24 -0.69 13.02
CA GLY A 17 38.53 0.63 13.55
C GLY A 17 37.30 1.54 13.52
N GLN A 18 36.43 1.37 12.51
CA GLN A 18 35.29 2.24 12.28
C GLN A 18 34.24 2.01 13.37
N ARG A 19 33.11 2.73 13.28
CA ARG A 19 31.95 2.55 14.15
C ARG A 19 30.66 2.58 13.33
N VAL A 20 29.63 1.87 13.78
CA VAL A 20 28.40 1.77 13.02
C VAL A 20 27.22 1.90 13.99
N THR A 21 26.05 2.26 13.43
CA THR A 21 24.85 2.29 14.23
C THR A 21 23.74 1.55 13.50
N LEU A 22 23.07 0.62 14.18
CA LEU A 22 21.96 -0.13 13.62
C LEU A 22 20.65 0.43 14.16
N ARG A 23 19.66 0.63 13.29
CA ARG A 23 18.37 1.14 13.74
C ARG A 23 17.31 0.01 13.69
N CYS A 24 16.36 0.09 14.62
CA CYS A 24 15.25 -0.83 14.67
C CYS A 24 13.95 -0.11 15.04
N SER A 25 12.84 -0.47 14.39
CA SER A 25 11.49 -0.08 14.78
C SER A 25 10.71 -1.27 15.30
N PRO A 26 10.49 -1.39 16.64
CA PRO A 26 9.65 -2.47 17.18
C PRO A 26 8.24 -2.40 16.63
N ARG A 27 7.44 -3.44 16.82
CA ARG A 27 6.06 -3.41 16.33
C ARG A 27 5.27 -2.33 17.08
N SER A 28 4.20 -1.79 16.46
CA SER A 28 3.30 -0.89 17.16
C SER A 28 2.87 -1.43 18.51
N GLY A 29 2.97 -0.60 19.54
CA GLY A 29 2.44 -1.04 20.82
C GLY A 29 3.52 -1.62 21.73
N ASP A 30 4.55 -2.25 21.11
CA ASP A 30 5.55 -3.03 21.80
C ASP A 30 6.52 -2.11 22.56
N LEU A 31 6.76 -2.37 23.85
CA LEU A 31 7.61 -1.53 24.66
C LEU A 31 8.94 -2.23 25.01
N SER A 32 9.05 -3.53 24.73
CA SER A 32 10.24 -4.29 25.07
C SER A 32 11.02 -4.54 23.81
N VAL A 33 12.33 -4.22 23.81
CA VAL A 33 13.16 -4.35 22.63
C VAL A 33 14.37 -5.22 22.99
N TYR A 34 14.76 -6.12 22.10
CA TYR A 34 15.82 -7.07 22.39
C TYR A 34 16.80 -7.07 21.21
N TRP A 35 18.10 -7.16 21.53
CA TRP A 35 19.12 -7.19 20.51
C TRP A 35 19.87 -8.51 20.53
N TYR A 36 20.03 -9.16 19.38
CA TYR A 36 20.70 -10.44 19.32
C TYR A 36 21.72 -10.46 18.19
N GLN A 37 22.82 -11.20 18.38
CA GLN A 37 23.81 -11.40 17.33
C GLN A 37 23.81 -12.84 16.82
N GLN A 38 23.60 -13.03 15.51
CA GLN A 38 23.72 -14.35 14.91
C GLN A 38 25.09 -14.47 14.24
N SER A 39 26.09 -14.98 14.96
CA SER A 39 27.37 -15.26 14.32
C SER A 39 27.29 -16.67 13.74
N LEU A 40 27.99 -16.89 12.62
CA LEU A 40 27.99 -18.18 11.93
C LEU A 40 28.52 -19.27 12.85
N ASP A 41 29.48 -18.90 13.72
CA ASP A 41 30.21 -19.78 14.65
C ASP A 41 29.46 -20.11 15.96
N GLN A 42 28.46 -19.33 16.37
CA GLN A 42 27.97 -19.46 17.74
C GLN A 42 26.46 -19.25 17.92
N GLY A 43 25.67 -19.45 16.85
CA GLY A 43 24.21 -19.44 16.89
C GLY A 43 23.66 -18.07 17.30
N LEU A 44 22.41 -18.01 17.82
CA LEU A 44 21.83 -16.74 18.24
C LEU A 44 22.24 -16.33 19.64
N GLN A 45 23.02 -15.24 19.81
CA GLN A 45 23.42 -14.76 21.13
C GLN A 45 22.66 -13.50 21.55
N PHE A 46 22.29 -13.41 22.83
CA PHE A 46 21.53 -12.26 23.31
C PHE A 46 22.50 -11.17 23.72
N LEU A 47 22.19 -9.91 23.41
CA LEU A 47 23.07 -8.80 23.67
C LEU A 47 22.50 -7.90 24.77
N ILE A 48 21.30 -7.36 24.55
CA ILE A 48 20.79 -6.43 25.53
C ILE A 48 19.30 -6.23 25.34
N GLN A 49 18.64 -5.74 26.40
CA GLN A 49 17.21 -5.49 26.37
C GLN A 49 16.90 -4.09 26.89
N TYR A 50 15.94 -3.41 26.24
CA TYR A 50 15.36 -2.22 26.82
C TYR A 50 13.86 -2.46 26.97
N TYR A 51 13.34 -1.93 28.08
CA TYR A 51 11.93 -1.90 28.38
C TYR A 51 11.59 -0.43 28.58
N ASN A 52 10.67 0.07 27.75
CA ASN A 52 10.15 1.42 27.82
C ASN A 52 11.21 2.42 28.25
N GLY A 53 12.34 2.45 27.53
CA GLY A 53 13.35 3.47 27.68
C GLY A 53 14.48 3.09 28.63
N GLU A 54 14.32 2.06 29.48
CA GLU A 54 15.37 1.77 30.44
C GLU A 54 16.02 0.40 30.17
N GLU A 55 17.36 0.38 30.27
CA GLU A 55 18.15 -0.81 30.03
C GLU A 55 17.75 -1.81 31.08
N ARG A 56 17.34 -3.00 30.65
CA ARG A 56 16.95 -4.03 31.60
C ARG A 56 18.01 -5.13 31.61
N ALA A 57 17.86 -6.12 30.75
CA ALA A 57 18.71 -7.30 30.84
C ALA A 57 19.88 -7.19 29.86
N LYS A 58 21.00 -7.78 30.26
CA LYS A 58 22.22 -7.62 29.49
C LYS A 58 22.87 -8.99 29.34
N GLY A 59 23.32 -9.30 28.12
CA GLY A 59 24.04 -10.54 27.92
C GLY A 59 25.54 -10.29 28.00
N ASN A 60 26.31 -10.99 27.16
CA ASN A 60 27.74 -10.79 27.13
C ASN A 60 28.08 -9.76 26.07
N ILE A 61 27.54 -8.55 26.26
CA ILE A 61 27.74 -7.44 25.35
C ILE A 61 29.12 -6.87 25.69
N LEU A 62 29.90 -6.59 24.65
CA LEU A 62 31.25 -6.08 24.81
C LEU A 62 31.18 -4.63 25.26
N GLU A 63 32.30 -4.11 25.77
CA GLU A 63 32.35 -2.74 26.28
C GLU A 63 32.18 -1.76 25.12
N ARG A 64 32.69 -2.14 23.93
CA ARG A 64 32.69 -1.27 22.78
C ARG A 64 31.33 -1.39 22.07
N PHE A 65 30.33 -1.97 22.76
CA PHE A 65 28.96 -2.00 22.26
C PHE A 65 28.08 -1.14 23.15
N SER A 66 26.98 -0.61 22.60
CA SER A 66 25.91 -0.02 23.39
C SER A 66 24.61 0.02 22.59
N ALA A 67 23.52 0.41 23.26
CA ALA A 67 22.17 0.39 22.71
C ALA A 67 21.30 1.45 23.40
N GLN A 68 20.23 1.84 22.74
CA GLN A 68 19.46 2.96 23.21
C GLN A 68 18.03 2.69 22.74
N GLN A 69 17.06 3.13 23.55
CA GLN A 69 15.66 3.18 23.14
C GLN A 69 15.16 4.61 23.32
N PHE A 70 14.64 5.21 22.25
CA PHE A 70 14.27 6.62 22.27
C PHE A 70 12.82 6.77 22.69
N PRO A 71 12.33 8.01 22.98
CA PRO A 71 10.92 8.21 23.32
C PRO A 71 9.90 7.73 22.29
N ASP A 72 10.27 7.72 21.01
CA ASP A 72 9.37 7.18 20.00
C ASP A 72 9.47 5.66 19.98
N LEU A 73 10.27 5.09 20.87
CA LEU A 73 10.33 3.65 21.14
C LEU A 73 11.26 2.88 20.20
N HIS A 74 11.82 3.58 19.20
CA HIS A 74 12.79 2.96 18.30
C HIS A 74 14.11 2.73 19.05
N SER A 75 14.88 1.74 18.61
CA SER A 75 16.12 1.40 19.29
C SER A 75 17.30 1.54 18.35
N GLU A 76 18.48 1.77 18.93
CA GLU A 76 19.70 1.73 18.15
C GLU A 76 20.75 0.91 18.88
N LEU A 77 21.65 0.30 18.10
CA LEU A 77 22.75 -0.48 18.62
C LEU A 77 24.02 0.04 17.98
N ASN A 78 24.99 0.49 18.81
CA ASN A 78 26.19 1.14 18.29
C ASN A 78 27.38 0.24 18.55
N LEU A 79 28.13 -0.05 17.48
CA LEU A 79 29.28 -0.92 17.55
C LEU A 79 30.49 -0.10 17.18
N SER A 80 31.46 -0.02 18.09
CA SER A 80 32.63 0.81 17.83
C SER A 80 33.90 -0.05 17.91
N SER A 81 35.03 0.55 17.49
CA SER A 81 36.36 -0.05 17.45
C SER A 81 36.25 -1.43 16.81
N LEU A 82 35.51 -1.48 15.70
CA LEU A 82 35.13 -2.73 15.06
C LEU A 82 36.35 -3.62 14.78
N GLU A 83 36.11 -4.95 14.88
CA GLU A 83 37.07 -5.96 14.50
C GLU A 83 36.39 -6.97 13.62
N LEU A 84 37.20 -7.76 12.88
CA LEU A 84 36.73 -8.72 11.89
C LEU A 84 35.71 -9.67 12.53
N GLY A 85 35.94 -10.00 13.81
CA GLY A 85 35.11 -10.90 14.59
C GLY A 85 33.70 -10.35 14.83
N ASP A 86 33.50 -9.06 14.57
CA ASP A 86 32.19 -8.47 14.78
C ASP A 86 31.27 -8.83 13.63
N SER A 87 31.82 -9.36 12.54
CA SER A 87 30.99 -9.60 11.35
C SER A 87 29.92 -10.59 11.68
N ALA A 88 28.64 -10.22 11.55
CA ALA A 88 27.57 -11.14 11.92
C ALA A 88 26.23 -10.57 11.45
N LEU A 89 25.17 -11.30 11.78
CA LEU A 89 23.82 -10.81 11.53
C LEU A 89 23.26 -10.27 12.86
N TYR A 90 22.71 -9.04 12.86
CA TYR A 90 22.27 -8.38 14.08
C TYR A 90 20.76 -8.23 14.07
N PHE A 91 20.15 -8.87 15.06
CA PHE A 91 18.70 -8.95 15.10
C PHE A 91 18.19 -8.02 16.18
N CYS A 92 17.14 -7.31 15.80
CA CYS A 92 16.28 -6.59 16.71
C CYS A 92 14.98 -7.38 16.86
N ALA A 93 14.43 -7.46 18.10
CA ALA A 93 13.14 -8.11 18.36
C ALA A 93 12.32 -7.34 19.40
N SER A 94 10.99 -7.55 19.39
CA SER A 94 10.14 -6.80 20.29
C SER A 94 9.00 -7.66 20.79
N SER A 95 8.54 -7.39 22.04
CA SER A 95 7.29 -7.90 22.56
C SER A 95 6.61 -6.78 23.35
N VAL A 96 5.40 -7.03 23.90
CA VAL A 96 4.59 -6.04 24.59
C VAL A 96 5.17 -5.79 25.98
N SER A 97 5.41 -6.88 26.69
CA SER A 97 6.04 -6.86 27.99
C SER A 97 7.21 -7.84 28.02
N GLY A 98 7.90 -7.95 29.15
CA GLY A 98 9.07 -8.81 29.21
C GLY A 98 8.80 -10.15 29.90
N GLY A 99 7.51 -10.56 29.96
CA GLY A 99 7.09 -11.78 30.62
C GLY A 99 7.48 -13.04 29.84
N ALA A 100 7.96 -14.10 30.50
CA ALA A 100 8.59 -15.20 29.77
C ALA A 100 7.67 -15.87 28.76
N TYR A 101 6.34 -15.82 28.97
CA TYR A 101 5.45 -16.57 28.08
C TYR A 101 5.35 -15.85 26.73
N ASN A 102 5.84 -14.60 26.70
CA ASN A 102 5.70 -13.71 25.56
C ASN A 102 6.71 -14.10 24.48
N GLU A 103 6.20 -14.38 23.27
CA GLU A 103 7.11 -14.60 22.14
C GLU A 103 7.67 -13.26 21.67
N GLN A 104 8.93 -13.27 21.20
CA GLN A 104 9.54 -12.08 20.64
C GLN A 104 9.43 -12.13 19.11
N PHE A 105 8.96 -11.04 18.50
CA PHE A 105 8.91 -10.87 17.06
C PHE A 105 10.20 -10.18 16.54
N PHE A 106 10.86 -10.83 15.57
CA PHE A 106 12.15 -10.39 15.07
C PHE A 106 11.97 -9.61 13.78
N GLY A 107 12.82 -8.60 13.60
CA GLY A 107 12.93 -7.96 12.31
C GLY A 107 13.89 -8.75 11.41
N PRO A 108 14.21 -8.18 10.22
CA PRO A 108 14.94 -8.90 9.18
C PRO A 108 16.45 -9.02 9.38
N GLY A 109 16.98 -8.41 10.44
CA GLY A 109 18.42 -8.48 10.68
C GLY A 109 19.16 -7.39 9.88
N THR A 110 20.29 -6.91 10.42
CA THR A 110 21.28 -6.20 9.63
C THR A 110 22.48 -7.12 9.49
N ARG A 111 22.87 -7.45 8.25
CA ARG A 111 24.07 -8.21 7.97
C ARG A 111 25.27 -7.25 7.95
N LEU A 112 26.19 -7.42 8.92
CA LEU A 112 27.34 -6.54 9.05
C LEU A 112 28.62 -7.28 8.66
N THR A 113 29.46 -6.66 7.82
CA THR A 113 30.71 -7.28 7.38
C THR A 113 31.86 -6.33 7.66
N VAL A 114 32.80 -6.74 8.51
CA VAL A 114 33.93 -5.88 8.84
C VAL A 114 35.16 -6.35 8.06
N LEU A 115 35.64 -5.52 7.13
CA LEU A 115 36.78 -5.85 6.30
C LEU A 115 38.03 -5.21 6.88
N GLU A 116 39.15 -5.70 6.35
CA GLU A 116 40.47 -5.20 6.73
C GLU A 116 40.68 -3.75 6.32
N ASP A 117 40.56 -3.47 5.01
CA ASP A 117 40.40 -2.12 4.48
C ASP A 117 39.53 -2.22 3.23
N LEU A 118 39.00 -1.08 2.77
CA LEU A 118 37.97 -1.10 1.75
C LEU A 118 38.54 -1.22 0.34
N LYS A 119 39.87 -1.27 0.24
CA LYS A 119 40.59 -1.45 -1.01
C LYS A 119 40.05 -2.64 -1.81
N ASN A 120 39.71 -3.73 -1.12
CA ASN A 120 39.36 -4.97 -1.81
C ASN A 120 37.91 -5.01 -2.33
N VAL A 121 37.13 -3.94 -2.13
CA VAL A 121 35.72 -3.98 -2.47
C VAL A 121 35.52 -3.85 -3.97
N PHE A 122 34.78 -4.77 -4.59
CA PHE A 122 34.51 -4.71 -6.03
C PHE A 122 33.05 -5.02 -6.32
N PRO A 123 32.42 -4.24 -7.21
CA PRO A 123 31.03 -4.49 -7.60
C PRO A 123 31.01 -5.68 -8.53
N PRO A 124 29.84 -6.27 -8.82
CA PRO A 124 29.75 -7.40 -9.72
C PRO A 124 29.62 -6.94 -11.18
N GLU A 125 30.05 -7.84 -12.07
CA GLU A 125 29.73 -7.78 -13.47
C GLU A 125 28.63 -8.81 -13.71
N VAL A 126 27.62 -8.44 -14.51
CA VAL A 126 26.40 -9.23 -14.57
C VAL A 126 26.09 -9.57 -16.02
N ALA A 127 26.04 -10.87 -16.33
CA ALA A 127 25.78 -11.34 -17.69
C ALA A 127 24.48 -12.16 -17.76
N VAL A 128 23.67 -11.95 -18.78
CA VAL A 128 22.59 -12.91 -19.00
C VAL A 128 22.99 -13.92 -20.09
N PHE A 129 22.56 -15.19 -19.94
CA PHE A 129 22.78 -16.24 -20.91
C PHE A 129 21.43 -16.66 -21.46
N GLU A 130 21.35 -16.85 -22.79
CA GLU A 130 20.13 -17.15 -23.51
C GLU A 130 19.88 -18.66 -23.56
N PRO A 131 18.58 -19.06 -23.55
CA PRO A 131 18.22 -20.49 -23.58
C PRO A 131 18.93 -21.28 -24.68
N SER A 132 19.22 -22.56 -24.42
CA SER A 132 19.70 -23.51 -25.41
C SER A 132 18.53 -23.94 -26.29
N GLU A 133 18.74 -23.88 -27.62
CA GLU A 133 17.75 -24.33 -28.58
C GLU A 133 17.38 -25.78 -28.31
N ALA A 134 18.40 -26.55 -27.88
CA ALA A 134 18.23 -27.90 -27.39
C ALA A 134 17.02 -27.95 -26.45
N GLU A 135 17.12 -27.23 -25.33
CA GLU A 135 16.07 -27.25 -24.31
C GLU A 135 14.72 -26.91 -24.93
N ILE A 136 14.71 -25.91 -25.84
CA ILE A 136 13.47 -25.34 -26.34
C ILE A 136 12.68 -26.39 -27.10
N SER A 137 13.39 -27.15 -27.94
CA SER A 137 12.76 -28.21 -28.72
C SER A 137 12.55 -29.49 -27.91
N HIS A 138 13.38 -29.73 -26.88
CA HIS A 138 13.33 -30.94 -26.06
C HIS A 138 12.18 -30.93 -25.04
N THR A 139 11.93 -29.77 -24.39
CA THR A 139 11.09 -29.72 -23.20
C THR A 139 10.00 -28.66 -23.38
N GLN A 140 10.07 -27.86 -24.44
CA GLN A 140 9.06 -26.83 -24.57
C GLN A 140 9.18 -25.77 -23.47
N LYS A 141 10.34 -25.69 -22.81
CA LYS A 141 10.58 -24.77 -21.71
C LYS A 141 11.90 -24.03 -21.92
N ALA A 142 11.96 -22.74 -21.54
CA ALA A 142 13.17 -21.95 -21.74
C ALA A 142 13.78 -21.58 -20.40
N THR A 143 15.09 -21.82 -20.23
CA THR A 143 15.82 -21.42 -19.03
C THR A 143 16.88 -20.40 -19.42
N LEU A 144 16.75 -19.16 -18.88
CA LEU A 144 17.76 -18.11 -18.93
C LEU A 144 18.60 -18.22 -17.66
N VAL A 145 19.84 -17.75 -17.71
CA VAL A 145 20.71 -17.81 -16.56
C VAL A 145 21.32 -16.44 -16.35
N CYS A 146 21.40 -15.97 -15.10
CA CYS A 146 22.18 -14.78 -14.80
C CYS A 146 23.45 -15.15 -14.08
N LEU A 147 24.49 -14.35 -14.27
CA LEU A 147 25.77 -14.64 -13.66
C LEU A 147 26.42 -13.36 -13.19
N ALA A 148 26.51 -13.19 -11.86
CA ALA A 148 27.16 -12.03 -11.30
C ALA A 148 28.50 -12.50 -10.77
N THR A 149 29.58 -11.80 -11.17
CA THR A 149 30.92 -12.30 -10.96
C THR A 149 31.89 -11.23 -10.49
N GLY A 150 32.91 -11.72 -9.77
CA GLY A 150 34.09 -10.99 -9.35
C GLY A 150 33.79 -9.91 -8.33
N PHE A 151 32.78 -10.11 -7.46
CA PHE A 151 32.38 -9.09 -6.50
C PHE A 151 32.87 -9.47 -5.11
N TYR A 152 32.91 -8.50 -4.21
CA TYR A 152 33.46 -8.67 -2.88
C TYR A 152 33.07 -7.47 -2.01
N PRO A 153 32.52 -7.69 -0.78
CA PRO A 153 32.14 -9.01 -0.28
C PRO A 153 30.81 -9.49 -0.87
N ASP A 154 30.18 -10.47 -0.20
CA ASP A 154 29.14 -11.25 -0.86
C ASP A 154 27.72 -10.82 -0.51
N HIS A 155 27.53 -9.54 -0.21
CA HIS A 155 26.19 -9.01 -0.11
C HIS A 155 25.75 -8.59 -1.51
N VAL A 156 24.93 -9.41 -2.16
CA VAL A 156 24.23 -9.02 -3.39
C VAL A 156 22.79 -9.48 -3.27
N GLU A 157 21.88 -8.85 -4.01
CA GLU A 157 20.49 -9.24 -4.08
C GLU A 157 20.07 -9.19 -5.53
N LEU A 158 19.51 -10.29 -6.05
CA LEU A 158 19.29 -10.47 -7.48
C LEU A 158 17.80 -10.61 -7.77
N SER A 159 17.32 -10.09 -8.90
CA SER A 159 15.89 -10.25 -9.19
C SER A 159 15.72 -10.27 -10.70
N TRP A 160 14.67 -10.96 -11.17
CA TRP A 160 14.36 -11.08 -12.59
C TRP A 160 13.19 -10.15 -12.88
N TRP A 161 13.36 -9.33 -13.92
CA TRP A 161 12.34 -8.38 -14.30
C TRP A 161 11.95 -8.65 -15.73
N VAL A 162 10.65 -8.93 -15.90
CA VAL A 162 10.10 -9.29 -17.19
C VAL A 162 9.10 -8.23 -17.59
N ASN A 163 9.47 -7.48 -18.65
CA ASN A 163 8.70 -6.35 -19.15
C ASN A 163 8.38 -5.41 -18.00
N GLY A 164 9.43 -5.08 -17.23
CA GLY A 164 9.40 -4.08 -16.18
C GLY A 164 8.70 -4.51 -14.89
N LYS A 165 8.30 -5.78 -14.74
CA LYS A 165 7.78 -6.26 -13.47
C LYS A 165 8.67 -7.39 -12.93
N GLU A 166 8.82 -7.46 -11.62
CA GLU A 166 9.71 -8.44 -11.00
C GLU A 166 8.93 -9.75 -10.89
N VAL A 167 9.53 -10.86 -11.32
CA VAL A 167 8.83 -12.14 -11.33
C VAL A 167 9.51 -13.07 -10.33
N HIS A 168 8.73 -14.03 -9.79
CA HIS A 168 9.22 -15.00 -8.81
C HIS A 168 9.04 -16.42 -9.33
N SER A 169 7.88 -16.70 -9.94
CA SER A 169 7.69 -18.02 -10.54
C SER A 169 8.75 -18.36 -11.59
N GLY A 170 9.39 -19.51 -11.41
CA GLY A 170 10.36 -20.00 -12.37
C GLY A 170 11.75 -19.47 -12.05
N VAL A 171 11.88 -18.87 -10.86
CA VAL A 171 13.18 -18.37 -10.43
C VAL A 171 13.79 -19.31 -9.40
N CYS A 172 15.10 -19.48 -9.48
CA CYS A 172 15.83 -19.99 -8.33
C CYS A 172 17.18 -19.29 -8.37
N THR A 173 17.61 -18.76 -7.22
CA THR A 173 18.96 -18.18 -7.14
C THR A 173 19.82 -19.07 -6.26
N ASP A 174 21.12 -19.10 -6.49
CA ASP A 174 22.04 -19.76 -5.58
C ASP A 174 21.80 -19.33 -4.15
N PRO A 175 21.78 -20.25 -3.18
CA PRO A 175 21.50 -19.90 -1.78
C PRO A 175 22.55 -18.91 -1.28
N GLN A 176 23.82 -19.12 -1.69
CA GLN A 176 24.97 -18.37 -1.21
C GLN A 176 25.97 -18.23 -2.36
N PRO A 177 26.77 -17.14 -2.42
CA PRO A 177 27.86 -17.02 -3.42
C PRO A 177 29.06 -17.95 -3.23
N LEU A 178 29.60 -18.48 -4.34
CA LEU A 178 30.79 -19.35 -4.34
C LEU A 178 32.06 -18.53 -4.61
N LYS A 179 33.21 -19.05 -4.18
CA LYS A 179 34.50 -18.36 -4.24
C LYS A 179 35.20 -18.56 -5.59
N GLU A 180 35.66 -17.45 -6.19
CA GLU A 180 36.29 -17.49 -7.49
C GLU A 180 37.74 -17.98 -7.38
N GLN A 181 38.29 -18.00 -6.17
CA GLN A 181 39.66 -18.48 -5.95
C GLN A 181 39.72 -19.21 -4.61
N PRO A 182 39.15 -20.44 -4.49
CA PRO A 182 38.73 -20.99 -3.19
C PRO A 182 39.71 -21.07 -2.03
N ALA A 183 41.01 -21.00 -2.34
CA ALA A 183 42.03 -21.16 -1.31
C ALA A 183 42.80 -19.87 -1.07
N LEU A 184 42.29 -18.72 -1.55
CA LEU A 184 42.79 -17.42 -1.13
C LEU A 184 41.75 -16.76 -0.21
N ASN A 185 42.19 -16.39 0.99
CA ASN A 185 41.32 -16.05 2.10
C ASN A 185 40.56 -14.76 1.79
N ASP A 186 41.04 -13.99 0.78
CA ASP A 186 40.45 -12.71 0.42
C ASP A 186 39.97 -12.72 -1.04
N SER A 187 39.41 -13.87 -1.45
CA SER A 187 38.94 -14.13 -2.79
C SER A 187 37.71 -13.30 -3.14
N ARG A 188 37.49 -13.03 -4.44
CA ARG A 188 36.23 -12.52 -4.95
C ARG A 188 35.22 -13.65 -5.07
N TYR A 189 34.01 -13.36 -5.55
CA TYR A 189 32.90 -14.29 -5.38
C TYR A 189 32.02 -14.23 -6.61
N ALA A 190 31.14 -15.24 -6.76
CA ALA A 190 30.19 -15.25 -7.86
C ALA A 190 28.95 -16.00 -7.45
N LEU A 191 27.81 -15.56 -8.00
CA LEU A 191 26.52 -16.13 -7.69
C LEU A 191 25.70 -16.17 -8.97
N SER A 192 24.81 -17.16 -9.07
CA SER A 192 24.11 -17.44 -10.31
C SER A 192 22.62 -17.56 -10.04
N SER A 193 21.82 -17.36 -11.08
CA SER A 193 20.40 -17.49 -10.92
C SER A 193 19.81 -18.04 -12.22
N ARG A 194 18.58 -18.54 -12.17
CA ARG A 194 17.91 -19.13 -13.31
C ARG A 194 16.46 -18.69 -13.37
N LEU A 195 15.99 -18.34 -14.57
CA LEU A 195 14.58 -18.07 -14.81
C LEU A 195 14.06 -19.03 -15.88
N ARG A 196 12.95 -19.72 -15.59
CA ARG A 196 12.37 -20.64 -16.55
C ARG A 196 10.99 -20.13 -16.95
N VAL A 197 10.73 -20.10 -18.26
CA VAL A 197 9.45 -19.71 -18.81
C VAL A 197 9.05 -20.66 -19.93
N SER A 198 7.79 -20.58 -20.36
CA SER A 198 7.31 -21.39 -21.48
C SER A 198 8.06 -20.99 -22.75
N ALA A 199 8.23 -21.96 -23.67
CA ALA A 199 9.00 -21.70 -24.88
C ALA A 199 8.25 -20.73 -25.79
N THR A 200 6.92 -20.74 -25.75
CA THR A 200 6.13 -19.79 -26.52
C THR A 200 6.47 -18.35 -26.11
N PHE A 201 6.68 -18.16 -24.80
CA PHE A 201 6.97 -16.87 -24.18
C PHE A 201 8.32 -16.32 -24.63
N TRP A 202 9.37 -17.16 -24.57
CA TRP A 202 10.70 -16.74 -24.95
C TRP A 202 10.81 -16.47 -26.45
N GLN A 203 9.86 -16.98 -27.24
CA GLN A 203 9.92 -16.79 -28.69
C GLN A 203 9.48 -15.38 -29.10
N ASN A 204 8.34 -14.95 -28.53
CA ASN A 204 7.85 -13.59 -28.66
C ASN A 204 9.02 -12.62 -28.46
N PRO A 205 9.45 -11.84 -29.48
CA PRO A 205 10.64 -10.99 -29.35
C PRO A 205 10.30 -9.63 -28.75
N ARG A 206 9.04 -9.49 -28.34
CA ARG A 206 8.48 -8.29 -27.74
C ARG A 206 8.51 -8.44 -26.22
N ASN A 207 8.97 -9.60 -25.74
CA ASN A 207 9.16 -9.85 -24.32
C ASN A 207 10.61 -9.46 -23.97
N HIS A 208 10.77 -8.70 -22.86
CA HIS A 208 12.04 -8.21 -22.35
C HIS A 208 12.40 -8.94 -21.04
N PHE A 209 13.66 -9.40 -20.95
CA PHE A 209 14.20 -10.11 -19.79
C PHE A 209 15.39 -9.35 -19.21
N ARG A 210 15.24 -8.93 -17.94
CA ARG A 210 16.30 -8.20 -17.26
C ARG A 210 16.60 -8.85 -15.92
N CYS A 211 17.89 -9.11 -15.72
CA CYS A 211 18.44 -9.67 -14.50
C CYS A 211 19.16 -8.55 -13.75
N GLN A 212 18.71 -8.23 -12.54
CA GLN A 212 19.21 -7.06 -11.82
C GLN A 212 19.91 -7.47 -10.54
N VAL A 213 21.18 -7.08 -10.42
CA VAL A 213 21.94 -7.37 -9.21
C VAL A 213 22.20 -6.09 -8.41
N GLN A 214 21.58 -5.95 -7.23
CA GLN A 214 21.95 -4.83 -6.39
C GLN A 214 23.13 -5.21 -5.52
N PHE A 215 24.22 -4.45 -5.57
CA PHE A 215 25.39 -4.76 -4.76
C PHE A 215 25.43 -3.81 -3.57
N TYR A 216 26.07 -4.21 -2.47
CA TYR A 216 26.18 -3.41 -1.24
C TYR A 216 27.65 -3.13 -0.94
N GLY A 217 27.99 -1.85 -1.05
CA GLY A 217 29.38 -1.43 -1.12
C GLY A 217 29.61 -0.28 -0.14
N LEU A 218 30.24 0.79 -0.63
CA LEU A 218 30.46 1.95 0.21
C LEU A 218 29.23 2.87 0.18
N SER A 219 29.14 3.73 1.20
CA SER A 219 28.40 4.98 1.14
C SER A 219 29.35 6.11 0.72
N GLU A 220 28.79 7.31 0.50
CA GLU A 220 29.59 8.47 0.10
C GLU A 220 30.48 8.98 1.25
N ASN A 221 30.09 8.76 2.51
CA ASN A 221 30.91 9.27 3.60
C ASN A 221 32.19 8.45 3.73
N ASP A 222 32.40 7.40 2.91
CA ASP A 222 33.61 6.59 3.02
C ASP A 222 34.72 7.25 2.20
N GLU A 223 35.98 7.30 2.72
CA GLU A 223 37.15 7.79 1.99
C GLU A 223 37.41 6.88 0.78
N TRP A 224 37.99 7.42 -0.29
CA TRP A 224 38.38 6.58 -1.43
C TRP A 224 39.50 7.26 -2.20
N THR A 225 40.73 6.87 -1.86
CA THR A 225 41.89 7.49 -2.47
C THR A 225 42.49 6.50 -3.46
N GLN A 226 41.74 5.45 -3.80
CA GLN A 226 42.24 4.47 -4.78
C GLN A 226 42.04 4.96 -6.22
N ASP A 227 42.74 4.28 -7.13
CA ASP A 227 42.77 4.55 -8.56
C ASP A 227 41.35 4.49 -9.17
N ARG A 228 40.77 3.28 -9.18
CA ARG A 228 39.48 2.99 -9.82
C ARG A 228 38.34 3.81 -9.20
N ALA A 229 37.14 3.68 -9.77
CA ALA A 229 35.95 4.35 -9.27
C ALA A 229 35.55 3.80 -7.90
N LYS A 230 34.82 4.60 -7.12
CA LYS A 230 34.43 4.21 -5.76
C LYS A 230 33.34 3.13 -5.82
N PRO A 231 33.58 1.91 -5.28
CA PRO A 231 32.55 0.85 -5.29
C PRO A 231 31.38 1.06 -4.31
N VAL A 232 30.56 2.07 -4.60
CA VAL A 232 29.43 2.35 -3.72
C VAL A 232 28.37 1.29 -3.95
N THR A 233 27.39 1.22 -3.03
CA THR A 233 26.18 0.47 -3.30
C THR A 233 25.61 0.93 -4.63
N GLN A 234 25.14 -0.01 -5.47
CA GLN A 234 24.75 0.30 -6.84
C GLN A 234 23.93 -0.87 -7.41
N ILE A 235 23.35 -0.71 -8.60
CA ILE A 235 22.70 -1.82 -9.30
C ILE A 235 23.40 -2.04 -10.64
N VAL A 236 23.87 -3.25 -10.90
CA VAL A 236 24.41 -3.67 -12.19
C VAL A 236 23.37 -4.59 -12.79
N SER A 237 23.11 -4.48 -14.09
CA SER A 237 22.05 -5.28 -14.69
C SER A 237 22.48 -5.88 -16.03
N ALA A 238 21.59 -6.66 -16.64
CA ALA A 238 21.83 -7.25 -17.94
C ALA A 238 20.48 -7.61 -18.52
N GLU A 239 20.38 -7.64 -19.85
CA GLU A 239 19.10 -7.84 -20.50
C GLU A 239 19.26 -8.70 -21.75
N ALA A 240 18.14 -9.33 -22.14
CA ALA A 240 17.97 -9.98 -23.43
C ALA A 240 16.50 -9.93 -23.86
N TRP A 241 16.27 -10.04 -25.18
CA TRP A 241 14.94 -10.02 -25.76
C TRP A 241 14.65 -11.41 -26.32
N GLY A 242 13.36 -11.77 -26.37
CA GLY A 242 12.91 -13.04 -26.97
C GLY A 242 13.37 -13.23 -28.41
N ARG A 243 13.82 -14.46 -28.76
CA ARG A 243 14.39 -14.74 -30.08
C ARG A 243 13.58 -15.83 -30.78
N ALA A 244 12.79 -15.43 -31.79
CA ALA A 244 12.06 -16.32 -32.67
C ALA A 244 12.86 -16.57 -33.95
N SER B 4 19.18 -24.19 29.23
CA SER B 4 19.81 -24.96 28.11
C SER B 4 18.77 -25.67 27.24
N VAL B 5 19.01 -25.67 25.92
CA VAL B 5 18.18 -26.33 24.94
C VAL B 5 19.12 -27.11 24.01
N ALA B 6 18.60 -28.13 23.34
CA ALA B 6 19.43 -28.91 22.43
C ALA B 6 18.64 -29.28 21.17
N GLN B 7 19.31 -29.12 20.04
CA GLN B 7 18.79 -29.63 18.79
C GLN B 7 19.78 -30.68 18.33
N PRO B 8 19.48 -31.98 18.53
CA PRO B 8 20.46 -33.03 18.25
C PRO B 8 20.72 -33.37 16.77
N GLU B 9 20.13 -32.63 15.83
CA GLU B 9 20.35 -32.90 14.41
C GLU B 9 20.75 -31.61 13.71
N ASP B 10 21.71 -31.66 12.78
CA ASP B 10 22.15 -30.47 12.09
C ASP B 10 21.39 -30.30 10.78
N GLN B 11 21.10 -31.43 10.15
CA GLN B 11 20.33 -31.46 8.93
C GLN B 11 19.32 -32.59 9.07
N VAL B 12 18.11 -32.35 8.59
CA VAL B 12 17.09 -33.37 8.41
C VAL B 12 16.72 -33.32 6.93
N ASN B 13 16.82 -34.47 6.25
CA ASN B 13 16.48 -34.52 4.83
C ASN B 13 15.14 -35.21 4.68
N VAL B 14 14.24 -34.67 3.90
CA VAL B 14 12.92 -35.29 3.75
C VAL B 14 12.48 -35.13 2.30
N ALA B 15 11.42 -35.82 1.93
CA ALA B 15 11.01 -35.66 0.55
C ALA B 15 9.61 -35.04 0.58
N GLU B 16 9.34 -34.23 -0.44
CA GLU B 16 8.06 -33.58 -0.58
C GLU B 16 6.98 -34.59 -0.26
N GLY B 17 5.95 -34.19 0.49
CA GLY B 17 4.86 -35.11 0.76
C GLY B 17 4.95 -35.87 2.08
N ASN B 18 6.11 -36.37 2.51
CA ASN B 18 6.18 -37.18 3.72
C ASN B 18 6.19 -36.34 4.99
N PRO B 19 6.01 -36.94 6.18
CA PRO B 19 6.09 -36.22 7.46
C PRO B 19 7.50 -35.78 7.82
N LEU B 20 7.64 -34.70 8.59
CA LEU B 20 8.94 -34.21 9.02
C LEU B 20 8.96 -33.97 10.51
N THR B 21 10.16 -34.11 11.09
CA THR B 21 10.31 -33.93 12.51
C THR B 21 11.67 -33.33 12.80
N VAL B 22 11.66 -32.19 13.49
CA VAL B 22 12.86 -31.56 13.98
C VAL B 22 12.83 -31.66 15.49
N LYS B 23 13.90 -32.20 16.07
CA LYS B 23 13.84 -32.56 17.48
C LYS B 23 14.45 -31.43 18.29
N CYS B 24 13.89 -31.26 19.50
CA CYS B 24 14.37 -30.28 20.47
C CYS B 24 14.17 -30.88 21.85
N THR B 25 15.24 -30.92 22.65
CA THR B 25 15.14 -31.33 24.05
C THR B 25 15.55 -30.13 24.91
N TYR B 26 14.98 -30.01 26.11
CA TYR B 26 15.24 -28.85 26.94
C TYR B 26 15.70 -29.32 28.32
N SER B 27 16.56 -28.53 28.96
CA SER B 27 17.01 -28.86 30.30
C SER B 27 16.70 -27.68 31.23
N VAL B 28 15.44 -27.60 31.66
CA VAL B 28 14.96 -26.44 32.39
C VAL B 28 14.35 -26.89 33.72
N SER B 29 14.68 -26.14 34.77
CA SER B 29 14.11 -26.32 36.08
C SER B 29 12.64 -25.86 36.09
N GLY B 30 11.72 -26.86 36.20
CA GLY B 30 10.29 -26.67 36.34
C GLY B 30 9.57 -26.51 35.00
N ASN B 31 8.27 -26.16 35.05
CA ASN B 31 7.45 -25.89 33.87
C ASN B 31 8.06 -24.80 32.98
N PRO B 32 8.28 -25.10 31.68
CA PRO B 32 8.96 -24.18 30.77
C PRO B 32 8.05 -23.49 29.75
N TYR B 33 8.60 -22.49 29.05
CA TYR B 33 7.94 -21.86 27.93
C TYR B 33 8.80 -22.16 26.72
N LEU B 34 8.18 -22.79 25.72
CA LEU B 34 8.91 -23.27 24.55
C LEU B 34 8.45 -22.63 23.24
N PHE B 35 9.39 -22.40 22.31
CA PHE B 35 9.09 -21.68 21.08
C PHE B 35 9.79 -22.28 19.88
N TRP B 36 9.13 -22.27 18.70
CA TRP B 36 9.83 -22.61 17.46
C TRP B 36 9.86 -21.41 16.51
N TYR B 37 11.05 -21.13 15.94
CA TYR B 37 11.18 -20.14 14.88
C TYR B 37 11.79 -20.78 13.64
N VAL B 38 11.49 -20.21 12.46
CA VAL B 38 12.15 -20.60 11.19
C VAL B 38 12.90 -19.42 10.55
N GLN B 39 14.12 -19.67 10.04
CA GLN B 39 14.92 -18.69 9.30
C GLN B 39 14.99 -19.11 7.84
N TYR B 40 14.06 -18.56 7.06
CA TYR B 40 14.14 -18.81 5.63
C TYR B 40 15.43 -18.16 5.13
N PRO B 41 16.01 -18.61 3.98
CA PRO B 41 17.31 -18.09 3.55
C PRO B 41 17.21 -16.61 3.21
N ASN B 42 18.15 -15.81 3.73
CA ASN B 42 18.21 -14.36 3.53
C ASN B 42 16.95 -13.63 4.00
N ARG B 43 16.31 -14.14 5.05
CA ARG B 43 15.32 -13.40 5.83
C ARG B 43 15.70 -13.52 7.32
N GLY B 44 14.82 -12.99 8.18
CA GLY B 44 15.02 -13.06 9.61
C GLY B 44 14.37 -14.31 10.21
N LEU B 45 14.23 -14.32 11.54
CA LEU B 45 13.51 -15.39 12.21
C LEU B 45 12.02 -15.14 12.16
N GLN B 46 11.22 -16.20 11.99
CA GLN B 46 9.77 -16.11 11.97
C GLN B 46 9.21 -17.01 13.06
N PHE B 47 8.19 -16.51 13.76
CA PHE B 47 7.65 -17.26 14.85
C PHE B 47 6.66 -18.28 14.29
N LEU B 48 6.76 -19.55 14.73
CA LEU B 48 5.87 -20.61 14.27
C LEU B 48 4.76 -20.91 15.30
N LEU B 49 5.18 -21.23 16.53
CA LEU B 49 4.27 -21.61 17.60
C LEU B 49 5.06 -21.62 18.89
N LYS B 50 4.34 -21.80 20.01
CA LYS B 50 4.95 -21.96 21.33
C LYS B 50 4.14 -22.92 22.21
N TYR B 51 4.75 -23.42 23.28
CA TYR B 51 3.98 -24.10 24.31
C TYR B 51 4.10 -23.29 25.60
N ILE B 52 2.93 -22.90 26.14
CA ILE B 52 2.84 -22.11 27.36
C ILE B 52 2.21 -22.98 28.45
N THR B 53 1.05 -23.58 28.14
CA THR B 53 0.26 -24.45 29.02
C THR B 53 -0.90 -25.07 28.22
N GLY B 54 -1.50 -26.14 28.76
CA GLY B 54 -2.72 -26.68 28.16
C GLY B 54 -2.47 -27.87 27.24
N ASP B 55 -3.16 -27.93 26.08
CA ASP B 55 -2.96 -29.04 25.15
C ASP B 55 -1.47 -29.17 24.87
N ASN B 56 -0.95 -30.39 24.95
CA ASN B 56 0.44 -30.71 24.72
C ASN B 56 0.67 -30.90 23.20
N LEU B 57 -0.42 -30.88 22.43
CA LEU B 57 -0.29 -30.71 21.00
C LEU B 57 -0.72 -29.27 20.71
N VAL B 58 0.24 -28.46 20.21
CA VAL B 58 0.01 -27.08 19.79
C VAL B 58 0.13 -27.03 18.26
N LYS B 59 -0.74 -26.23 17.65
CA LYS B 59 -0.77 -26.05 16.21
C LYS B 59 -0.25 -24.64 15.91
N GLY B 60 0.53 -24.47 14.82
CA GLY B 60 1.13 -23.19 14.52
C GLY B 60 0.88 -22.75 13.07
N SER B 61 1.82 -21.95 12.57
CA SER B 61 1.70 -21.38 11.24
C SER B 61 2.24 -22.41 10.24
N TYR B 62 1.78 -22.30 8.98
CA TYR B 62 2.37 -23.02 7.85
C TYR B 62 2.09 -24.52 8.03
N GLY B 63 0.93 -24.83 8.61
CA GLY B 63 0.53 -26.21 8.88
C GLY B 63 1.52 -26.96 9.79
N PHE B 64 2.26 -26.26 10.67
CA PHE B 64 3.22 -26.92 11.56
C PHE B 64 2.54 -27.28 12.87
N GLU B 65 3.20 -28.09 13.69
CA GLU B 65 2.70 -28.37 15.03
C GLU B 65 3.81 -28.92 15.91
N ALA B 66 3.60 -28.99 17.21
CA ALA B 66 4.68 -29.41 18.07
C ALA B 66 4.09 -30.07 19.31
N GLU B 67 4.71 -31.20 19.69
CA GLU B 67 4.23 -31.96 20.82
C GLU B 67 5.15 -31.74 22.03
N PHE B 68 4.51 -31.37 23.14
CA PHE B 68 5.21 -31.17 24.39
C PHE B 68 5.13 -32.46 25.18
N ASN B 69 6.31 -32.95 25.59
CA ASN B 69 6.39 -34.18 26.34
C ASN B 69 7.21 -33.91 27.59
N LYS B 70 6.51 -33.71 28.72
CA LYS B 70 7.17 -33.41 29.99
C LYS B 70 8.05 -34.59 30.39
N SER B 71 7.57 -35.82 30.11
CA SER B 71 8.25 -37.01 30.60
C SER B 71 9.62 -37.15 29.96
N GLN B 72 9.69 -36.85 28.66
CA GLN B 72 10.92 -36.95 27.89
C GLN B 72 11.62 -35.60 27.75
N THR B 73 11.05 -34.52 28.34
CA THR B 73 11.53 -33.15 28.21
C THR B 73 11.81 -32.84 26.73
N SER B 74 10.81 -33.09 25.87
CA SER B 74 11.00 -32.92 24.44
C SER B 74 9.93 -31.97 23.89
N PHE B 75 10.23 -31.36 22.72
CA PHE B 75 9.35 -30.39 22.08
C PHE B 75 9.60 -30.49 20.58
N HIS B 76 9.10 -31.56 19.95
CA HIS B 76 9.49 -31.82 18.56
C HIS B 76 8.54 -31.09 17.63
N LEU B 77 9.11 -30.44 16.62
CA LEU B 77 8.35 -29.77 15.60
C LEU B 77 7.94 -30.82 14.59
N LYS B 78 6.71 -30.73 14.13
CA LYS B 78 6.19 -31.76 13.25
C LYS B 78 5.31 -31.09 12.22
N LYS B 79 5.31 -31.64 11.02
CA LYS B 79 4.38 -31.27 9.96
C LYS B 79 4.07 -32.56 9.22
N PRO B 80 2.77 -32.82 8.91
CA PRO B 80 2.39 -34.07 8.23
C PRO B 80 2.93 -34.21 6.79
N SER B 81 2.78 -33.15 5.99
CA SER B 81 3.12 -33.21 4.58
C SER B 81 4.06 -32.04 4.21
N ALA B 82 5.34 -32.37 3.96
CA ALA B 82 6.39 -31.41 3.67
C ALA B 82 6.25 -30.78 2.27
N LEU B 83 6.50 -29.46 2.20
CA LEU B 83 6.58 -28.68 0.99
C LEU B 83 8.03 -28.30 0.76
N VAL B 84 8.38 -27.99 -0.50
CA VAL B 84 9.76 -27.66 -0.83
C VAL B 84 10.13 -26.39 -0.07
N SER B 85 9.16 -25.46 -0.05
CA SER B 85 9.32 -24.16 0.54
C SER B 85 9.65 -24.23 2.03
N ASP B 86 9.56 -25.41 2.64
CA ASP B 86 9.78 -25.56 4.07
C ASP B 86 11.25 -25.68 4.37
N SER B 87 12.08 -25.50 3.36
CA SER B 87 13.50 -25.66 3.57
C SER B 87 13.99 -24.35 4.15
N ALA B 88 14.54 -24.45 5.36
CA ALA B 88 15.01 -23.29 6.11
C ALA B 88 15.76 -23.80 7.33
N LEU B 89 16.37 -22.87 8.06
CA LEU B 89 16.92 -23.19 9.37
C LEU B 89 15.79 -23.12 10.41
N TYR B 90 15.70 -24.17 11.25
CA TYR B 90 14.66 -24.21 12.26
C TYR B 90 15.28 -24.13 13.64
N PHE B 91 14.74 -23.23 14.48
CA PHE B 91 15.33 -22.97 15.80
C PHE B 91 14.26 -23.11 16.89
N CYS B 92 14.60 -23.89 17.93
CA CYS B 92 13.77 -23.95 19.13
C CYS B 92 14.44 -23.12 20.22
N ALA B 93 13.60 -22.65 21.13
CA ALA B 93 14.01 -21.75 22.18
C ALA B 93 13.21 -22.08 23.45
N VAL B 94 13.82 -21.85 24.61
CA VAL B 94 13.14 -22.03 25.88
C VAL B 94 13.23 -20.72 26.66
N ARG B 95 12.19 -20.41 27.43
CA ARG B 95 12.32 -19.37 28.44
C ARG B 95 11.96 -19.98 29.79
N ASP B 96 12.81 -19.73 30.81
CA ASP B 96 12.48 -19.99 32.19
C ASP B 96 11.85 -18.74 32.81
N TYR B 97 11.34 -18.90 34.04
CA TYR B 97 10.64 -17.87 34.79
C TYR B 97 11.41 -16.55 34.85
N ASN B 98 12.75 -16.58 34.87
CA ASN B 98 13.57 -15.38 35.06
C ASN B 98 14.42 -15.08 33.81
N ASN B 99 14.14 -15.69 32.65
CA ASN B 99 14.91 -15.45 31.44
C ASN B 99 14.33 -14.30 30.59
N ALA B 100 15.05 -13.18 30.51
CA ALA B 100 14.58 -12.12 29.62
C ALA B 100 14.81 -12.52 28.16
N ARG B 101 15.85 -13.35 27.95
CA ARG B 101 16.28 -13.70 26.63
C ARG B 101 15.61 -15.01 26.22
N LEU B 102 15.42 -15.22 24.91
CA LEU B 102 15.15 -16.54 24.36
C LEU B 102 16.48 -17.29 24.33
N MET B 103 16.53 -18.45 24.98
CA MET B 103 17.67 -19.36 24.83
C MET B 103 17.39 -20.26 23.64
N PHE B 104 18.21 -20.18 22.60
CA PHE B 104 17.99 -20.87 21.33
C PHE B 104 18.92 -22.08 21.22
N GLY B 105 18.52 -23.11 20.47
CA GLY B 105 19.46 -24.13 20.08
C GLY B 105 20.30 -23.74 18.86
N ASP B 106 21.18 -24.64 18.39
CA ASP B 106 22.16 -24.32 17.35
C ASP B 106 21.48 -24.30 15.99
N GLY B 107 20.22 -24.70 15.91
CA GLY B 107 19.54 -24.67 14.62
C GLY B 107 19.70 -26.00 13.90
N THR B 108 18.68 -26.36 13.11
CA THR B 108 18.71 -27.54 12.27
C THR B 108 18.21 -27.10 10.89
N GLN B 109 18.84 -27.64 9.83
CA GLN B 109 18.50 -27.31 8.45
C GLN B 109 17.47 -28.32 7.94
N LEU B 110 16.37 -27.85 7.36
CA LEU B 110 15.43 -28.75 6.72
C LEU B 110 15.67 -28.67 5.22
N VAL B 111 15.91 -29.82 4.58
CA VAL B 111 16.07 -29.89 3.13
C VAL B 111 14.96 -30.79 2.62
N VAL B 112 13.90 -30.20 2.10
CA VAL B 112 12.81 -30.97 1.51
C VAL B 112 13.13 -31.10 0.02
N LYS B 113 13.42 -32.32 -0.45
CA LYS B 113 13.74 -32.58 -1.85
C LYS B 113 12.45 -32.63 -2.67
N PRO B 114 12.40 -31.96 -3.83
CA PRO B 114 11.24 -32.05 -4.71
C PRO B 114 11.06 -33.46 -5.27
N ASN B 115 9.84 -33.83 -5.66
CA ASN B 115 9.60 -35.15 -6.25
C ASN B 115 9.44 -34.97 -7.74
N ILE B 116 10.42 -35.48 -8.50
CA ILE B 116 10.38 -35.26 -9.93
C ILE B 116 9.64 -36.41 -10.61
N GLN B 117 8.44 -36.11 -11.15
CA GLN B 117 7.58 -37.12 -11.75
C GLN B 117 8.24 -37.80 -12.94
N ASN B 118 8.71 -36.98 -13.88
CA ASN B 118 9.33 -37.47 -15.10
C ASN B 118 10.74 -36.89 -15.26
N PRO B 119 11.80 -37.46 -14.62
CA PRO B 119 13.16 -36.93 -14.78
C PRO B 119 13.55 -36.88 -16.26
N ASP B 120 14.22 -35.82 -16.66
CA ASP B 120 14.61 -35.61 -18.05
C ASP B 120 16.03 -35.05 -18.06
N PRO B 121 17.01 -35.74 -17.41
CA PRO B 121 18.35 -35.19 -17.19
C PRO B 121 18.92 -34.71 -18.51
N ALA B 122 19.55 -33.53 -18.48
CA ALA B 122 20.19 -32.89 -19.62
C ALA B 122 21.31 -31.96 -19.18
N VAL B 123 22.38 -31.85 -19.98
CA VAL B 123 23.37 -30.79 -19.83
C VAL B 123 23.28 -29.90 -21.07
N TYR B 124 22.82 -28.64 -20.91
CA TYR B 124 22.71 -27.71 -22.01
C TYR B 124 23.85 -26.68 -21.97
N GLN B 125 24.05 -26.00 -23.11
CA GLN B 125 25.03 -24.91 -23.21
C GLN B 125 24.29 -23.63 -23.61
N LEU B 126 24.52 -22.57 -22.79
CA LEU B 126 23.89 -21.29 -23.03
C LEU B 126 25.01 -20.28 -23.25
N ARG B 127 24.82 -19.43 -24.28
CA ARG B 127 25.81 -18.46 -24.74
C ARG B 127 25.30 -17.04 -24.49
N ASP B 128 26.22 -16.06 -24.35
CA ASP B 128 25.91 -14.75 -23.82
C ASP B 128 25.09 -13.93 -24.81
N SER B 129 24.06 -13.24 -24.29
CA SER B 129 23.20 -12.40 -25.10
C SER B 129 23.95 -11.14 -25.58
N LYS B 130 25.25 -11.08 -25.30
CA LYS B 130 26.14 -10.00 -25.72
C LYS B 130 27.32 -10.61 -26.47
N SER B 131 28.46 -10.81 -25.81
CA SER B 131 29.64 -11.40 -26.45
C SER B 131 29.46 -12.91 -26.58
N SER B 132 30.42 -13.61 -27.20
CA SER B 132 30.41 -15.07 -27.13
C SER B 132 31.74 -15.59 -26.59
N ASP B 133 31.87 -16.92 -26.57
CA ASP B 133 32.96 -17.60 -25.89
C ASP B 133 32.69 -17.55 -24.38
N LYS B 134 31.76 -16.66 -23.99
CA LYS B 134 31.15 -16.65 -22.68
C LYS B 134 29.96 -17.59 -22.75
N SER B 135 30.11 -18.72 -22.05
CA SER B 135 29.12 -19.79 -22.05
C SER B 135 29.07 -20.40 -20.65
N VAL B 136 27.85 -20.73 -20.21
CA VAL B 136 27.64 -21.53 -19.01
C VAL B 136 27.08 -22.89 -19.44
N CYS B 137 27.22 -23.87 -18.52
CA CYS B 137 26.61 -25.20 -18.66
C CYS B 137 25.54 -25.38 -17.60
N LEU B 138 24.31 -25.64 -18.07
CA LEU B 138 23.20 -25.90 -17.18
C LEU B 138 22.76 -27.38 -17.21
N PHE B 139 23.24 -28.18 -16.22
CA PHE B 139 22.65 -29.47 -15.91
C PHE B 139 21.26 -29.27 -15.31
N THR B 140 20.22 -29.72 -15.99
CA THR B 140 18.88 -29.50 -15.49
C THR B 140 18.03 -30.79 -15.57
N ASP B 141 16.82 -30.69 -14.99
CA ASP B 141 15.71 -31.64 -15.03
C ASP B 141 16.03 -33.02 -14.43
N PHE B 142 17.11 -33.14 -13.62
CA PHE B 142 17.44 -34.38 -12.93
C PHE B 142 16.53 -34.58 -11.71
N ASP B 143 16.57 -35.81 -11.16
CA ASP B 143 15.82 -36.20 -9.97
C ASP B 143 16.63 -35.83 -8.73
N SER B 144 15.93 -35.72 -7.60
CA SER B 144 16.44 -35.06 -6.41
C SER B 144 17.60 -35.82 -5.77
N GLN B 145 17.71 -37.10 -6.16
CA GLN B 145 18.65 -38.04 -5.53
C GLN B 145 20.04 -37.86 -6.10
N THR B 146 20.11 -37.27 -7.30
CA THR B 146 21.39 -37.00 -7.94
C THR B 146 22.18 -36.00 -7.11
N ASN B 147 23.45 -36.33 -6.83
CA ASN B 147 24.33 -35.42 -6.11
C ASN B 147 25.26 -34.78 -7.12
N VAL B 148 25.54 -33.51 -6.87
CA VAL B 148 26.39 -32.72 -7.72
C VAL B 148 27.52 -32.19 -6.84
N SER B 149 28.74 -32.69 -7.08
CA SER B 149 29.92 -32.30 -6.32
C SER B 149 30.64 -31.15 -7.03
N GLN B 150 31.47 -30.41 -6.27
CA GLN B 150 32.23 -29.28 -6.81
C GLN B 150 33.25 -29.80 -7.83
N SER B 151 33.87 -28.88 -8.61
CA SER B 151 34.86 -29.24 -9.61
C SER B 151 36.16 -29.65 -8.94
N LYS B 152 36.85 -30.62 -9.55
CA LYS B 152 38.19 -31.03 -9.13
C LYS B 152 39.21 -30.01 -9.65
N ASP B 153 38.80 -29.28 -10.70
CA ASP B 153 39.61 -28.25 -11.33
C ASP B 153 39.44 -26.94 -10.57
N SER B 154 40.59 -26.34 -10.25
CA SER B 154 40.69 -25.10 -9.50
C SER B 154 40.02 -23.94 -10.24
N ASP B 155 39.73 -24.13 -11.54
CA ASP B 155 39.23 -23.04 -12.38
C ASP B 155 37.83 -23.35 -12.90
N VAL B 156 37.20 -24.38 -12.31
CA VAL B 156 35.87 -24.75 -12.77
C VAL B 156 34.88 -24.49 -11.64
N TYR B 157 33.76 -23.86 -11.97
CA TYR B 157 32.84 -23.40 -10.95
C TYR B 157 31.53 -24.15 -11.10
N ILE B 158 31.06 -24.70 -9.98
CA ILE B 158 29.80 -25.41 -9.95
C ILE B 158 28.98 -24.90 -8.77
N THR B 159 27.75 -24.51 -9.08
CA THR B 159 26.80 -24.06 -8.08
C THR B 159 26.13 -25.26 -7.44
N ASP B 160 25.56 -25.06 -6.24
CA ASP B 160 24.82 -26.13 -5.62
C ASP B 160 23.55 -26.39 -6.42
N LYS B 161 22.95 -27.58 -6.22
CA LYS B 161 21.63 -27.89 -6.80
C LYS B 161 20.62 -26.86 -6.30
N CYS B 162 19.56 -26.62 -7.09
CA CYS B 162 18.65 -25.53 -6.82
C CYS B 162 17.29 -25.88 -7.45
N VAL B 163 16.20 -25.71 -6.70
CA VAL B 163 14.87 -26.05 -7.18
C VAL B 163 14.06 -24.81 -7.56
N LEU B 164 13.63 -24.72 -8.83
CA LEU B 164 12.68 -23.71 -9.29
C LEU B 164 11.31 -24.36 -9.49
N ASP B 165 10.27 -23.51 -9.43
CA ASP B 165 8.90 -23.98 -9.52
C ASP B 165 8.13 -23.03 -10.44
N MET B 166 7.67 -23.56 -11.59
CA MET B 166 6.86 -22.77 -12.49
C MET B 166 5.40 -22.86 -12.07
N ARG B 167 5.03 -22.13 -11.02
CA ARG B 167 3.74 -22.19 -10.34
C ARG B 167 2.56 -22.18 -11.31
N SER B 168 2.71 -21.45 -12.41
CA SER B 168 1.67 -21.36 -13.43
C SER B 168 1.41 -22.69 -14.13
N MET B 169 2.23 -23.73 -13.88
CA MET B 169 2.11 -25.02 -14.58
C MET B 169 2.27 -26.19 -13.60
N ASP B 170 2.40 -25.90 -12.30
CA ASP B 170 2.54 -26.91 -11.27
C ASP B 170 3.74 -27.83 -11.55
N PHE B 171 4.91 -27.28 -11.91
CA PHE B 171 6.05 -28.07 -12.38
C PHE B 171 7.33 -27.60 -11.70
N LYS B 172 8.10 -28.52 -11.11
CA LYS B 172 9.29 -28.13 -10.38
C LYS B 172 10.48 -28.81 -11.01
N SER B 173 11.68 -28.27 -10.80
CA SER B 173 12.86 -28.72 -11.53
C SER B 173 14.10 -28.49 -10.69
N ASN B 174 15.07 -29.40 -10.81
CA ASN B 174 16.36 -29.20 -10.18
C ASN B 174 17.31 -28.69 -11.26
N SER B 175 18.36 -27.94 -10.89
CA SER B 175 19.30 -27.37 -11.86
C SER B 175 20.59 -27.04 -11.15
N ALA B 176 21.71 -27.24 -11.83
CA ALA B 176 22.99 -26.75 -11.35
C ALA B 176 23.67 -26.04 -12.52
N VAL B 177 24.50 -25.05 -12.18
CA VAL B 177 25.18 -24.31 -13.23
C VAL B 177 26.69 -24.48 -13.03
N ALA B 178 27.43 -24.58 -14.14
CA ALA B 178 28.87 -24.62 -14.08
C ALA B 178 29.42 -23.80 -15.23
N TRP B 179 30.60 -23.20 -15.04
CA TRP B 179 31.31 -22.40 -16.04
C TRP B 179 32.80 -22.44 -15.70
N SER B 180 33.66 -21.91 -16.61
CA SER B 180 35.08 -21.84 -16.32
C SER B 180 35.66 -20.51 -16.80
N ASN B 181 36.83 -20.14 -16.24
CA ASN B 181 37.69 -19.05 -16.69
C ASN B 181 38.16 -19.29 -18.11
N LYS B 182 38.71 -20.50 -18.32
CA LYS B 182 39.21 -20.93 -19.61
C LYS B 182 38.06 -20.98 -20.61
N SER B 183 38.33 -20.66 -21.88
CA SER B 183 37.45 -20.98 -23.00
C SER B 183 37.58 -22.46 -23.38
N ASP B 184 38.71 -23.05 -22.98
CA ASP B 184 39.01 -24.47 -23.12
C ASP B 184 38.33 -25.25 -21.99
N PHE B 185 37.00 -25.40 -22.10
CA PHE B 185 36.19 -26.11 -21.14
C PHE B 185 34.91 -26.53 -21.85
N ALA B 186 34.55 -27.82 -21.66
CA ALA B 186 33.49 -28.45 -22.43
C ALA B 186 32.29 -28.77 -21.55
N CYS B 187 31.07 -28.49 -22.05
CA CYS B 187 29.83 -28.81 -21.34
C CYS B 187 29.79 -30.28 -20.93
N ALA B 188 30.42 -31.12 -21.75
CA ALA B 188 30.41 -32.56 -21.53
C ALA B 188 31.49 -32.99 -20.53
N ASN B 189 32.46 -32.10 -20.26
CA ASN B 189 33.54 -32.37 -19.32
C ASN B 189 33.29 -31.67 -17.98
N ALA B 190 32.31 -30.74 -17.97
CA ALA B 190 31.85 -30.16 -16.73
C ALA B 190 31.08 -31.25 -16.00
N PHE B 191 30.82 -31.05 -14.72
CA PHE B 191 29.96 -31.98 -14.01
C PHE B 191 30.57 -33.39 -14.02
N ASN B 192 31.90 -33.50 -14.20
CA ASN B 192 32.51 -34.81 -14.34
C ASN B 192 32.82 -35.40 -12.97
N ASN B 193 33.25 -34.55 -12.04
CA ASN B 193 33.53 -35.04 -10.70
C ASN B 193 32.25 -35.66 -10.12
N SER B 194 31.09 -35.15 -10.56
CA SER B 194 29.79 -35.58 -10.07
C SER B 194 29.34 -36.88 -10.77
N ILE B 195 28.82 -37.84 -10.00
CA ILE B 195 28.12 -38.97 -10.60
C ILE B 195 26.84 -38.44 -11.25
N ILE B 196 26.72 -38.69 -12.55
CA ILE B 196 25.59 -38.25 -13.35
C ILE B 196 24.82 -39.48 -13.82
N PRO B 197 23.48 -39.42 -13.94
CA PRO B 197 22.70 -40.48 -14.58
C PRO B 197 23.24 -40.84 -15.96
N GLU B 198 23.02 -42.10 -16.40
CA GLU B 198 23.56 -42.57 -17.66
C GLU B 198 22.68 -42.08 -18.81
N ASP B 199 21.41 -41.77 -18.49
CA ASP B 199 20.39 -41.41 -19.45
C ASP B 199 20.48 -39.93 -19.87
N THR B 200 21.48 -39.20 -19.36
CA THR B 200 21.52 -37.75 -19.49
C THR B 200 21.71 -37.38 -20.95
N PHE B 201 20.70 -36.68 -21.51
CA PHE B 201 20.67 -36.14 -22.86
C PHE B 201 21.62 -34.95 -22.98
N PHE B 202 22.75 -35.14 -23.65
CA PHE B 202 23.69 -34.08 -23.98
C PHE B 202 23.54 -33.72 -25.47
N PRO B 203 23.02 -32.54 -25.85
CA PRO B 203 23.11 -32.09 -27.24
C PRO B 203 24.55 -31.62 -27.52
N SER B 204 24.83 -31.05 -28.69
CA SER B 204 26.21 -31.01 -29.22
C SER B 204 27.02 -29.72 -28.96
N SER C 3 3.85 7.50 9.61
CA SER C 3 2.40 7.63 9.93
C SER C 3 2.03 9.08 10.20
N GLY C 4 1.08 9.62 9.39
CA GLY C 4 0.32 10.85 9.67
C GLY C 4 -0.66 10.68 10.84
N VAL C 5 -1.49 11.72 11.03
CA VAL C 5 -2.33 11.80 12.21
C VAL C 5 -3.64 11.14 11.85
N THR C 6 -3.92 10.02 12.55
CA THR C 6 -5.09 9.17 12.30
C THR C 6 -6.04 9.26 13.51
N GLN C 7 -7.35 9.11 13.24
CA GLN C 7 -8.34 9.16 14.30
C GLN C 7 -9.37 8.09 14.07
N THR C 8 -9.91 7.49 15.12
CA THR C 8 -11.01 6.54 15.01
C THR C 8 -11.98 6.83 16.14
N PRO C 9 -13.31 6.79 15.91
CA PRO C 9 -13.88 6.66 14.57
C PRO C 9 -14.05 8.04 13.95
N LYS C 10 -14.62 8.04 12.72
CA LYS C 10 -14.85 9.25 11.95
C LYS C 10 -16.20 9.83 12.38
N HIS C 11 -17.15 8.96 12.76
CA HIS C 11 -18.53 9.37 13.06
C HIS C 11 -18.98 8.78 14.39
N LEU C 12 -19.80 9.51 15.15
CA LEU C 12 -20.24 9.03 16.44
C LEU C 12 -21.61 9.64 16.70
N ILE C 13 -22.65 8.79 16.73
CA ILE C 13 -24.03 9.23 16.97
C ILE C 13 -24.47 8.66 18.30
N THR C 14 -24.84 9.48 19.26
CA THR C 14 -25.20 9.00 20.59
C THR C 14 -26.29 9.89 21.20
N ALA C 15 -26.74 9.52 22.40
CA ALA C 15 -27.81 10.23 23.10
C ALA C 15 -27.28 10.88 24.37
N THR C 16 -27.96 11.95 24.82
CA THR C 16 -27.59 12.63 26.06
C THR C 16 -27.47 11.61 27.18
N GLY C 17 -26.55 11.87 28.12
CA GLY C 17 -26.41 10.98 29.25
C GLY C 17 -25.52 9.76 28.94
N GLN C 18 -25.03 9.63 27.71
CA GLN C 18 -24.12 8.55 27.34
C GLN C 18 -22.67 9.02 27.43
N ARG C 19 -21.73 8.10 27.15
CA ARG C 19 -20.31 8.46 27.06
C ARG C 19 -19.67 7.87 25.79
N VAL C 20 -18.66 8.56 25.26
CA VAL C 20 -17.95 8.10 24.09
C VAL C 20 -16.46 8.24 24.36
N THR C 21 -15.66 7.39 23.71
CA THR C 21 -14.22 7.51 23.81
C THR C 21 -13.63 7.66 22.40
N LEU C 22 -12.77 8.68 22.23
CA LEU C 22 -12.15 9.00 20.94
C LEU C 22 -10.65 8.67 20.95
N ARG C 23 -10.14 8.13 19.84
CA ARG C 23 -8.77 7.66 19.79
C ARG C 23 -8.00 8.45 18.74
N CYS C 24 -6.71 8.67 19.03
CA CYS C 24 -5.85 9.37 18.09
C CYS C 24 -4.45 8.75 18.03
N SER C 25 -3.88 8.72 16.82
CA SER C 25 -2.53 8.31 16.55
C SER C 25 -1.72 9.50 16.05
N PRO C 26 -0.78 10.05 16.82
CA PRO C 26 0.07 11.13 16.30
C PRO C 26 0.92 10.65 15.14
N ARG C 27 1.64 11.59 14.53
CA ARG C 27 2.55 11.21 13.47
C ARG C 27 3.75 10.49 14.05
N SER C 28 4.32 9.54 13.29
CA SER C 28 5.52 8.84 13.76
C SER C 28 6.58 9.83 14.23
N GLY C 29 7.13 9.60 15.42
CA GLY C 29 8.12 10.52 15.94
C GLY C 29 7.56 11.75 16.65
N ASP C 30 6.23 11.97 16.65
CA ASP C 30 5.64 13.12 17.31
C ASP C 30 5.33 12.83 18.78
N LEU C 31 5.89 13.62 19.69
CA LEU C 31 5.75 13.40 21.12
C LEU C 31 4.76 14.38 21.77
N SER C 32 4.22 15.32 21.01
CA SER C 32 3.24 16.26 21.55
C SER C 32 1.89 16.01 20.88
N VAL C 33 0.83 15.84 21.67
CA VAL C 33 -0.50 15.58 21.14
C VAL C 33 -1.45 16.64 21.72
N TYR C 34 -2.38 17.11 20.92
CA TYR C 34 -3.27 18.20 21.30
C TYR C 34 -4.69 17.79 20.92
N TRP C 35 -5.68 18.15 21.75
CA TRP C 35 -7.07 17.93 21.42
C TRP C 35 -7.78 19.27 21.23
N TYR C 36 -8.49 19.41 20.10
CA TYR C 36 -9.26 20.63 19.86
C TYR C 36 -10.70 20.28 19.47
N GLN C 37 -11.64 21.21 19.68
CA GLN C 37 -13.02 21.01 19.28
C GLN C 37 -13.51 22.11 18.33
N GLN C 38 -14.12 21.76 17.20
CA GLN C 38 -14.72 22.75 16.29
C GLN C 38 -16.25 22.68 16.38
N SER C 39 -16.92 23.76 16.79
CA SER C 39 -18.38 23.80 17.01
C SER C 39 -19.04 24.90 16.17
N ASP C 41 -19.07 28.88 17.46
CA ASP C 41 -17.60 28.65 17.54
C ASP C 41 -17.14 27.87 16.31
N GLN C 42 -17.27 28.46 15.12
CA GLN C 42 -16.92 27.83 13.85
C GLN C 42 -15.38 27.61 13.76
N GLY C 43 -14.65 28.18 14.72
CA GLY C 43 -13.24 27.88 14.85
C GLY C 43 -13.01 26.87 15.97
N LEU C 44 -11.74 26.54 16.15
CA LEU C 44 -11.35 25.48 17.06
C LEU C 44 -11.16 26.04 18.46
N GLN C 45 -11.60 25.27 19.45
CA GLN C 45 -11.29 25.57 20.83
C GLN C 45 -10.28 24.54 21.30
N PHE C 46 -9.19 25.00 21.90
CA PHE C 46 -8.22 24.09 22.47
C PHE C 46 -8.79 23.42 23.70
N LEU C 47 -8.45 22.12 23.89
CA LEU C 47 -8.93 21.36 25.04
C LEU C 47 -7.75 20.95 25.91
N ILE C 48 -6.78 20.23 25.34
CA ILE C 48 -5.72 19.78 26.21
C ILE C 48 -4.49 19.44 25.38
N GLN C 49 -3.35 19.38 26.05
CA GLN C 49 -2.09 19.08 25.40
C GLN C 49 -1.29 18.12 26.26
N TYR C 50 -0.68 17.12 25.62
CA TYR C 50 0.19 16.19 26.32
C TYR C 50 1.55 16.24 25.66
N TYR C 51 2.60 16.08 26.50
CA TYR C 51 3.95 15.90 25.99
C TYR C 51 4.50 14.61 26.57
N ASN C 52 4.84 13.66 25.70
CA ASN C 52 5.42 12.39 26.06
C ASN C 52 4.87 11.83 27.35
N GLY C 53 3.53 11.70 27.42
CA GLY C 53 2.88 11.06 28.54
C GLY C 53 2.31 12.04 29.57
N GLU C 54 2.91 13.20 29.78
CA GLU C 54 2.43 14.10 30.82
C GLU C 54 1.62 15.27 30.25
N GLU C 55 0.63 15.72 31.01
CA GLU C 55 -0.21 16.81 30.54
C GLU C 55 0.55 18.13 30.61
N ARG C 56 0.44 19.03 29.63
CA ARG C 56 1.07 20.34 29.67
C ARG C 56 -0.01 21.41 29.80
N ALA C 57 -0.55 21.89 28.68
CA ALA C 57 -1.57 22.93 28.67
C ALA C 57 -2.98 22.33 28.69
N LYS C 58 -3.91 23.03 29.34
CA LYS C 58 -5.30 22.62 29.45
C LYS C 58 -6.18 23.83 29.17
N GLY C 59 -7.22 23.70 28.34
CA GLY C 59 -8.15 24.78 28.02
C GLY C 59 -9.40 24.62 28.87
N ASN C 60 -10.61 24.74 28.30
CA ASN C 60 -11.81 24.50 29.10
C ASN C 60 -12.35 23.08 28.91
N ILE C 61 -11.51 22.08 29.18
CA ILE C 61 -11.97 20.71 29.21
C ILE C 61 -12.78 20.53 30.51
N LEU C 62 -14.05 20.11 30.39
CA LEU C 62 -14.91 19.97 31.55
C LEU C 62 -14.44 18.78 32.37
N GLU C 63 -15.09 18.58 33.53
CA GLU C 63 -14.69 17.53 34.46
C GLU C 63 -15.36 16.21 34.08
N ARG C 64 -16.40 16.28 33.25
CA ARG C 64 -16.97 15.08 32.65
C ARG C 64 -16.08 14.64 31.49
N PHE C 65 -15.12 15.47 31.07
CA PHE C 65 -14.19 15.12 30.01
C PHE C 65 -12.84 14.74 30.63
N SER C 66 -12.17 13.71 30.08
CA SER C 66 -10.79 13.34 30.41
C SER C 66 -10.02 12.97 29.14
N ALA C 67 -8.69 12.90 29.25
CA ALA C 67 -7.80 12.59 28.15
C ALA C 67 -6.54 11.89 28.65
N GLN C 68 -5.71 11.39 27.75
CA GLN C 68 -4.59 10.58 28.21
C GLN C 68 -3.70 10.33 27.01
N GLN C 69 -2.41 10.15 27.33
CA GLN C 69 -1.40 9.80 26.35
C GLN C 69 -0.64 8.60 26.87
N PHE C 70 -0.61 7.52 26.07
CA PHE C 70 -0.06 6.25 26.50
C PHE C 70 1.43 6.21 26.16
N PRO C 71 2.22 5.26 26.71
CA PRO C 71 3.65 5.14 26.33
C PRO C 71 3.89 4.91 24.84
N ASP C 72 2.93 4.26 24.19
CA ASP C 72 2.73 4.05 22.77
C ASP C 72 2.72 5.40 22.05
N LEU C 73 2.46 6.47 22.79
CA LEU C 73 2.32 7.83 22.32
C LEU C 73 0.93 8.17 21.77
N HIS C 74 0.05 7.17 21.71
CA HIS C 74 -1.32 7.38 21.28
C HIS C 74 -2.14 8.08 22.38
N SER C 75 -3.20 8.80 21.97
CA SER C 75 -3.99 9.51 22.95
C SER C 75 -5.46 9.07 22.91
N GLU C 76 -6.14 9.20 24.06
CA GLU C 76 -7.59 9.07 24.07
C GLU C 76 -8.24 10.30 24.72
N LEU C 77 -9.50 10.56 24.35
CA LEU C 77 -10.32 11.59 24.97
C LEU C 77 -11.69 10.97 25.29
N ASN C 78 -12.11 11.03 26.57
CA ASN C 78 -13.33 10.42 27.06
C ASN C 78 -14.32 11.52 27.37
N LEU C 79 -15.51 11.42 26.78
CA LEU C 79 -16.51 12.48 26.85
C LEU C 79 -17.76 11.84 27.41
N SER C 80 -18.09 12.21 28.67
CA SER C 80 -19.11 11.55 29.46
C SER C 80 -20.24 12.54 29.78
N SER C 81 -21.35 12.02 30.33
CA SER C 81 -22.57 12.77 30.69
C SER C 81 -22.93 13.71 29.55
N LEU C 82 -22.89 13.18 28.32
CA LEU C 82 -22.95 13.99 27.12
C LEU C 82 -24.24 14.83 27.08
N GLU C 83 -24.11 16.09 26.63
CA GLU C 83 -25.23 17.00 26.50
C GLU C 83 -25.28 17.40 25.03
N LEU C 84 -26.31 18.14 24.62
CA LEU C 84 -26.49 18.44 23.20
C LEU C 84 -25.39 19.38 22.69
N GLY C 85 -24.84 20.17 23.62
CA GLY C 85 -23.85 21.19 23.31
C GLY C 85 -22.52 20.57 22.87
N ASP C 86 -22.40 19.27 23.15
CA ASP C 86 -21.17 18.57 22.90
C ASP C 86 -21.06 18.24 21.42
N SER C 87 -22.17 18.35 20.68
CA SER C 87 -22.15 17.98 19.26
C SER C 87 -21.11 18.83 18.53
N ALA C 88 -20.07 18.23 17.97
CA ALA C 88 -18.99 19.01 17.38
C ALA C 88 -18.03 18.08 16.64
N LEU C 89 -16.98 18.68 16.07
CA LEU C 89 -15.96 17.93 15.38
C LEU C 89 -14.70 17.94 16.25
N TYR C 90 -14.22 16.75 16.65
CA TYR C 90 -13.11 16.63 17.59
C TYR C 90 -11.83 16.42 16.81
N PHE C 91 -10.92 17.38 16.93
CA PHE C 91 -9.63 17.28 16.27
C PHE C 91 -8.55 16.83 17.25
N CYS C 92 -7.77 15.90 16.77
CA CYS C 92 -6.53 15.54 17.42
C CYS C 92 -5.40 16.08 16.54
N ALA C 93 -4.37 16.68 17.16
CA ALA C 93 -3.22 17.19 16.41
C ALA C 93 -1.91 16.72 17.05
N SER C 94 -0.79 16.79 16.33
CA SER C 94 0.47 16.38 16.92
C SER C 94 1.60 17.25 16.39
N SER C 95 2.69 17.34 17.14
CA SER C 95 3.90 18.06 16.72
C SER C 95 5.12 17.35 17.31
N VAL C 96 6.31 17.66 16.78
CA VAL C 96 7.54 16.99 17.18
C VAL C 96 7.85 17.37 18.62
N SER C 97 7.72 18.67 18.95
CA SER C 97 7.77 19.12 20.34
C SER C 97 6.82 20.30 20.53
N GLY C 98 6.97 21.01 21.65
CA GLY C 98 6.00 22.01 22.08
C GLY C 98 6.44 23.45 21.77
N GLY C 99 7.51 23.61 20.96
CA GLY C 99 8.02 24.91 20.55
C GLY C 99 7.22 25.53 19.40
N ALA C 100 7.16 26.86 19.33
CA ALA C 100 6.28 27.55 18.40
C ALA C 100 6.60 27.25 16.93
N TYR C 101 7.87 26.96 16.62
CA TYR C 101 8.32 26.68 15.27
C TYR C 101 7.62 25.43 14.72
N ASN C 102 7.42 24.43 15.60
CA ASN C 102 6.84 23.15 15.23
C ASN C 102 5.33 23.29 15.08
N GLU C 103 4.86 23.13 13.85
CA GLU C 103 3.44 23.35 13.57
C GLU C 103 2.65 22.13 14.06
N GLN C 104 1.39 22.37 14.43
CA GLN C 104 0.49 21.29 14.70
C GLN C 104 -0.05 20.71 13.38
N PHE C 105 0.06 19.38 13.24
CA PHE C 105 -0.57 18.61 12.17
C PHE C 105 -1.83 17.94 12.71
N PHE C 106 -2.96 18.09 11.98
CA PHE C 106 -4.26 17.66 12.49
C PHE C 106 -4.70 16.32 11.92
N GLY C 107 -5.58 15.64 12.66
CA GLY C 107 -6.21 14.42 12.18
C GLY C 107 -7.42 14.75 11.30
N PRO C 108 -8.15 13.71 10.84
CA PRO C 108 -9.37 13.90 10.05
C PRO C 108 -10.62 14.23 10.86
N GLY C 109 -10.48 14.23 12.18
CA GLY C 109 -11.54 14.66 13.08
C GLY C 109 -12.52 13.53 13.34
N THR C 110 -13.17 13.51 14.51
CA THR C 110 -14.33 12.65 14.76
C THR C 110 -15.57 13.54 14.84
N ARG C 111 -16.55 13.33 13.98
CA ARG C 111 -17.80 14.10 14.04
C ARG C 111 -18.76 13.48 15.07
N LEU C 112 -19.07 14.21 16.15
CA LEU C 112 -19.94 13.68 17.21
C LEU C 112 -21.29 14.39 17.19
N THR C 113 -22.39 13.61 17.21
CA THR C 113 -23.72 14.21 17.25
C THR C 113 -24.48 13.66 18.44
N VAL C 114 -24.84 14.52 19.40
CA VAL C 114 -25.53 14.07 20.61
C VAL C 114 -27.01 14.41 20.48
N LEU C 115 -27.85 13.38 20.55
CA LEU C 115 -29.28 13.56 20.31
C LEU C 115 -30.04 13.29 21.61
N GLU C 116 -31.31 13.74 21.62
CA GLU C 116 -32.07 13.70 22.85
C GLU C 116 -32.48 12.25 23.12
N ASP C 117 -32.84 11.50 22.06
CA ASP C 117 -33.11 10.08 22.15
C ASP C 117 -32.83 9.46 20.79
N LEU C 118 -32.61 8.14 20.73
CA LEU C 118 -32.20 7.54 19.47
C LEU C 118 -33.39 7.13 18.62
N LYS C 119 -34.61 7.43 19.10
CA LYS C 119 -35.85 6.96 18.49
C LYS C 119 -36.02 7.61 17.13
N ASN C 120 -35.34 8.73 16.91
CA ASN C 120 -35.50 9.52 15.69
C ASN C 120 -34.43 9.19 14.64
N VAL C 121 -33.73 8.05 14.78
CA VAL C 121 -32.64 7.71 13.88
C VAL C 121 -33.12 6.81 12.75
N PHE C 122 -33.01 7.27 11.50
CA PHE C 122 -33.49 6.50 10.33
C PHE C 122 -32.45 6.50 9.22
N PRO C 123 -32.20 5.33 8.61
CA PRO C 123 -31.25 5.23 7.51
C PRO C 123 -31.87 5.84 6.27
N PRO C 124 -31.09 6.08 5.19
CA PRO C 124 -31.63 6.68 3.98
C PRO C 124 -32.25 5.64 3.05
N GLU C 125 -33.13 6.12 2.17
CA GLU C 125 -33.53 5.39 0.97
C GLU C 125 -32.69 5.93 -0.18
N VAL C 126 -32.15 5.02 -1.00
CA VAL C 126 -31.28 5.44 -2.10
C VAL C 126 -31.94 5.09 -3.43
N ALA C 127 -32.23 6.12 -4.24
CA ALA C 127 -32.72 5.93 -5.60
C ALA C 127 -31.65 6.31 -6.63
N VAL C 128 -31.58 5.57 -7.74
CA VAL C 128 -30.76 6.04 -8.86
C VAL C 128 -31.64 6.41 -10.06
N PHE C 129 -31.36 7.56 -10.68
CA PHE C 129 -32.10 8.04 -11.84
C PHE C 129 -31.22 7.89 -13.09
N GLU C 130 -31.75 7.15 -14.09
CA GLU C 130 -31.07 6.86 -15.35
C GLU C 130 -31.00 8.12 -16.23
N PRO C 131 -29.90 8.28 -17.01
CA PRO C 131 -29.70 9.45 -17.86
C PRO C 131 -30.89 9.86 -18.72
N SER C 132 -30.89 11.14 -19.11
CA SER C 132 -31.91 11.67 -20.01
C SER C 132 -31.59 11.29 -21.45
N GLU C 133 -32.66 10.88 -22.14
CA GLU C 133 -32.68 10.63 -23.56
C GLU C 133 -32.21 11.88 -24.33
N ALA C 134 -32.76 13.03 -23.93
CA ALA C 134 -32.48 14.34 -24.51
C ALA C 134 -31.03 14.78 -24.27
N GLU C 135 -30.57 14.60 -23.03
CA GLU C 135 -29.22 14.97 -22.65
C GLU C 135 -28.20 14.25 -23.55
N ILE C 136 -28.49 12.97 -23.83
CA ILE C 136 -27.58 12.14 -24.60
C ILE C 136 -27.57 12.61 -26.04
N SER C 137 -28.78 12.87 -26.58
CA SER C 137 -28.89 13.33 -27.95
C SER C 137 -28.19 14.68 -28.11
N HIS C 138 -28.26 15.56 -27.09
CA HIS C 138 -27.89 16.97 -27.21
C HIS C 138 -26.41 17.19 -26.86
N THR C 139 -25.85 16.40 -25.94
CA THR C 139 -24.42 16.43 -25.64
C THR C 139 -23.80 15.13 -26.12
N GLN C 140 -22.52 14.92 -25.82
CA GLN C 140 -21.98 13.59 -26.06
C GLN C 140 -22.05 12.68 -24.81
N LYS C 141 -22.87 13.05 -23.81
CA LYS C 141 -22.63 12.59 -22.44
C LYS C 141 -23.92 12.22 -21.74
N ALA C 142 -23.76 11.44 -20.66
CA ALA C 142 -24.88 10.96 -19.88
C ALA C 142 -24.60 11.15 -18.40
N THR C 143 -25.58 11.71 -17.67
CA THR C 143 -25.43 11.98 -16.25
C THR C 143 -26.44 11.14 -15.50
N LEU C 144 -25.94 10.29 -14.58
CA LEU C 144 -26.77 9.67 -13.56
C LEU C 144 -26.87 10.56 -12.32
N VAL C 145 -27.98 10.44 -11.60
CA VAL C 145 -28.16 11.19 -10.38
C VAL C 145 -28.58 10.19 -9.31
N CYS C 146 -27.92 10.22 -8.15
CA CYS C 146 -28.31 9.38 -7.03
C CYS C 146 -28.96 10.26 -5.99
N LEU C 147 -29.95 9.72 -5.28
CA LEU C 147 -30.75 10.52 -4.36
C LEU C 147 -30.92 9.73 -3.07
N ALA C 148 -30.25 10.18 -2.01
CA ALA C 148 -30.40 9.54 -0.72
C ALA C 148 -31.30 10.43 0.12
N THR C 149 -32.39 9.87 0.65
CA THR C 149 -33.45 10.69 1.23
C THR C 149 -33.92 10.08 2.56
N GLY C 150 -34.41 10.94 3.45
CA GLY C 150 -35.11 10.57 4.66
C GLY C 150 -34.22 10.06 5.78
N PHE C 151 -32.97 10.52 5.87
CA PHE C 151 -32.06 10.07 6.92
C PHE C 151 -32.03 11.06 8.07
N TYR C 152 -31.73 10.58 9.27
CA TYR C 152 -31.49 11.44 10.42
C TYR C 152 -30.64 10.63 11.38
N PRO C 153 -29.49 11.12 11.90
CA PRO C 153 -28.93 12.44 11.54
C PRO C 153 -28.21 12.43 10.20
N ASP C 154 -27.29 13.38 9.97
CA ASP C 154 -26.77 13.60 8.63
C ASP C 154 -25.39 12.99 8.35
N HIS C 155 -24.99 11.93 9.06
CA HIS C 155 -23.67 11.39 8.77
C HIS C 155 -23.82 10.32 7.70
N VAL C 156 -23.52 10.64 6.42
CA VAL C 156 -23.57 9.66 5.34
C VAL C 156 -22.34 9.82 4.44
N GLU C 157 -21.93 8.79 3.71
CA GLU C 157 -20.92 8.93 2.67
C GLU C 157 -21.35 8.21 1.38
N LEU C 158 -21.55 9.00 0.30
CA LEU C 158 -21.97 8.47 -0.98
C LEU C 158 -20.76 8.09 -1.87
N SER C 159 -20.85 6.99 -2.60
CA SER C 159 -19.80 6.65 -3.56
C SER C 159 -20.42 6.00 -4.80
N TRP C 160 -19.75 6.23 -5.94
CA TRP C 160 -20.15 5.69 -7.23
C TRP C 160 -19.24 4.53 -7.58
N TRP C 161 -19.87 3.43 -8.00
CA TRP C 161 -19.17 2.19 -8.36
C TRP C 161 -19.58 1.79 -9.77
N VAL C 162 -18.58 1.63 -10.65
CA VAL C 162 -18.82 1.30 -12.05
C VAL C 162 -18.15 -0.04 -12.32
N ASN C 163 -18.97 -1.07 -12.55
CA ASN C 163 -18.53 -2.44 -12.73
C ASN C 163 -17.60 -2.82 -11.57
N GLY C 164 -18.04 -2.57 -10.34
CA GLY C 164 -17.38 -3.08 -9.14
C GLY C 164 -16.11 -2.32 -8.75
N LYS C 165 -15.77 -1.24 -9.44
CA LYS C 165 -14.70 -0.36 -8.98
C LYS C 165 -15.27 1.04 -8.67
N GLU C 166 -14.71 1.71 -7.66
CA GLU C 166 -15.20 3.02 -7.25
C GLU C 166 -14.63 4.06 -8.21
N VAL C 167 -15.48 4.95 -8.72
CA VAL C 167 -15.02 5.93 -9.68
C VAL C 167 -15.03 7.33 -9.06
N HIS C 168 -14.13 8.17 -9.54
CA HIS C 168 -13.96 9.54 -9.08
C HIS C 168 -14.12 10.50 -10.25
N SER C 169 -13.47 10.18 -11.37
CA SER C 169 -13.57 10.96 -12.59
C SER C 169 -15.05 11.10 -12.97
N GLY C 170 -15.55 12.34 -12.92
CA GLY C 170 -16.87 12.63 -13.44
C GLY C 170 -17.94 12.53 -12.37
N VAL C 171 -17.50 12.55 -11.11
CA VAL C 171 -18.41 12.50 -9.98
C VAL C 171 -18.44 13.86 -9.32
N CYS C 172 -19.59 14.24 -8.78
CA CYS C 172 -19.65 15.35 -7.85
C CYS C 172 -20.85 15.13 -6.92
N THR C 173 -20.60 15.21 -5.62
CA THR C 173 -21.61 15.00 -4.59
C THR C 173 -21.89 16.33 -3.89
N ASP C 174 -23.14 16.55 -3.47
CA ASP C 174 -23.45 17.68 -2.60
C ASP C 174 -22.46 17.77 -1.44
N PRO C 175 -21.90 18.97 -1.15
CA PRO C 175 -20.89 19.10 -0.10
C PRO C 175 -21.52 18.89 1.29
N GLN C 176 -22.80 19.23 1.41
CA GLN C 176 -23.54 19.10 2.66
C GLN C 176 -24.99 18.79 2.33
N PRO C 177 -25.65 17.86 3.06
CA PRO C 177 -27.07 17.49 2.82
C PRO C 177 -28.04 18.64 3.09
N LEU C 178 -29.28 18.55 2.58
CA LEU C 178 -30.31 19.59 2.77
C LEU C 178 -31.45 19.02 3.62
N LYS C 179 -32.16 19.92 4.34
CA LYS C 179 -33.27 19.54 5.21
C LYS C 179 -34.55 19.32 4.42
N GLU C 180 -35.18 18.15 4.58
CA GLU C 180 -36.37 17.80 3.82
C GLU C 180 -37.58 18.59 4.30
N GLN C 181 -37.51 19.14 5.52
CA GLN C 181 -38.60 19.92 6.09
C GLN C 181 -38.02 21.06 6.93
N PRO C 182 -37.57 22.17 6.30
CA PRO C 182 -36.75 23.16 7.02
C PRO C 182 -37.35 23.89 8.23
N ALA C 183 -38.66 23.68 8.46
CA ALA C 183 -39.36 24.17 9.65
C ALA C 183 -38.93 23.44 10.93
N LEU C 184 -39.27 22.14 11.02
CA LEU C 184 -38.89 21.30 12.14
C LEU C 184 -37.42 21.51 12.49
N ASN C 185 -37.11 21.41 13.79
CA ASN C 185 -35.73 21.43 14.25
C ASN C 185 -35.12 20.04 14.12
N ASP C 186 -35.97 19.00 13.93
CA ASP C 186 -35.52 17.64 13.68
C ASP C 186 -36.07 17.12 12.33
N SER C 187 -35.74 17.85 11.27
CA SER C 187 -36.04 17.51 9.89
C SER C 187 -35.10 16.39 9.45
N ARG C 188 -35.60 15.49 8.60
CA ARG C 188 -34.76 14.50 7.97
C ARG C 188 -34.01 15.17 6.81
N TYR C 189 -33.14 14.43 6.14
CA TYR C 189 -32.14 15.07 5.30
C TYR C 189 -32.07 14.36 3.98
N ALA C 190 -31.53 15.06 2.99
CA ALA C 190 -31.39 14.50 1.65
C ALA C 190 -30.09 15.00 1.03
N LEU C 191 -29.34 14.07 0.43
CA LEU C 191 -28.11 14.40 -0.26
C LEU C 191 -28.18 13.84 -1.68
N SER C 192 -27.56 14.57 -2.61
CA SER C 192 -27.63 14.18 -4.01
C SER C 192 -26.22 14.08 -4.60
N SER C 193 -26.06 13.23 -5.61
CA SER C 193 -24.79 13.15 -6.28
C SER C 193 -25.05 12.94 -7.78
N ARG C 194 -23.99 13.15 -8.58
CA ARG C 194 -24.07 13.03 -10.01
C ARG C 194 -22.85 12.29 -10.52
N LEU C 195 -23.10 11.43 -11.52
CA LEU C 195 -22.05 10.73 -12.25
C LEU C 195 -22.28 10.94 -13.74
N ARG C 196 -21.24 11.45 -14.43
CA ARG C 196 -21.32 11.78 -15.83
C ARG C 196 -20.30 10.93 -16.57
N VAL C 197 -20.75 10.30 -17.65
CA VAL C 197 -19.93 9.45 -18.50
C VAL C 197 -20.27 9.76 -19.96
N SER C 198 -19.45 9.21 -20.87
CA SER C 198 -19.70 9.30 -22.30
C SER C 198 -21.04 8.65 -22.62
N ALA C 199 -21.66 9.05 -23.72
CA ALA C 199 -22.95 8.50 -24.07
C ALA C 199 -22.80 7.04 -24.46
N THR C 200 -21.62 6.68 -24.97
CA THR C 200 -21.36 5.31 -25.38
C THR C 200 -21.25 4.39 -24.16
N PHE C 201 -20.53 4.83 -23.10
CA PHE C 201 -20.35 4.06 -21.89
C PHE C 201 -21.72 3.82 -21.23
N TRP C 202 -22.62 4.77 -21.40
CA TRP C 202 -23.97 4.53 -20.91
C TRP C 202 -24.72 3.57 -21.84
N GLN C 203 -24.32 3.54 -23.12
CA GLN C 203 -25.12 2.82 -24.10
C GLN C 203 -24.76 1.34 -24.13
N ASN C 204 -23.59 1.00 -23.57
CA ASN C 204 -23.17 -0.38 -23.41
C ASN C 204 -23.98 -1.02 -22.29
N PRO C 205 -24.88 -2.00 -22.58
CA PRO C 205 -25.77 -2.54 -21.56
C PRO C 205 -25.04 -3.41 -20.53
N ARG C 206 -23.77 -3.72 -20.84
CA ARG C 206 -22.91 -4.59 -20.05
C ARG C 206 -22.15 -3.77 -19.00
N ASN C 207 -22.37 -2.45 -18.97
CA ASN C 207 -21.81 -1.59 -17.94
C ASN C 207 -22.79 -1.47 -16.78
N HIS C 208 -22.23 -1.59 -15.55
CA HIS C 208 -22.97 -1.58 -14.30
C HIS C 208 -22.63 -0.32 -13.49
N PHE C 209 -23.68 0.35 -12.98
CA PHE C 209 -23.54 1.59 -12.23
C PHE C 209 -24.21 1.43 -10.86
N ARG C 210 -23.42 1.61 -9.78
CA ARG C 210 -23.88 1.39 -8.41
C ARG C 210 -23.62 2.66 -7.59
N CYS C 211 -24.66 3.07 -6.85
CA CYS C 211 -24.58 4.17 -5.91
C CYS C 211 -24.70 3.59 -4.50
N GLN C 212 -23.62 3.69 -3.72
CA GLN C 212 -23.60 3.14 -2.37
C GLN C 212 -23.55 4.29 -1.38
N VAL C 213 -24.53 4.32 -0.46
CA VAL C 213 -24.51 5.29 0.63
C VAL C 213 -24.32 4.58 1.97
N GLN C 214 -23.20 4.83 2.63
CA GLN C 214 -23.01 4.28 3.96
C GLN C 214 -23.56 5.24 5.02
N PHE C 215 -24.54 4.81 5.80
CA PHE C 215 -25.11 5.65 6.83
C PHE C 215 -24.55 5.27 8.20
N TYR C 216 -24.13 6.27 8.98
CA TYR C 216 -23.66 6.06 10.35
C TYR C 216 -24.80 6.29 11.35
N GLY C 217 -25.05 5.29 12.17
CA GLY C 217 -26.14 5.30 13.12
C GLY C 217 -25.72 4.49 14.34
N LEU C 218 -26.62 3.64 14.86
CA LEU C 218 -26.37 2.94 16.12
C LEU C 218 -25.28 1.90 15.96
N SER C 219 -24.66 1.49 17.07
CA SER C 219 -23.83 0.29 17.07
C SER C 219 -24.61 -0.85 17.74
N GLU C 220 -24.04 -2.07 17.74
CA GLU C 220 -24.69 -3.19 18.42
C GLU C 220 -24.73 -2.96 19.94
N ASN C 221 -23.66 -2.35 20.51
CA ASN C 221 -23.66 -1.88 21.88
C ASN C 221 -24.91 -1.11 22.30
N ASP C 222 -25.63 -0.44 21.38
CA ASP C 222 -26.68 0.50 21.75
C ASP C 222 -27.98 -0.26 22.02
N GLU C 223 -28.77 0.12 23.03
CA GLU C 223 -30.05 -0.49 23.36
C GLU C 223 -31.05 -0.15 22.26
N TRP C 224 -32.12 -0.93 22.11
CA TRP C 224 -33.11 -0.65 21.08
C TRP C 224 -34.39 -1.40 21.41
N THR C 225 -35.34 -0.71 22.05
CA THR C 225 -36.56 -1.38 22.46
C THR C 225 -37.75 -0.92 21.63
N GLN C 226 -37.54 -0.59 20.34
CA GLN C 226 -38.53 0.10 19.53
C GLN C 226 -39.29 -0.82 18.58
N ASP C 227 -40.38 -0.29 18.01
CA ASP C 227 -41.15 -0.91 16.94
C ASP C 227 -40.24 -1.33 15.77
N ARG C 228 -39.75 -0.33 15.01
CA ARG C 228 -39.02 -0.55 13.77
C ARG C 228 -37.70 -1.30 14.01
N ALA C 229 -37.03 -1.67 12.91
CA ALA C 229 -35.73 -2.34 13.02
C ALA C 229 -34.66 -1.37 13.53
N LYS C 230 -33.59 -1.92 14.14
CA LYS C 230 -32.55 -1.11 14.76
C LYS C 230 -31.73 -0.37 13.70
N PRO C 231 -31.72 0.99 13.66
CA PRO C 231 -30.98 1.73 12.61
C PRO C 231 -29.46 1.79 12.79
N VAL C 232 -28.81 0.63 12.72
CA VAL C 232 -27.37 0.55 12.91
C VAL C 232 -26.66 1.19 11.72
N THR C 233 -25.36 1.45 11.88
CA THR C 233 -24.52 1.86 10.76
C THR C 233 -24.71 0.82 9.65
N GLN C 234 -25.08 1.24 8.43
CA GLN C 234 -25.39 0.28 7.37
C GLN C 234 -25.13 0.85 5.99
N ILE C 235 -25.30 0.06 4.90
CA ILE C 235 -25.16 0.61 3.55
C ILE C 235 -26.43 0.37 2.76
N VAL C 236 -27.04 1.43 2.19
CA VAL C 236 -28.21 1.30 1.32
C VAL C 236 -27.73 1.65 -0.07
N SER C 237 -28.24 0.91 -1.07
CA SER C 237 -27.67 0.99 -2.41
C SER C 237 -28.76 1.11 -3.47
N ALA C 238 -28.35 1.37 -4.70
CA ALA C 238 -29.24 1.38 -5.87
C ALA C 238 -28.34 1.24 -7.08
N GLU C 239 -28.84 0.59 -8.14
CA GLU C 239 -27.97 0.31 -9.27
C GLU C 239 -28.75 0.48 -10.56
N ALA C 240 -28.04 0.49 -11.69
CA ALA C 240 -28.69 0.45 -12.99
C ALA C 240 -27.68 0.05 -14.07
N TRP C 241 -28.22 -0.52 -15.16
CA TRP C 241 -27.43 -1.03 -16.26
C TRP C 241 -27.61 -0.12 -17.46
N GLY C 242 -26.60 -0.09 -18.35
CA GLY C 242 -26.65 0.64 -19.60
C GLY C 242 -27.86 0.32 -20.48
N ARG C 243 -28.29 1.32 -21.25
CA ARG C 243 -29.43 1.24 -22.15
C ARG C 243 -29.03 1.76 -23.52
N ALA C 244 -29.43 0.98 -24.55
CA ALA C 244 -29.35 1.36 -25.95
C ALA C 244 -30.73 1.81 -26.41
N SER D 4 -5.80 36.86 19.42
CA SER D 4 -6.89 37.06 18.42
C SER D 4 -6.35 37.02 16.98
N VAL D 5 -7.11 36.34 16.11
CA VAL D 5 -6.92 36.36 14.65
C VAL D 5 -8.28 36.67 14.05
N ALA D 6 -8.28 37.40 12.93
CA ALA D 6 -9.53 37.80 12.30
C ALA D 6 -9.42 37.67 10.77
N GLN D 7 -10.40 36.97 10.20
CA GLN D 7 -10.44 36.85 8.75
C GLN D 7 -11.65 37.67 8.30
N PRO D 8 -11.42 38.81 7.62
CA PRO D 8 -12.51 39.73 7.32
C PRO D 8 -13.60 39.16 6.43
N GLU D 9 -13.22 38.34 5.44
CA GLU D 9 -14.14 37.89 4.40
C GLU D 9 -14.72 36.52 4.77
N ASP D 10 -16.01 36.32 4.43
CA ASP D 10 -16.65 35.03 4.67
C ASP D 10 -16.50 34.11 3.49
N GLN D 11 -16.50 34.70 2.29
CA GLN D 11 -16.28 33.93 1.09
C GLN D 11 -15.48 34.79 0.12
N VAL D 12 -14.59 34.15 -0.64
CA VAL D 12 -13.84 34.76 -1.72
C VAL D 12 -14.18 34.03 -3.01
N ASN D 13 -14.49 34.80 -4.07
CA ASN D 13 -14.82 34.25 -5.37
C ASN D 13 -13.64 34.44 -6.29
N VAL D 14 -13.44 33.52 -7.23
CA VAL D 14 -12.25 33.58 -8.05
C VAL D 14 -12.41 32.61 -9.21
N ALA D 15 -11.84 32.96 -10.36
CA ALA D 15 -11.94 32.05 -11.49
C ALA D 15 -10.72 31.14 -11.51
N GLU D 16 -10.90 29.98 -12.13
CA GLU D 16 -9.83 29.04 -12.38
C GLU D 16 -8.77 29.79 -13.18
N GLY D 17 -7.53 29.75 -12.66
CA GLY D 17 -6.34 30.21 -13.34
C GLY D 17 -6.03 31.68 -13.05
N ASN D 18 -6.72 32.26 -12.05
CA ASN D 18 -6.52 33.66 -11.68
C ASN D 18 -5.95 33.70 -10.27
N PRO D 19 -5.39 34.85 -9.83
CA PRO D 19 -4.78 34.91 -8.49
C PRO D 19 -5.85 35.05 -7.41
N LEU D 20 -5.51 34.56 -6.20
CA LEU D 20 -6.48 34.48 -5.12
C LEU D 20 -5.87 35.02 -3.82
N THR D 21 -6.73 35.55 -2.95
CA THR D 21 -6.21 36.17 -1.75
C THR D 21 -7.22 36.01 -0.62
N VAL D 22 -6.80 35.31 0.44
CA VAL D 22 -7.61 35.25 1.65
C VAL D 22 -6.92 36.11 2.71
N LYS D 23 -7.73 36.93 3.38
CA LYS D 23 -7.15 37.93 4.24
C LYS D 23 -7.19 37.41 5.67
N CYS D 24 -6.15 37.80 6.43
CA CYS D 24 -6.01 37.49 7.84
C CYS D 24 -5.35 38.69 8.51
N THR D 25 -5.96 39.21 9.58
CA THR D 25 -5.36 40.22 10.42
C THR D 25 -5.19 39.62 11.82
N TYR D 26 -4.15 40.04 12.54
CA TYR D 26 -3.88 39.46 13.86
C TYR D 26 -3.95 40.55 14.93
N SER D 27 -3.99 40.12 16.19
CA SER D 27 -3.93 41.05 17.31
C SER D 27 -3.26 40.37 18.49
N VAL D 28 -1.97 40.67 18.66
CA VAL D 28 -1.18 40.06 19.72
C VAL D 28 -0.42 41.20 20.40
N SER D 29 0.17 40.86 21.55
CA SER D 29 1.04 41.78 22.26
C SER D 29 2.52 41.56 21.89
N GLY D 30 2.90 40.30 21.63
CA GLY D 30 4.27 39.90 21.33
C GLY D 30 4.53 39.80 19.82
N ASN D 31 5.49 38.95 19.42
CA ASN D 31 5.63 38.50 18.05
C ASN D 31 4.52 37.50 17.76
N PRO D 32 3.85 37.57 16.60
CA PRO D 32 2.91 36.52 16.18
C PRO D 32 3.59 35.37 15.45
N TYR D 33 3.30 34.15 15.91
CA TYR D 33 3.65 32.98 15.14
C TYR D 33 2.36 32.53 14.47
N LEU D 34 2.38 32.53 13.14
CA LEU D 34 1.15 32.47 12.36
C LEU D 34 1.18 31.30 11.39
N PHE D 35 0.02 30.67 11.22
CA PHE D 35 -0.08 29.50 10.37
C PHE D 35 -1.36 29.57 9.51
N TRP D 36 -1.28 28.96 8.32
CA TRP D 36 -2.46 28.83 7.48
C TRP D 36 -2.80 27.34 7.30
N TYR D 37 -4.07 27.00 7.56
CA TYR D 37 -4.58 25.66 7.33
C TYR D 37 -5.75 25.70 6.35
N VAL D 38 -5.98 24.57 5.67
CA VAL D 38 -7.13 24.40 4.80
C VAL D 38 -7.94 23.16 5.20
N GLN D 39 -9.22 23.39 5.55
CA GLN D 39 -10.12 22.27 5.78
C GLN D 39 -10.87 21.97 4.48
N TYR D 40 -10.35 21.02 3.69
CA TYR D 40 -11.13 20.55 2.55
C TYR D 40 -12.45 19.97 3.06
N PRO D 41 -13.55 19.92 2.27
CA PRO D 41 -14.82 19.37 2.76
C PRO D 41 -14.66 17.89 3.08
N ASN D 42 -15.20 17.45 4.22
CA ASN D 42 -15.17 16.06 4.69
C ASN D 42 -13.74 15.54 4.83
N ARG D 43 -12.88 16.42 5.33
CA ARG D 43 -11.52 16.08 5.69
C ARG D 43 -11.19 16.98 6.88
N GLY D 44 -9.95 16.90 7.39
CA GLY D 44 -9.58 17.75 8.51
C GLY D 44 -8.85 19.00 8.01
N LEU D 45 -8.10 19.64 8.91
CA LEU D 45 -7.24 20.74 8.56
C LEU D 45 -5.94 20.20 7.99
N GLN D 46 -5.42 20.88 6.95
CA GLN D 46 -4.15 20.57 6.32
C GLN D 46 -3.24 21.80 6.46
N PHE D 47 -1.95 21.53 6.61
CA PHE D 47 -1.01 22.59 6.92
C PHE D 47 -0.51 23.16 5.59
N LEU D 48 -0.59 24.48 5.41
CA LEU D 48 -0.08 25.15 4.21
C LEU D 48 1.29 25.79 4.45
N LEU D 49 1.38 26.70 5.42
CA LEU D 49 2.61 27.42 5.69
C LEU D 49 2.51 28.10 7.05
N LYS D 50 3.65 28.65 7.49
CA LYS D 50 3.74 29.39 8.74
C LYS D 50 4.72 30.54 8.59
N TYR D 51 4.54 31.56 9.42
CA TYR D 51 5.56 32.56 9.61
C TYR D 51 5.98 32.54 11.09
N ILE D 52 7.29 32.39 11.34
CA ILE D 52 7.83 32.38 12.70
C ILE D 52 8.71 33.62 12.88
N THR D 53 9.57 33.86 11.88
CA THR D 53 10.79 34.66 11.96
C THR D 53 11.38 34.79 10.56
N GLY D 54 11.97 35.96 10.22
CA GLY D 54 12.85 36.03 9.06
C GLY D 54 12.14 36.56 7.82
N ASP D 55 12.46 36.00 6.64
CA ASP D 55 11.86 36.45 5.40
C ASP D 55 10.34 36.56 5.56
N ASN D 56 9.80 37.73 5.18
CA ASN D 56 8.41 38.07 5.38
C ASN D 56 7.50 37.41 4.35
N LEU D 57 8.09 36.94 3.27
CA LEU D 57 7.31 36.18 2.30
C LEU D 57 7.66 34.71 2.50
N VAL D 58 6.62 33.91 2.80
CA VAL D 58 6.74 32.49 3.17
C VAL D 58 6.03 31.66 2.10
N LYS D 59 6.67 30.56 1.72
CA LYS D 59 6.18 29.72 0.64
C LYS D 59 5.73 28.39 1.21
N GLY D 60 4.55 27.92 0.79
CA GLY D 60 4.07 26.63 1.24
C GLY D 60 3.84 25.60 0.13
N SER D 61 3.02 24.62 0.47
CA SER D 61 2.67 23.54 -0.43
C SER D 61 1.53 24.02 -1.33
N TYR D 62 1.35 23.30 -2.44
CA TYR D 62 0.27 23.52 -3.40
C TYR D 62 0.47 24.87 -4.08
N GLY D 63 1.69 25.42 -4.03
CA GLY D 63 2.01 26.69 -4.67
C GLY D 63 1.41 27.90 -3.97
N PHE D 64 1.07 27.80 -2.67
CA PHE D 64 0.57 28.97 -1.92
C PHE D 64 1.75 29.74 -1.34
N GLU D 65 1.49 30.95 -0.82
CA GLU D 65 2.51 31.72 -0.12
C GLU D 65 1.83 32.82 0.69
N ALA D 66 2.57 33.43 1.61
CA ALA D 66 1.99 34.47 2.43
C ALA D 66 3.03 35.55 2.76
N GLU D 67 2.56 36.79 2.97
CA GLU D 67 3.44 37.91 3.26
C GLU D 67 3.07 38.44 4.64
N PHE D 68 4.10 38.56 5.49
CA PHE D 68 3.97 39.09 6.83
C PHE D 68 4.20 40.58 6.73
N ASN D 69 3.27 41.35 7.30
CA ASN D 69 3.28 42.78 7.21
C ASN D 69 2.88 43.30 8.57
N LYS D 70 3.89 43.65 9.38
CA LYS D 70 3.65 44.08 10.74
C LYS D 70 2.96 45.44 10.73
N SER D 71 3.14 46.19 9.64
CA SER D 71 2.72 47.57 9.53
C SER D 71 1.20 47.65 9.40
N GLN D 72 0.55 46.60 8.90
CA GLN D 72 -0.91 46.52 8.83
C GLN D 72 -1.49 45.40 9.71
N THR D 73 -0.64 44.69 10.45
CA THR D 73 -0.97 43.47 11.17
C THR D 73 -1.71 42.49 10.23
N SER D 74 -1.10 42.20 9.07
CA SER D 74 -1.75 41.33 8.09
C SER D 74 -0.87 40.12 7.74
N PHE D 75 -1.54 39.00 7.36
CA PHE D 75 -0.88 37.77 6.95
C PHE D 75 -1.71 37.10 5.87
N HIS D 76 -1.71 37.65 4.65
CA HIS D 76 -2.63 37.23 3.61
C HIS D 76 -2.05 36.06 2.82
N LEU D 77 -2.92 35.06 2.63
CA LEU D 77 -2.60 33.91 1.82
C LEU D 77 -2.85 34.28 0.35
N LYS D 78 -1.91 33.91 -0.49
CA LYS D 78 -2.05 34.21 -1.90
C LYS D 78 -1.53 33.02 -2.69
N LYS D 79 -2.09 32.83 -3.87
CA LYS D 79 -1.61 31.87 -4.84
C LYS D 79 -1.78 32.50 -6.22
N PRO D 80 -0.75 32.45 -7.10
CA PRO D 80 -0.80 33.13 -8.38
C PRO D 80 -1.90 32.64 -9.32
N SER D 81 -2.20 31.34 -9.24
CA SER D 81 -3.05 30.68 -10.22
C SER D 81 -3.97 29.62 -9.59
N ALA D 82 -5.27 29.96 -9.43
CA ALA D 82 -6.25 29.15 -8.71
C ALA D 82 -6.67 27.89 -9.47
N LEU D 83 -6.81 26.77 -8.73
CA LEU D 83 -7.37 25.52 -9.23
C LEU D 83 -8.76 25.31 -8.63
N VAL D 84 -9.68 24.65 -9.34
CA VAL D 84 -11.02 24.43 -8.83
C VAL D 84 -10.89 23.65 -7.52
N SER D 85 -9.94 22.71 -7.55
CA SER D 85 -9.71 21.81 -6.44
C SER D 85 -9.10 22.50 -5.20
N ASP D 86 -8.91 23.82 -5.23
CA ASP D 86 -8.52 24.58 -4.05
C ASP D 86 -9.74 25.12 -3.30
N SER D 87 -10.94 24.65 -3.65
CA SER D 87 -12.10 25.28 -3.04
C SER D 87 -12.35 24.56 -1.72
N ALA D 88 -12.37 25.36 -0.63
CA ALA D 88 -12.33 24.82 0.71
C ALA D 88 -12.41 25.94 1.73
N LEU D 89 -12.52 25.58 3.01
CA LEU D 89 -12.38 26.54 4.10
C LEU D 89 -10.90 26.79 4.42
N TYR D 90 -10.55 28.06 4.61
CA TYR D 90 -9.20 28.48 4.91
C TYR D 90 -9.14 29.09 6.30
N PHE D 91 -8.18 28.62 7.13
CA PHE D 91 -8.08 29.11 8.50
C PHE D 91 -6.66 29.59 8.78
N CYS D 92 -6.57 30.81 9.31
CA CYS D 92 -5.29 31.30 9.83
C CYS D 92 -5.35 31.23 11.36
N ALA D 93 -4.16 31.10 11.94
CA ALA D 93 -4.09 30.83 13.36
C ALA D 93 -2.87 31.54 13.95
N VAL D 94 -2.92 31.86 15.24
CA VAL D 94 -1.79 32.55 15.83
C VAL D 94 -1.43 31.81 17.12
N ARG D 95 -0.13 31.75 17.39
CA ARG D 95 0.32 31.34 18.70
C ARG D 95 1.34 32.39 19.16
N ASP D 96 1.38 32.63 20.49
CA ASP D 96 2.40 33.45 21.11
C ASP D 96 3.45 32.54 21.74
N TYR D 97 4.41 33.15 22.46
CA TYR D 97 5.57 32.44 23.01
C TYR D 97 5.24 31.60 24.24
N ASN D 98 4.29 32.06 25.09
CA ASN D 98 4.08 31.41 26.38
C ASN D 98 3.09 30.25 26.30
N ASN D 99 2.11 30.29 25.38
CA ASN D 99 0.99 29.35 25.37
C ASN D 99 0.94 28.65 24.00
N ALA D 100 0.96 27.30 24.00
CA ALA D 100 0.96 26.46 22.80
C ALA D 100 -0.44 26.34 22.19
N ARG D 101 -1.47 26.78 22.92
CA ARG D 101 -2.81 26.88 22.37
C ARG D 101 -2.75 27.70 21.09
N LEU D 102 -3.08 27.11 19.93
CA LEU D 102 -3.37 27.81 18.70
C LEU D 102 -4.71 28.53 18.80
N MET D 103 -4.81 29.74 18.23
CA MET D 103 -6.07 30.48 18.22
C MET D 103 -6.43 30.72 16.77
N PHE D 104 -7.62 30.20 16.38
CA PHE D 104 -8.08 30.13 15.00
C PHE D 104 -9.03 31.28 14.65
N GLY D 105 -9.01 31.68 13.37
CA GLY D 105 -10.06 32.58 12.89
C GLY D 105 -11.30 31.79 12.48
N ASP D 106 -12.38 32.51 12.13
CA ASP D 106 -13.68 31.92 11.83
C ASP D 106 -13.70 31.28 10.46
N GLY D 107 -12.65 31.51 9.67
CA GLY D 107 -12.46 30.75 8.45
C GLY D 107 -13.12 31.44 7.26
N THR D 108 -12.58 31.21 6.06
CA THR D 108 -13.07 31.81 4.84
C THR D 108 -13.21 30.73 3.75
N GLN D 109 -14.39 30.70 3.11
CA GLN D 109 -14.70 29.72 2.07
C GLN D 109 -14.16 30.24 0.73
N LEU D 110 -13.17 29.57 0.18
CA LEU D 110 -12.69 29.90 -1.16
C LEU D 110 -13.44 29.04 -2.19
N VAL D 111 -14.09 29.71 -3.16
CA VAL D 111 -14.84 29.05 -4.22
C VAL D 111 -14.21 29.40 -5.56
N VAL D 112 -13.43 28.47 -6.11
CA VAL D 112 -12.87 28.63 -7.44
C VAL D 112 -13.88 28.10 -8.46
N LYS D 113 -14.57 29.05 -9.10
CA LYS D 113 -15.55 28.76 -10.14
C LYS D 113 -14.82 28.37 -11.42
N PRO D 114 -15.23 27.27 -12.07
CA PRO D 114 -14.53 26.80 -13.27
C PRO D 114 -14.71 27.76 -14.46
N ASN D 115 -13.92 27.56 -15.51
CA ASN D 115 -14.05 28.32 -16.74
C ASN D 115 -14.77 27.47 -17.77
N ILE D 116 -16.07 27.73 -17.93
CA ILE D 116 -16.86 27.07 -18.94
C ILE D 116 -16.63 27.72 -20.31
N GLN D 117 -15.93 27.00 -21.19
CA GLN D 117 -15.54 27.52 -22.48
C GLN D 117 -16.74 27.45 -23.43
N ASN D 118 -17.52 26.35 -23.34
CA ASN D 118 -18.65 26.17 -24.25
C ASN D 118 -19.99 25.99 -23.55
N PRO D 119 -20.63 27.05 -22.98
CA PRO D 119 -21.89 26.89 -22.24
C PRO D 119 -23.00 26.29 -23.08
N ASP D 120 -23.77 25.38 -22.49
CA ASP D 120 -24.84 24.68 -23.16
C ASP D 120 -25.99 24.46 -22.16
N PRO D 121 -26.52 25.55 -21.52
CA PRO D 121 -27.43 25.43 -20.37
C PRO D 121 -28.65 24.64 -20.82
N ALA D 122 -29.13 23.76 -19.92
CA ALA D 122 -30.28 22.89 -20.13
C ALA D 122 -30.80 22.35 -18.80
N VAL D 123 -32.10 22.07 -18.78
CA VAL D 123 -32.78 21.41 -17.68
C VAL D 123 -33.40 20.13 -18.24
N TYR D 124 -32.93 18.97 -17.78
CA TYR D 124 -33.41 17.66 -18.24
C TYR D 124 -34.26 16.99 -17.16
N GLN D 125 -34.95 15.89 -17.52
CA GLN D 125 -35.66 14.99 -16.61
C GLN D 125 -35.10 13.57 -16.68
N LEU D 126 -34.94 12.92 -15.52
CA LEU D 126 -34.38 11.58 -15.43
C LEU D 126 -35.40 10.67 -14.73
N ARG D 127 -35.43 9.35 -15.04
CA ARG D 127 -36.42 8.45 -14.43
C ARG D 127 -35.81 7.31 -13.61
N ASP D 128 -36.61 6.78 -12.66
CA ASP D 128 -36.36 5.52 -11.96
C ASP D 128 -37.34 5.25 -10.82
N SER D 129 -37.58 3.96 -10.53
CA SER D 129 -38.21 3.41 -9.34
C SER D 129 -38.26 1.88 -9.44
N SER D 135 -39.53 12.05 -9.51
CA SER D 135 -38.41 12.15 -10.49
C SER D 135 -37.68 13.50 -10.39
N VAL D 136 -36.49 13.59 -11.00
CA VAL D 136 -35.53 14.64 -10.70
C VAL D 136 -35.26 15.49 -11.94
N CYS D 137 -34.97 16.78 -11.72
CA CYS D 137 -34.51 17.73 -12.73
C CYS D 137 -33.03 18.05 -12.55
N LEU D 138 -32.28 17.92 -13.65
CA LEU D 138 -30.86 18.24 -13.64
C LEU D 138 -30.61 19.48 -14.50
N PHE D 139 -30.41 20.64 -13.87
CA PHE D 139 -29.91 21.83 -14.59
C PHE D 139 -28.41 21.66 -14.76
N THR D 140 -27.93 21.54 -16.00
CA THR D 140 -26.51 21.31 -16.21
C THR D 140 -26.00 22.17 -17.38
N ASP D 141 -24.65 22.29 -17.45
CA ASP D 141 -23.86 22.86 -18.53
C ASP D 141 -23.92 24.40 -18.60
N PHE D 142 -24.42 25.05 -17.56
CA PHE D 142 -24.38 26.51 -17.44
C PHE D 142 -22.95 26.97 -17.09
N ASP D 143 -22.67 28.26 -17.36
CA ASP D 143 -21.41 28.92 -17.04
C ASP D 143 -21.44 29.32 -15.57
N SER D 144 -20.26 29.68 -15.02
CA SER D 144 -20.04 29.75 -13.58
C SER D 144 -20.69 30.98 -12.96
N GLN D 145 -21.31 31.83 -13.80
CA GLN D 145 -21.84 33.13 -13.41
C GLN D 145 -23.26 32.96 -12.87
N THR D 146 -23.94 31.92 -13.36
CA THR D 146 -25.33 31.66 -12.98
C THR D 146 -25.39 31.31 -11.50
N ASN D 147 -26.36 31.88 -10.80
CA ASN D 147 -26.62 31.58 -9.39
C ASN D 147 -27.98 30.94 -9.25
N VAL D 148 -27.97 29.80 -8.54
CA VAL D 148 -29.18 29.02 -8.30
C VAL D 148 -29.73 29.33 -6.91
N SER D 149 -30.99 29.74 -6.83
CA SER D 149 -31.65 30.00 -5.56
C SER D 149 -32.54 28.83 -5.17
N GLN D 150 -32.74 28.68 -3.85
CA GLN D 150 -33.71 27.76 -3.26
C GLN D 150 -35.12 28.09 -3.77
N SER D 151 -36.02 27.10 -3.80
CA SER D 151 -37.36 27.37 -4.29
C SER D 151 -38.20 28.07 -3.23
N LYS D 152 -39.36 28.58 -3.65
CA LYS D 152 -40.34 29.17 -2.75
C LYS D 152 -41.14 28.07 -2.04
N ASP D 153 -41.22 26.89 -2.67
CA ASP D 153 -42.05 25.83 -2.13
C ASP D 153 -41.21 24.94 -1.22
N SER D 154 -41.67 24.71 0.01
CA SER D 154 -40.93 23.90 0.96
C SER D 154 -40.90 22.43 0.54
N ASP D 155 -41.72 22.08 -0.47
CA ASP D 155 -41.80 20.72 -0.99
C ASP D 155 -41.04 20.54 -2.29
N VAL D 156 -40.27 21.57 -2.65
CA VAL D 156 -39.35 21.48 -3.77
C VAL D 156 -37.92 21.60 -3.22
N TYR D 157 -37.04 20.69 -3.65
CA TYR D 157 -35.71 20.65 -3.09
C TYR D 157 -34.72 20.93 -4.20
N ILE D 158 -33.82 21.89 -3.95
CA ILE D 158 -32.79 22.32 -4.91
C ILE D 158 -31.43 22.31 -4.23
N THR D 159 -30.49 21.55 -4.78
CA THR D 159 -29.13 21.46 -4.27
C THR D 159 -28.35 22.71 -4.70
N ASP D 160 -27.16 22.91 -4.13
CA ASP D 160 -26.27 23.98 -4.57
C ASP D 160 -25.57 23.56 -5.85
N LYS D 161 -24.87 24.53 -6.46
CA LYS D 161 -24.06 24.25 -7.64
C LYS D 161 -22.96 23.24 -7.28
N CYS D 162 -22.51 22.50 -8.29
CA CYS D 162 -21.57 21.44 -8.10
C CYS D 162 -20.76 21.30 -9.40
N VAL D 163 -19.41 21.22 -9.27
CA VAL D 163 -18.56 21.08 -10.44
C VAL D 163 -18.01 19.67 -10.53
N LEU D 164 -18.31 18.97 -11.64
CA LEU D 164 -17.66 17.70 -11.99
C LEU D 164 -16.62 17.94 -13.07
N ASP D 165 -15.61 17.07 -13.06
CA ASP D 165 -14.50 17.14 -13.99
C ASP D 165 -14.34 15.74 -14.58
N MET D 166 -14.69 15.58 -15.86
CA MET D 166 -14.46 14.31 -16.51
C MET D 166 -13.01 14.25 -16.96
N ARG D 167 -12.10 14.00 -16.00
CA ARG D 167 -10.65 13.89 -16.17
C ARG D 167 -10.26 13.15 -17.46
N SER D 168 -11.04 12.12 -17.79
CA SER D 168 -10.83 11.30 -18.98
C SER D 168 -10.91 12.13 -20.27
N MET D 169 -11.76 13.17 -20.32
CA MET D 169 -11.96 14.01 -21.50
C MET D 169 -11.57 15.48 -21.26
N ASP D 170 -10.95 15.74 -20.10
CA ASP D 170 -10.53 17.05 -19.65
C ASP D 170 -11.63 18.10 -19.80
N PHE D 171 -12.81 17.82 -19.25
CA PHE D 171 -13.98 18.68 -19.42
C PHE D 171 -14.64 18.91 -18.06
N LYS D 172 -14.91 20.19 -17.73
CA LYS D 172 -15.58 20.51 -16.47
C LYS D 172 -16.99 21.02 -16.77
N SER D 173 -17.86 20.97 -15.76
CA SER D 173 -19.29 21.22 -15.92
C SER D 173 -19.86 21.68 -14.59
N ASN D 174 -20.83 22.62 -14.65
CA ASN D 174 -21.61 22.93 -13.46
C ASN D 174 -22.93 22.17 -13.50
N SER D 175 -23.61 22.04 -12.36
CA SER D 175 -24.86 21.30 -12.26
C SER D 175 -25.58 21.72 -10.99
N ALA D 176 -26.92 21.81 -11.03
CA ALA D 176 -27.71 21.78 -9.81
C ALA D 176 -28.86 20.81 -10.01
N VAL D 177 -29.35 20.24 -8.90
CA VAL D 177 -30.39 19.23 -8.99
C VAL D 177 -31.61 19.72 -8.21
N ALA D 178 -32.82 19.40 -8.71
CA ALA D 178 -34.04 19.79 -8.02
C ALA D 178 -35.05 18.67 -8.18
N TRP D 179 -35.88 18.43 -7.15
CA TRP D 179 -36.89 17.38 -7.17
C TRP D 179 -38.01 17.74 -6.18
N SER D 180 -39.18 17.12 -6.34
CA SER D 180 -40.35 17.43 -5.52
C SER D 180 -41.25 16.21 -5.50
N ASN D 181 -42.04 16.06 -4.43
CA ASN D 181 -43.06 15.01 -4.36
C ASN D 181 -44.39 15.50 -4.93
N LYS D 182 -44.58 16.81 -5.04
CA LYS D 182 -45.81 17.35 -5.60
C LYS D 182 -45.84 17.03 -7.09
N SER D 183 -47.05 16.80 -7.63
CA SER D 183 -47.29 16.58 -9.04
C SER D 183 -47.41 17.90 -9.79
N ASP D 184 -47.50 19.00 -9.04
CA ASP D 184 -47.48 20.36 -9.57
C ASP D 184 -46.06 20.81 -9.91
N PHE D 185 -45.24 19.97 -10.54
CA PHE D 185 -43.82 20.25 -10.57
C PHE D 185 -43.25 19.62 -11.82
N ALA D 186 -42.59 20.42 -12.67
CA ALA D 186 -41.88 19.93 -13.85
C ALA D 186 -40.51 20.59 -13.95
N CYS D 187 -39.70 20.14 -14.92
CA CYS D 187 -38.37 20.69 -15.14
C CYS D 187 -38.44 22.17 -15.55
N ALA D 188 -39.62 22.58 -15.99
CA ALA D 188 -39.87 23.90 -16.58
C ALA D 188 -40.09 24.97 -15.50
N ASN D 189 -40.52 24.55 -14.30
CA ASN D 189 -40.93 25.48 -13.25
C ASN D 189 -40.02 25.36 -12.01
N ALA D 190 -38.95 24.56 -12.13
CA ALA D 190 -38.16 24.16 -10.98
C ALA D 190 -37.17 25.27 -10.58
N PHE D 191 -36.55 25.88 -11.60
CA PHE D 191 -35.56 26.91 -11.35
C PHE D 191 -36.18 28.30 -11.50
N ASN D 192 -37.40 28.49 -11.00
CA ASN D 192 -38.17 29.68 -11.32
C ASN D 192 -37.77 30.85 -10.44
N ASN D 193 -37.34 30.54 -9.22
CA ASN D 193 -36.89 31.54 -8.28
C ASN D 193 -35.50 32.05 -8.65
N SER D 194 -34.74 31.23 -9.39
CA SER D 194 -33.39 31.56 -9.81
C SER D 194 -33.47 32.42 -11.09
N ILE D 195 -32.36 33.07 -11.46
CA ILE D 195 -32.23 33.67 -12.78
C ILE D 195 -31.31 32.76 -13.60
N ILE D 196 -31.86 32.22 -14.69
CA ILE D 196 -31.13 31.33 -15.60
C ILE D 196 -30.90 32.00 -16.95
N PRO D 197 -29.83 31.63 -17.68
CA PRO D 197 -29.56 32.17 -19.01
C PRO D 197 -30.80 32.04 -19.92
N GLU D 198 -30.89 32.96 -20.90
CA GLU D 198 -32.10 33.08 -21.68
C GLU D 198 -32.16 31.93 -22.67
N ASP D 199 -30.97 31.47 -23.07
CA ASP D 199 -30.79 30.37 -24.02
C ASP D 199 -30.91 28.99 -23.36
N THR D 200 -31.29 28.93 -22.07
CA THR D 200 -31.43 27.64 -21.40
C THR D 200 -32.42 26.77 -22.19
N PHE D 201 -31.96 25.54 -22.51
CA PHE D 201 -32.67 24.52 -23.27
C PHE D 201 -33.50 23.67 -22.31
N PHE D 202 -34.78 23.53 -22.65
CA PHE D 202 -35.67 22.68 -21.88
C PHE D 202 -36.25 21.63 -22.83
N PRO D 203 -35.74 20.38 -22.89
CA PRO D 203 -36.39 19.32 -23.69
C PRO D 203 -37.75 18.97 -23.11
N SER D 204 -38.53 18.16 -23.84
CA SER D 204 -39.79 17.63 -23.33
C SER D 204 -39.58 16.17 -22.92
N PRO D 205 -40.20 15.67 -21.83
CA PRO D 205 -40.13 14.24 -21.53
C PRO D 205 -41.11 13.47 -22.42
N SER E 3 -9.72 -35.48 -11.32
CA SER E 3 -8.92 -35.94 -10.15
C SER E 3 -9.81 -36.32 -8.98
N HIS E 4 -9.58 -37.51 -8.41
CA HIS E 4 -10.47 -38.08 -7.41
C HIS E 4 -9.66 -38.90 -6.41
N SER E 5 -10.36 -39.38 -5.37
CA SER E 5 -9.73 -40.13 -4.31
C SER E 5 -10.71 -41.10 -3.66
N MET E 6 -10.14 -42.19 -3.13
CA MET E 6 -10.81 -43.04 -2.17
C MET E 6 -9.92 -43.19 -0.92
N ARG E 7 -10.58 -43.21 0.25
CA ARG E 7 -9.85 -43.29 1.50
C ARG E 7 -10.72 -43.93 2.58
N TYR E 8 -10.10 -44.82 3.40
CA TYR E 8 -10.75 -45.49 4.51
C TYR E 8 -10.12 -45.00 5.81
N PHE E 9 -10.96 -44.88 6.85
CA PHE E 9 -10.50 -44.32 8.12
C PHE E 9 -10.91 -45.25 9.25
N TYR E 10 -9.95 -45.85 9.93
CA TYR E 10 -10.26 -46.88 10.92
C TYR E 10 -9.91 -46.35 12.29
N THR E 11 -10.79 -46.60 13.28
CA THR E 11 -10.53 -46.16 14.65
C THR E 11 -10.76 -47.35 15.54
N SER E 12 -9.77 -47.67 16.38
CA SER E 12 -9.95 -48.65 17.44
C SER E 12 -9.62 -48.04 18.80
N VAL E 13 -10.56 -48.22 19.75
CA VAL E 13 -10.43 -47.75 21.13
C VAL E 13 -10.64 -48.96 22.04
N SER E 14 -9.62 -49.30 22.85
CA SER E 14 -9.73 -50.41 23.77
C SER E 14 -10.49 -49.97 25.00
N ARG E 15 -11.13 -50.93 25.67
CA ARG E 15 -11.93 -50.67 26.85
C ARG E 15 -11.75 -51.89 27.78
N PRO E 16 -10.66 -51.87 28.59
CA PRO E 16 -10.34 -53.02 29.43
C PRO E 16 -11.48 -53.40 30.39
N GLY E 17 -11.68 -54.70 30.53
CA GLY E 17 -12.82 -55.21 31.27
C GLY E 17 -14.01 -55.40 30.34
N ARG E 18 -14.42 -54.31 29.69
CA ARG E 18 -15.70 -54.25 29.00
C ARG E 18 -15.73 -55.04 27.69
N GLY E 19 -14.61 -55.60 27.23
CA GLY E 19 -14.66 -56.53 26.11
C GLY E 19 -13.71 -56.11 24.99
N GLU E 20 -14.01 -56.60 23.79
CA GLU E 20 -13.23 -56.28 22.61
C GLU E 20 -13.23 -54.76 22.39
N PRO E 21 -12.15 -54.17 21.84
CA PRO E 21 -12.19 -52.77 21.43
C PRO E 21 -13.38 -52.48 20.53
N ARG E 22 -13.84 -51.22 20.56
CA ARG E 22 -14.75 -50.73 19.56
C ARG E 22 -13.95 -50.44 18.29
N PHE E 23 -14.51 -50.89 17.14
CA PHE E 23 -13.91 -50.55 15.87
C PHE E 23 -14.90 -49.76 15.04
N ILE E 24 -14.45 -48.64 14.46
CA ILE E 24 -15.27 -47.86 13.56
C ILE E 24 -14.46 -47.55 12.30
N SER E 25 -15.15 -47.70 11.17
CA SER E 25 -14.53 -47.41 9.90
C SER E 25 -15.56 -46.64 9.08
N VAL E 26 -15.09 -45.60 8.38
CA VAL E 26 -15.90 -44.86 7.43
C VAL E 26 -15.11 -44.75 6.12
N GLY E 27 -15.82 -44.88 4.99
CA GLY E 27 -15.19 -44.82 3.68
C GLY E 27 -15.75 -43.65 2.85
N TYR E 28 -14.82 -42.99 2.13
CA TYR E 28 -15.03 -41.77 1.39
C TYR E 28 -14.55 -41.95 -0.06
N VAL E 29 -15.38 -41.50 -1.01
CA VAL E 29 -14.88 -41.09 -2.31
C VAL E 29 -14.93 -39.56 -2.32
N ASP E 30 -13.78 -38.94 -2.62
CA ASP E 30 -13.63 -37.49 -2.52
C ASP E 30 -14.05 -37.08 -1.13
N ASP E 31 -15.08 -36.25 -1.01
CA ASP E 31 -15.52 -35.76 0.29
C ASP E 31 -16.90 -36.31 0.63
N THR E 32 -17.27 -37.43 -0.02
CA THR E 32 -18.56 -38.08 0.17
C THR E 32 -18.38 -39.38 0.97
N GLN E 33 -18.96 -39.45 2.17
CA GLN E 33 -18.99 -40.70 2.89
C GLN E 33 -19.97 -41.65 2.18
N PHE E 34 -19.52 -42.88 1.88
CA PHE E 34 -20.36 -43.84 1.19
C PHE E 34 -20.57 -45.13 1.98
N VAL E 35 -19.71 -45.37 2.99
CA VAL E 35 -19.85 -46.58 3.78
C VAL E 35 -19.45 -46.32 5.23
N ARG E 36 -20.01 -47.14 6.12
CA ARG E 36 -19.63 -47.16 7.52
C ARG E 36 -19.65 -48.58 8.10
N PHE E 37 -19.04 -48.77 9.25
CA PHE E 37 -19.15 -50.03 9.96
C PHE E 37 -18.88 -49.75 11.42
N ASP E 38 -19.80 -50.20 12.29
CA ASP E 38 -19.56 -50.01 13.69
C ASP E 38 -19.70 -51.34 14.43
N SER E 39 -18.67 -51.69 15.21
CA SER E 39 -18.61 -52.99 15.86
C SER E 39 -19.68 -53.09 16.94
N ASP E 40 -20.17 -51.94 17.43
CA ASP E 40 -21.09 -51.91 18.56
C ASP E 40 -22.55 -51.82 18.09
N ALA E 41 -22.81 -52.00 16.80
CA ALA E 41 -24.19 -52.18 16.37
C ALA E 41 -24.69 -53.54 16.88
N ALA E 42 -26.02 -53.74 16.82
CA ALA E 42 -26.62 -54.98 17.34
C ALA E 42 -26.17 -56.14 16.45
N SER E 43 -26.36 -55.98 15.13
CA SER E 43 -25.78 -56.83 14.11
C SER E 43 -24.78 -56.06 13.23
N PRO E 44 -23.46 -56.02 13.57
CA PRO E 44 -22.51 -55.21 12.79
C PRO E 44 -22.55 -55.61 11.31
N ARG E 45 -22.85 -54.67 10.43
CA ARG E 45 -22.74 -54.90 9.00
C ARG E 45 -22.11 -53.66 8.38
N GLU E 46 -21.39 -53.81 7.27
CA GLU E 46 -21.14 -52.63 6.45
C GLU E 46 -22.50 -52.15 5.96
N GLU E 47 -22.74 -50.84 6.06
CA GLU E 47 -23.95 -50.18 5.60
C GLU E 47 -23.61 -49.04 4.65
N PRO E 48 -24.52 -48.74 3.69
CA PRO E 48 -24.31 -47.65 2.74
C PRO E 48 -24.72 -46.27 3.26
N ARG E 49 -24.10 -45.19 2.74
CA ARG E 49 -24.36 -43.83 3.20
C ARG E 49 -24.33 -42.83 2.05
N ALA E 50 -24.11 -43.33 0.82
CA ALA E 50 -24.31 -42.58 -0.40
C ALA E 50 -25.35 -43.32 -1.23
N PRO E 51 -26.18 -42.65 -2.05
CA PRO E 51 -27.23 -43.35 -2.82
C PRO E 51 -26.73 -44.35 -3.87
N TRP E 52 -25.51 -44.12 -4.36
CA TRP E 52 -25.01 -44.83 -5.53
C TRP E 52 -24.36 -46.18 -5.20
N ILE E 53 -24.19 -46.52 -3.93
CA ILE E 53 -23.49 -47.73 -3.53
C ILE E 53 -24.53 -48.75 -3.14
N GLU E 54 -25.82 -48.37 -3.13
CA GLU E 54 -26.86 -49.28 -2.66
C GLU E 54 -27.18 -50.30 -3.75
N GLN E 55 -26.74 -49.98 -4.98
CA GLN E 55 -26.92 -50.85 -6.11
C GLN E 55 -26.06 -52.11 -5.97
N GLU E 56 -25.13 -52.15 -5.00
CA GLU E 56 -24.30 -53.31 -4.78
C GLU E 56 -25.13 -54.47 -4.27
N GLY E 57 -24.75 -55.67 -4.72
CA GLY E 57 -25.40 -56.92 -4.34
C GLY E 57 -25.04 -57.36 -2.93
N PRO E 58 -25.73 -58.38 -2.38
CA PRO E 58 -25.55 -58.75 -0.98
C PRO E 58 -24.17 -59.30 -0.66
N GLU E 59 -23.48 -59.85 -1.68
CA GLU E 59 -22.13 -60.37 -1.52
C GLU E 59 -21.15 -59.26 -1.16
N TYR E 60 -21.23 -58.12 -1.88
CA TYR E 60 -20.37 -56.99 -1.56
C TYR E 60 -20.40 -56.79 -0.04
N TRP E 61 -21.61 -56.64 0.53
CA TRP E 61 -21.77 -56.26 1.93
C TRP E 61 -21.34 -57.36 2.89
N ASP E 62 -21.72 -58.60 2.56
CA ASP E 62 -21.44 -59.73 3.42
C ASP E 62 -19.93 -59.95 3.51
N ARG E 63 -19.28 -59.94 2.34
CA ARG E 63 -17.83 -59.99 2.23
C ARG E 63 -17.20 -58.88 3.06
N ASN E 64 -17.65 -57.64 2.86
CA ASN E 64 -17.01 -56.49 3.49
C ASN E 64 -17.16 -56.57 5.01
N THR E 65 -18.31 -57.07 5.47
CA THR E 65 -18.51 -57.22 6.90
C THR E 65 -17.43 -58.13 7.46
N GLN E 66 -17.12 -59.21 6.74
CA GLN E 66 -16.15 -60.18 7.21
C GLN E 66 -14.78 -59.51 7.32
N ILE E 67 -14.47 -58.64 6.34
CA ILE E 67 -13.17 -58.01 6.28
C ILE E 67 -13.02 -57.05 7.46
N TYR E 68 -14.14 -56.34 7.81
CA TYR E 68 -14.17 -55.34 8.88
C TYR E 68 -14.00 -56.04 10.22
N LYS E 69 -14.73 -57.16 10.36
CA LYS E 69 -14.72 -57.90 11.59
C LYS E 69 -13.31 -58.42 11.84
N ALA E 70 -12.58 -58.70 10.75
CA ALA E 70 -11.22 -59.20 10.85
C ALA E 70 -10.25 -58.06 11.15
N GLN E 71 -10.48 -56.90 10.52
CA GLN E 71 -9.57 -55.80 10.75
C GLN E 71 -9.63 -55.46 12.25
N ALA E 72 -10.86 -55.57 12.80
CA ALA E 72 -11.08 -55.25 14.19
C ALA E 72 -10.16 -56.11 15.07
N GLN E 73 -10.17 -57.43 14.81
CA GLN E 73 -9.29 -58.43 15.45
C GLN E 73 -7.82 -58.06 15.27
N THR E 74 -7.41 -57.72 14.05
CA THR E 74 -6.03 -57.31 13.81
C THR E 74 -5.65 -56.12 14.70
N ASP E 75 -6.52 -55.09 14.69
CA ASP E 75 -6.33 -53.81 15.40
C ASP E 75 -6.16 -54.07 16.88
N ARG E 76 -6.93 -55.02 17.40
CA ARG E 76 -6.84 -55.47 18.78
C ARG E 76 -5.43 -55.99 19.11
N GLU E 77 -4.87 -56.76 18.17
CA GLU E 77 -3.55 -57.35 18.29
C GLU E 77 -2.46 -56.29 18.13
N SER E 78 -2.58 -55.42 17.12
CA SER E 78 -1.65 -54.29 17.05
C SER E 78 -1.69 -53.41 18.32
N LEU E 79 -2.89 -53.16 18.84
CA LEU E 79 -3.00 -52.40 20.06
C LEU E 79 -2.13 -52.99 21.17
N ARG E 80 -2.17 -54.32 21.29
CA ARG E 80 -1.42 -55.00 22.33
C ARG E 80 0.08 -54.83 22.06
N ASN E 81 0.47 -55.15 20.81
CA ASN E 81 1.84 -55.00 20.35
C ASN E 81 2.44 -53.66 20.79
N LEU E 82 1.63 -52.61 20.72
CA LEU E 82 2.07 -51.26 21.01
C LEU E 82 2.31 -51.11 22.53
N ARG E 83 1.39 -51.67 23.34
CA ARG E 83 1.49 -51.53 24.78
C ARG E 83 2.82 -52.12 25.23
N GLY E 84 3.23 -53.21 24.56
CA GLY E 84 4.51 -53.87 24.83
C GLY E 84 5.72 -53.02 24.46
N TYR E 85 5.69 -52.34 23.29
CA TYR E 85 6.78 -51.49 22.85
C TYR E 85 7.00 -50.31 23.81
N TYR E 86 5.92 -49.82 24.44
CA TYR E 86 5.96 -48.68 25.35
C TYR E 86 5.77 -49.12 26.79
N ASN E 87 5.83 -50.43 27.07
CA ASN E 87 5.75 -50.97 28.41
C ASN E 87 4.57 -50.38 29.18
N GLN E 88 3.42 -50.24 28.51
CA GLN E 88 2.22 -49.73 29.13
C GLN E 88 1.42 -50.89 29.69
N SER E 89 0.73 -50.69 30.82
CA SER E 89 -0.04 -51.75 31.45
C SER E 89 -1.29 -52.03 30.65
N GLU E 90 -1.76 -53.26 30.82
CA GLU E 90 -2.87 -53.84 30.11
C GLU E 90 -4.19 -53.20 30.57
N ALA E 91 -4.15 -52.34 31.60
CA ALA E 91 -5.38 -51.96 32.26
C ALA E 91 -5.98 -50.66 31.69
N GLY E 92 -5.21 -49.94 30.86
CA GLY E 92 -5.65 -48.64 30.37
C GLY E 92 -6.23 -48.66 28.94
N SER E 93 -7.08 -47.66 28.66
CA SER E 93 -7.71 -47.48 27.36
C SER E 93 -6.74 -46.77 26.41
N HIS E 94 -6.71 -47.18 25.14
CA HIS E 94 -5.81 -46.66 24.13
C HIS E 94 -6.52 -46.59 22.78
N THR E 95 -6.06 -45.69 21.89
CA THR E 95 -6.65 -45.50 20.57
C THR E 95 -5.62 -45.80 19.49
N LEU E 96 -6.04 -46.59 18.48
CA LEU E 96 -5.29 -46.73 17.24
C LEU E 96 -6.15 -46.23 16.09
N GLN E 97 -5.55 -45.37 15.25
CA GLN E 97 -6.23 -44.80 14.10
C GLN E 97 -5.40 -45.09 12.85
N SER E 98 -6.10 -45.40 11.75
CA SER E 98 -5.42 -45.84 10.54
C SER E 98 -6.10 -45.16 9.36
N MET E 99 -5.28 -44.73 8.38
CA MET E 99 -5.86 -44.27 7.14
C MET E 99 -5.05 -44.76 5.95
N TYR E 100 -5.73 -45.19 4.90
CA TYR E 100 -5.08 -45.64 3.66
C TYR E 100 -6.03 -45.23 2.52
N GLY E 101 -5.44 -45.09 1.33
CA GLY E 101 -6.21 -44.66 0.17
C GLY E 101 -5.35 -44.23 -1.02
N CYS E 102 -6.03 -43.85 -2.09
CA CYS E 102 -5.40 -43.53 -3.35
C CYS E 102 -6.03 -42.26 -3.91
N ASP E 103 -5.21 -41.40 -4.54
CA ASP E 103 -5.65 -40.24 -5.29
C ASP E 103 -5.27 -40.51 -6.73
N VAL E 104 -6.23 -40.32 -7.65
CA VAL E 104 -6.02 -40.59 -9.07
C VAL E 104 -6.19 -39.29 -9.86
N GLY E 105 -5.57 -39.21 -11.04
CA GLY E 105 -5.73 -38.11 -11.99
C GLY E 105 -6.99 -38.29 -12.85
N PRO E 106 -7.33 -37.38 -13.80
CA PRO E 106 -8.44 -37.67 -14.72
C PRO E 106 -8.08 -38.85 -15.62
N ASP E 107 -6.76 -39.12 -15.65
CA ASP E 107 -6.08 -40.35 -16.05
C ASP E 107 -6.83 -41.59 -15.55
N GLY E 108 -7.26 -41.56 -14.28
CA GLY E 108 -7.78 -42.72 -13.57
C GLY E 108 -6.65 -43.52 -12.92
N ARG E 109 -5.40 -43.03 -13.07
CA ARG E 109 -4.22 -43.73 -12.58
C ARG E 109 -3.65 -43.05 -11.34
N LEU E 110 -3.02 -43.84 -10.48
CA LEU E 110 -2.60 -43.37 -9.18
C LEU E 110 -1.67 -42.17 -9.35
N LEU E 111 -1.99 -41.07 -8.63
CA LEU E 111 -1.05 -39.98 -8.43
C LEU E 111 -0.33 -40.12 -7.08
N ARG E 112 -1.11 -40.27 -6.01
CA ARG E 112 -0.54 -40.40 -4.68
C ARG E 112 -1.29 -41.48 -3.93
N GLY E 113 -0.53 -42.23 -3.09
CA GLY E 113 -1.06 -43.24 -2.19
C GLY E 113 -0.78 -42.98 -0.71
N HIS E 114 -1.57 -43.57 0.18
CA HIS E 114 -1.46 -43.31 1.60
C HIS E 114 -1.64 -44.59 2.38
N ASP E 115 -0.87 -44.72 3.46
CA ASP E 115 -1.05 -45.81 4.41
C ASP E 115 -0.34 -45.44 5.72
N GLN E 116 -1.07 -44.83 6.66
CA GLN E 116 -0.46 -44.24 7.84
C GLN E 116 -1.23 -44.57 9.10
N TYR E 117 -0.53 -44.52 10.22
CA TYR E 117 -1.11 -44.91 11.50
C TYR E 117 -0.79 -43.86 12.56
N ALA E 118 -1.72 -43.66 13.49
CA ALA E 118 -1.45 -42.83 14.65
C ALA E 118 -1.93 -43.52 15.93
N TYR E 119 -1.08 -43.47 16.97
CA TYR E 119 -1.34 -44.15 18.23
C TYR E 119 -1.49 -43.11 19.32
N ASP E 120 -2.55 -43.24 20.13
CA ASP E 120 -2.81 -42.38 21.27
C ASP E 120 -2.75 -40.91 20.84
N GLY E 121 -3.27 -40.64 19.63
CA GLY E 121 -3.42 -39.30 19.10
C GLY E 121 -2.16 -38.72 18.46
N LYS E 122 -1.08 -39.51 18.30
CA LYS E 122 0.10 -38.94 17.67
C LYS E 122 0.64 -39.87 16.59
N ASP E 123 1.23 -39.24 15.56
CA ASP E 123 1.81 -39.93 14.43
C ASP E 123 2.63 -41.12 14.92
N TYR E 124 2.47 -42.29 14.28
CA TYR E 124 3.28 -43.45 14.64
C TYR E 124 4.18 -43.87 13.49
N ILE E 125 3.58 -44.28 12.39
CA ILE E 125 4.36 -44.69 11.23
C ILE E 125 3.58 -44.33 9.96
N ALA E 126 4.30 -44.05 8.88
CA ALA E 126 3.63 -43.73 7.63
C ALA E 126 4.42 -44.26 6.43
N LEU E 127 3.66 -44.64 5.41
CA LEU E 127 4.26 -44.95 4.14
C LEU E 127 4.63 -43.65 3.43
N ASN E 128 5.89 -43.55 2.96
CA ASN E 128 6.32 -42.37 2.22
C ASN E 128 5.63 -42.34 0.87
N GLU E 129 5.85 -41.30 0.04
CA GLU E 129 5.06 -41.21 -1.18
C GLU E 129 5.60 -42.05 -2.32
N ASP E 130 6.81 -42.58 -2.11
CA ASP E 130 7.47 -43.48 -3.05
C ASP E 130 6.79 -44.84 -2.97
N LEU E 131 5.97 -45.04 -1.91
CA LEU E 131 5.28 -46.30 -1.65
C LEU E 131 6.34 -47.38 -1.57
N ARG E 132 7.48 -47.02 -0.96
CA ARG E 132 8.66 -47.86 -0.95
C ARG E 132 9.27 -47.88 0.44
N SER E 133 9.09 -46.82 1.24
CA SER E 133 9.78 -46.72 2.52
C SER E 133 8.89 -46.14 3.61
N TRP E 134 9.37 -46.24 4.87
CA TRP E 134 8.56 -45.93 6.04
C TRP E 134 9.14 -44.75 6.83
N THR E 135 8.34 -43.71 7.10
CA THR E 135 8.73 -42.71 8.10
C THR E 135 8.19 -43.14 9.48
N ALA E 136 9.11 -43.38 10.41
CA ALA E 136 8.75 -43.64 11.81
C ALA E 136 8.81 -42.34 12.62
N ALA E 137 7.96 -42.22 13.64
CA ALA E 137 7.90 -41.02 14.46
C ALA E 137 8.74 -41.15 15.73
N ASP E 138 8.77 -42.31 16.38
CA ASP E 138 9.60 -42.48 17.57
C ASP E 138 10.39 -43.79 17.47
N THR E 139 10.98 -44.26 18.59
CA THR E 139 11.86 -45.41 18.55
C THR E 139 11.06 -46.71 18.58
N ALA E 140 9.85 -46.67 19.18
CA ALA E 140 8.94 -47.82 19.13
C ALA E 140 8.44 -48.06 17.69
N ALA E 141 8.25 -46.98 16.91
CA ALA E 141 7.78 -47.12 15.53
C ALA E 141 8.85 -47.72 14.64
N GLN E 142 10.11 -47.66 15.12
CA GLN E 142 11.23 -48.21 14.37
C GLN E 142 11.26 -49.71 14.55
N ILE E 143 10.68 -50.17 15.66
CA ILE E 143 10.45 -51.59 15.84
C ILE E 143 9.49 -52.08 14.76
N THR E 144 8.28 -51.49 14.68
CA THR E 144 7.34 -51.84 13.63
C THR E 144 8.07 -51.77 12.29
N GLN E 145 8.87 -50.70 12.10
CA GLN E 145 9.50 -50.43 10.82
C GLN E 145 10.43 -51.56 10.39
N ARG E 146 11.29 -52.06 11.29
CA ARG E 146 12.25 -53.10 10.97
C ARG E 146 11.51 -54.36 10.58
N LYS E 147 10.50 -54.70 11.38
CA LYS E 147 9.64 -55.86 11.15
C LYS E 147 9.01 -55.81 9.75
N TRP E 148 8.46 -54.65 9.38
CA TRP E 148 7.77 -54.48 8.10
C TRP E 148 8.74 -54.42 6.93
N GLU E 149 9.99 -54.01 7.18
CA GLU E 149 10.98 -53.92 6.12
C GLU E 149 11.50 -55.32 5.82
N ALA E 150 11.68 -56.10 6.89
CA ALA E 150 12.09 -57.49 6.78
C ALA E 150 11.10 -58.23 5.90
N ALA E 151 9.80 -57.96 6.11
CA ALA E 151 8.74 -58.66 5.39
C ALA E 151 8.27 -57.91 4.13
N ARG E 152 9.09 -56.95 3.66
CA ARG E 152 8.87 -56.21 2.42
C ARG E 152 7.41 -55.77 2.32
N GLU E 153 6.87 -55.23 3.42
CA GLU E 153 5.47 -54.85 3.49
C GLU E 153 5.15 -53.67 2.58
N ALA E 154 6.12 -52.75 2.39
CA ALA E 154 5.87 -51.64 1.47
C ALA E 154 5.38 -52.13 0.11
N GLU E 155 5.98 -53.19 -0.43
CA GLU E 155 5.67 -53.70 -1.76
C GLU E 155 4.21 -54.10 -1.82
N GLN E 156 3.74 -54.76 -0.75
CA GLN E 156 2.34 -55.20 -0.64
C GLN E 156 1.36 -54.03 -0.58
N ARG E 157 1.65 -53.01 0.22
CA ARG E 157 0.76 -51.85 0.29
C ARG E 157 0.79 -51.08 -1.04
N ARG E 158 1.96 -51.07 -1.69
CA ARG E 158 2.09 -50.47 -2.99
C ARG E 158 1.20 -51.21 -3.99
N ALA E 159 1.25 -52.55 -3.91
CA ALA E 159 0.51 -53.40 -4.82
C ALA E 159 -0.99 -53.13 -4.67
N TYR E 160 -1.44 -53.03 -3.40
CA TYR E 160 -2.83 -52.75 -3.09
C TYR E 160 -3.23 -51.41 -3.74
N LEU E 161 -2.44 -50.37 -3.45
CA LEU E 161 -2.76 -48.98 -3.76
C LEU E 161 -2.78 -48.77 -5.27
N GLU E 162 -1.75 -49.29 -5.97
CA GLU E 162 -1.66 -49.20 -7.41
C GLU E 162 -2.71 -50.08 -8.09
N GLY E 163 -3.11 -51.19 -7.45
CA GLY E 163 -3.77 -52.30 -8.13
C GLY E 163 -5.27 -52.35 -7.82
N GLU E 164 -5.63 -52.44 -6.53
CA GLU E 164 -7.03 -52.68 -6.20
C GLU E 164 -7.74 -51.37 -5.87
N CYS E 165 -7.04 -50.53 -5.14
CA CYS E 165 -7.63 -49.30 -4.65
C CYS E 165 -8.22 -48.50 -5.82
N VAL E 166 -7.43 -48.36 -6.88
CA VAL E 166 -7.76 -47.59 -8.06
C VAL E 166 -8.98 -48.18 -8.75
N GLU E 167 -9.06 -49.52 -8.75
CA GLU E 167 -10.07 -50.20 -9.54
C GLU E 167 -11.42 -50.01 -8.87
N TRP E 168 -11.39 -50.06 -7.54
CA TRP E 168 -12.60 -49.84 -6.76
C TRP E 168 -13.06 -48.40 -6.93
N LEU E 169 -12.10 -47.46 -6.82
CA LEU E 169 -12.40 -46.04 -7.03
C LEU E 169 -13.01 -45.78 -8.40
N ARG E 170 -12.38 -46.30 -9.46
CA ARG E 170 -12.87 -46.11 -10.81
C ARG E 170 -14.32 -46.62 -10.91
N ARG E 171 -14.59 -47.72 -10.23
CA ARG E 171 -15.91 -48.30 -10.33
C ARG E 171 -16.94 -47.42 -9.62
N TYR E 172 -16.57 -46.89 -8.44
CA TYR E 172 -17.49 -46.08 -7.64
C TYR E 172 -17.80 -44.76 -8.35
N LEU E 173 -16.82 -44.23 -9.09
CA LEU E 173 -16.99 -43.07 -9.97
C LEU E 173 -18.01 -43.36 -11.09
N GLU E 174 -17.92 -44.55 -11.68
CA GLU E 174 -18.88 -44.97 -12.69
C GLU E 174 -20.26 -45.06 -12.05
N ASN E 175 -20.36 -45.70 -10.88
CA ASN E 175 -21.66 -45.84 -10.24
C ASN E 175 -22.26 -44.48 -9.89
N GLY E 176 -21.41 -43.55 -9.46
CA GLY E 176 -21.83 -42.27 -8.89
C GLY E 176 -22.03 -41.18 -9.94
N LYS E 177 -21.11 -41.09 -10.91
CA LYS E 177 -21.27 -40.22 -12.07
C LYS E 177 -21.52 -38.78 -11.63
N ASP E 178 -22.60 -38.18 -12.17
CA ASP E 178 -23.03 -36.81 -11.93
C ASP E 178 -22.78 -36.34 -10.50
N LYS E 179 -23.22 -37.14 -9.53
CA LYS E 179 -23.21 -36.78 -8.12
C LYS E 179 -21.78 -36.53 -7.60
N LEU E 180 -20.78 -37.20 -8.17
CA LEU E 180 -19.40 -37.06 -7.72
C LEU E 180 -18.58 -36.22 -8.70
N GLU E 181 -18.91 -36.35 -10.00
CA GLU E 181 -18.19 -35.69 -11.07
C GLU E 181 -18.58 -34.22 -11.17
N ARG E 182 -19.61 -33.83 -10.43
CA ARG E 182 -20.05 -32.45 -10.36
C ARG E 182 -19.29 -31.72 -9.25
N ALA E 183 -19.10 -30.40 -9.44
CA ALA E 183 -18.80 -29.48 -8.36
C ALA E 183 -19.97 -28.52 -8.20
N ASP E 184 -20.22 -28.14 -6.94
CA ASP E 184 -21.25 -27.19 -6.55
C ASP E 184 -20.58 -25.88 -6.18
N PRO E 185 -20.90 -24.75 -6.85
CA PRO E 185 -20.24 -23.47 -6.54
C PRO E 185 -20.78 -22.91 -5.22
N PRO E 186 -19.96 -22.19 -4.42
CA PRO E 186 -20.44 -21.53 -3.20
C PRO E 186 -21.51 -20.47 -3.46
N LYS E 187 -22.61 -20.48 -2.70
CA LYS E 187 -23.34 -19.24 -2.50
C LYS E 187 -22.55 -18.35 -1.54
N THR E 188 -22.09 -17.18 -2.00
CA THR E 188 -21.36 -16.22 -1.20
C THR E 188 -22.21 -15.00 -0.81
N HIS E 189 -21.74 -14.29 0.24
CA HIS E 189 -22.22 -12.99 0.70
C HIS E 189 -21.32 -12.42 1.78
N VAL E 190 -21.54 -11.13 2.10
CA VAL E 190 -20.82 -10.49 3.19
C VAL E 190 -21.81 -9.90 4.17
N THR E 191 -21.50 -10.03 5.47
CA THR E 191 -22.28 -9.38 6.51
C THR E 191 -21.36 -8.45 7.30
N HIS E 192 -21.99 -7.40 7.79
CA HIS E 192 -21.31 -6.37 8.53
C HIS E 192 -21.92 -6.31 9.93
N HIS E 193 -21.05 -6.18 10.94
CA HIS E 193 -21.51 -6.09 12.31
C HIS E 193 -20.79 -4.92 12.95
N PRO E 194 -21.50 -3.82 13.27
CA PRO E 194 -20.91 -2.71 14.01
C PRO E 194 -20.82 -3.03 15.51
N ILE E 195 -19.79 -3.78 15.90
CA ILE E 195 -19.75 -4.33 17.24
C ILE E 195 -19.47 -3.22 18.24
N SER E 196 -18.62 -2.27 17.84
CA SER E 196 -18.22 -1.18 18.72
C SER E 196 -18.50 0.14 18.00
N ASP E 197 -18.48 1.24 18.73
CA ASP E 197 -18.57 2.57 18.17
C ASP E 197 -17.36 2.78 17.28
N HIS E 198 -16.29 2.07 17.63
CA HIS E 198 -14.96 2.34 17.09
C HIS E 198 -14.50 1.25 16.11
N GLU E 199 -15.12 0.05 16.15
CA GLU E 199 -14.73 -1.03 15.26
C GLU E 199 -15.94 -1.82 14.75
N ALA E 200 -15.73 -2.50 13.60
CA ALA E 200 -16.75 -3.35 13.00
C ALA E 200 -16.14 -4.67 12.52
N THR E 201 -16.96 -5.71 12.55
CA THR E 201 -16.60 -7.04 12.07
C THR E 201 -17.19 -7.17 10.67
N LEU E 202 -16.33 -7.61 9.76
CA LEU E 202 -16.80 -7.92 8.41
C LEU E 202 -16.55 -9.41 8.14
N ARG E 203 -17.63 -10.15 7.86
CA ARG E 203 -17.53 -11.60 7.76
C ARG E 203 -18.02 -12.09 6.39
N CYS E 204 -17.15 -12.89 5.73
CA CYS E 204 -17.34 -13.43 4.39
C CYS E 204 -17.87 -14.85 4.46
N TRP E 205 -19.01 -15.11 3.82
CA TRP E 205 -19.64 -16.40 3.84
C TRP E 205 -19.41 -17.18 2.55
N ALA E 206 -19.38 -18.50 2.67
CA ALA E 206 -19.42 -19.47 1.58
C ALA E 206 -20.31 -20.59 2.07
N LEU E 207 -21.38 -20.87 1.33
CA LEU E 207 -22.39 -21.80 1.80
C LEU E 207 -22.78 -22.76 0.69
N GLY E 208 -23.05 -24.03 1.06
CA GLY E 208 -23.55 -25.06 0.16
C GLY E 208 -22.63 -25.45 -1.00
N PHE E 209 -21.30 -25.41 -0.84
CA PHE E 209 -20.34 -25.82 -1.87
C PHE E 209 -19.89 -27.28 -1.67
N TYR E 210 -19.38 -27.90 -2.76
CA TYR E 210 -18.78 -29.22 -2.84
C TYR E 210 -17.84 -29.21 -4.05
N PRO E 211 -16.57 -29.68 -3.97
CA PRO E 211 -15.98 -30.26 -2.77
C PRO E 211 -15.70 -29.30 -1.62
N ALA E 212 -14.94 -29.75 -0.60
CA ALA E 212 -14.76 -29.04 0.64
C ALA E 212 -13.52 -28.14 0.59
N GLU E 213 -12.75 -28.21 -0.51
CA GLU E 213 -11.55 -27.40 -0.65
C GLU E 213 -11.96 -25.99 -1.08
N ILE E 214 -11.75 -25.02 -0.17
CA ILE E 214 -12.10 -23.63 -0.47
C ILE E 214 -11.04 -22.73 0.17
N THR E 215 -10.82 -21.56 -0.45
CA THR E 215 -10.00 -20.52 0.17
C THR E 215 -10.83 -19.24 0.26
N LEU E 216 -10.88 -18.68 1.49
CA LEU E 216 -11.42 -17.36 1.73
C LEU E 216 -10.28 -16.50 2.27
N THR E 217 -10.06 -15.34 1.64
CA THR E 217 -9.06 -14.36 2.08
C THR E 217 -9.69 -12.97 2.12
N TRP E 218 -9.39 -12.26 3.21
CA TRP E 218 -9.69 -10.83 3.30
C TRP E 218 -8.52 -10.03 2.73
N GLN E 219 -8.87 -9.13 1.79
CA GLN E 219 -7.92 -8.24 1.15
C GLN E 219 -8.23 -6.79 1.51
N ARG E 220 -7.19 -6.03 1.89
CA ARG E 220 -7.28 -4.60 2.11
C ARG E 220 -6.66 -3.84 0.94
N ASP E 221 -7.53 -3.23 0.12
CA ASP E 221 -7.13 -2.43 -1.03
C ASP E 221 -6.05 -3.16 -1.85
N GLY E 222 -6.07 -4.49 -1.87
CA GLY E 222 -5.04 -5.22 -2.62
C GLY E 222 -4.23 -6.19 -1.78
N GLU E 223 -3.75 -5.79 -0.59
CA GLU E 223 -2.94 -6.67 0.24
C GLU E 223 -3.82 -7.67 1.01
N ASP E 224 -3.23 -8.76 1.54
CA ASP E 224 -3.96 -9.78 2.26
C ASP E 224 -3.97 -9.38 3.74
N GLN E 225 -4.79 -10.06 4.55
CA GLN E 225 -4.95 -9.69 5.96
C GLN E 225 -4.76 -10.89 6.89
N THR E 226 -3.77 -11.74 6.62
CA THR E 226 -3.81 -13.08 7.21
C THR E 226 -3.92 -12.97 8.72
N GLN E 227 -2.98 -12.26 9.32
CA GLN E 227 -2.97 -12.12 10.77
C GLN E 227 -4.13 -11.19 11.16
N ASP E 228 -4.79 -11.51 12.28
CA ASP E 228 -5.94 -10.75 12.75
C ASP E 228 -7.17 -11.03 11.88
N THR E 229 -7.26 -12.23 11.31
CA THR E 229 -8.40 -12.73 10.56
C THR E 229 -8.84 -14.05 11.19
N GLU E 230 -10.15 -14.19 11.41
CA GLU E 230 -10.74 -15.39 11.99
C GLU E 230 -11.33 -16.28 10.88
N LEU E 231 -10.73 -17.46 10.75
CA LEU E 231 -11.15 -18.45 9.76
C LEU E 231 -11.67 -19.69 10.48
N VAL E 232 -12.97 -19.99 10.34
CA VAL E 232 -13.55 -21.18 10.94
C VAL E 232 -13.20 -22.40 10.06
N GLU E 233 -13.06 -23.55 10.72
CA GLU E 233 -12.98 -24.84 10.06
C GLU E 233 -14.18 -25.02 9.12
N THR E 234 -13.89 -25.39 7.87
CA THR E 234 -14.91 -25.83 6.95
C THR E 234 -15.77 -26.89 7.62
N ARG E 235 -17.09 -26.80 7.46
CA ARG E 235 -18.01 -27.57 8.27
C ARG E 235 -19.09 -28.16 7.36
N PRO E 236 -19.69 -29.32 7.74
CA PRO E 236 -20.73 -29.91 6.90
C PRO E 236 -22.08 -29.25 7.12
N ALA E 237 -22.78 -28.97 6.01
CA ALA E 237 -24.12 -28.39 6.12
C ALA E 237 -25.10 -29.47 6.58
N GLY E 238 -24.70 -30.73 6.34
CA GLY E 238 -25.45 -31.88 6.79
C GLY E 238 -26.09 -32.63 5.62
N ASP E 239 -26.00 -32.07 4.40
CA ASP E 239 -26.59 -32.60 3.19
C ASP E 239 -25.50 -32.75 2.14
N ARG E 240 -24.26 -32.99 2.60
CA ARG E 240 -23.11 -33.28 1.75
C ARG E 240 -22.66 -32.02 1.01
N THR E 241 -22.91 -30.86 1.60
CA THR E 241 -22.32 -29.59 1.17
C THR E 241 -21.56 -28.99 2.34
N PHE E 242 -20.78 -27.95 2.06
CA PHE E 242 -19.85 -27.38 3.04
C PHE E 242 -20.13 -25.89 3.26
N GLN E 243 -19.83 -25.44 4.48
CA GLN E 243 -19.91 -24.04 4.84
C GLN E 243 -18.56 -23.64 5.44
N LYS E 244 -18.15 -22.40 5.15
CA LYS E 244 -17.00 -21.82 5.81
C LYS E 244 -17.24 -20.32 5.87
N TRP E 245 -16.65 -19.68 6.89
CA TRP E 245 -16.63 -18.24 6.87
C TRP E 245 -15.31 -17.67 7.35
N ALA E 246 -14.99 -16.46 6.87
CA ALA E 246 -13.81 -15.72 7.33
C ALA E 246 -14.24 -14.31 7.77
N ALA E 247 -13.59 -13.81 8.84
CA ALA E 247 -13.99 -12.54 9.42
C ALA E 247 -12.76 -11.69 9.68
N VAL E 248 -12.95 -10.37 9.62
CA VAL E 248 -11.89 -9.45 9.96
C VAL E 248 -12.49 -8.33 10.81
N VAL E 249 -11.72 -7.88 11.81
CA VAL E 249 -12.13 -6.72 12.61
C VAL E 249 -11.46 -5.46 12.06
N VAL E 250 -12.27 -4.52 11.58
CA VAL E 250 -11.75 -3.34 10.89
C VAL E 250 -12.11 -2.11 11.72
N PRO E 251 -11.40 -0.95 11.60
CA PRO E 251 -11.83 0.28 12.28
C PRO E 251 -13.06 0.82 11.58
N SER E 252 -14.03 1.33 12.35
CA SER E 252 -15.27 1.80 11.74
C SER E 252 -14.99 2.91 10.72
N GLY E 253 -15.73 2.92 9.60
CA GLY E 253 -15.40 3.79 8.48
C GLY E 253 -14.63 3.08 7.36
N GLU E 254 -13.55 2.34 7.70
CA GLU E 254 -12.60 1.78 6.74
C GLU E 254 -13.10 0.49 6.04
N GLU E 255 -14.28 0.00 6.45
CA GLU E 255 -14.90 -1.22 5.94
C GLU E 255 -14.88 -1.34 4.41
N GLN E 256 -15.16 -0.23 3.71
CA GLN E 256 -15.41 -0.27 2.27
C GLN E 256 -14.11 -0.43 1.46
N ARG E 257 -12.97 -0.34 2.15
CA ARG E 257 -11.67 -0.52 1.53
C ARG E 257 -11.20 -1.98 1.61
N TYR E 258 -12.05 -2.89 2.13
CA TYR E 258 -11.75 -4.32 2.28
C TYR E 258 -12.64 -5.13 1.33
N THR E 259 -12.04 -6.19 0.79
CA THR E 259 -12.65 -7.09 -0.18
C THR E 259 -12.36 -8.53 0.24
N CYS E 260 -13.26 -9.44 -0.17
CA CYS E 260 -13.11 -10.87 0.12
C CYS E 260 -12.94 -11.64 -1.19
N HIS E 261 -11.90 -12.50 -1.24
CA HIS E 261 -11.60 -13.27 -2.44
C HIS E 261 -11.81 -14.76 -2.16
N VAL E 262 -12.78 -15.35 -2.88
CA VAL E 262 -13.21 -16.73 -2.70
C VAL E 262 -12.71 -17.59 -3.86
N GLN E 263 -11.97 -18.66 -3.56
CA GLN E 263 -11.49 -19.58 -4.58
C GLN E 263 -12.09 -20.97 -4.38
N HIS E 264 -12.46 -21.63 -5.49
CA HIS E 264 -13.15 -22.91 -5.48
C HIS E 264 -13.17 -23.52 -6.89
N GLU E 265 -13.32 -24.85 -6.99
CA GLU E 265 -13.28 -25.52 -8.29
C GLU E 265 -14.56 -25.20 -9.07
N GLY E 266 -15.71 -25.19 -8.37
CA GLY E 266 -17.02 -24.91 -8.95
C GLY E 266 -17.19 -23.46 -9.39
N LEU E 267 -16.18 -22.63 -9.10
CA LEU E 267 -16.16 -21.22 -9.46
C LEU E 267 -15.33 -21.00 -10.73
N PRO E 268 -16.00 -20.53 -11.82
CA PRO E 268 -15.32 -20.16 -13.07
C PRO E 268 -14.03 -19.35 -12.90
N LYS E 269 -14.09 -18.29 -12.08
CA LYS E 269 -12.92 -17.46 -11.76
C LYS E 269 -13.07 -16.90 -10.34
N PRO E 270 -11.95 -16.64 -9.62
CA PRO E 270 -12.01 -16.16 -8.22
C PRO E 270 -12.93 -14.96 -8.04
N LEU E 271 -13.86 -15.04 -7.06
CA LEU E 271 -14.78 -13.95 -6.73
C LEU E 271 -14.08 -12.87 -5.91
N THR E 272 -14.59 -11.63 -6.05
CA THR E 272 -14.27 -10.52 -5.16
C THR E 272 -15.60 -9.90 -4.75
N LEU E 273 -15.81 -9.77 -3.44
CA LEU E 273 -17.04 -9.17 -2.95
C LEU E 273 -16.68 -8.27 -1.78
N ARG E 274 -17.65 -7.49 -1.26
CA ARG E 274 -17.40 -6.64 -0.10
C ARG E 274 -18.66 -5.91 0.35
N TRP E 275 -18.51 -5.05 1.37
CA TRP E 275 -19.44 -3.98 1.71
C TRP E 275 -20.55 -4.37 2.69
N GLU E 276 -20.57 -3.70 3.86
CA GLU E 276 -21.77 -3.30 4.59
C GLU E 276 -21.37 -2.24 5.66
N MET F 1 -0.74 -38.89 27.81
CA MET F 1 -0.40 -38.68 26.37
C MET F 1 -1.06 -37.39 25.90
N ILE F 2 -1.40 -37.39 24.61
CA ILE F 2 -1.92 -36.22 23.95
C ILE F 2 -3.38 -35.99 24.33
N GLN F 3 -3.69 -34.76 24.78
CA GLN F 3 -5.07 -34.28 24.86
C GLN F 3 -5.24 -32.99 24.05
N ARG F 4 -6.42 -32.83 23.43
CA ARG F 4 -6.70 -31.72 22.52
C ARG F 4 -8.14 -31.26 22.77
N THR F 5 -8.37 -29.95 23.02
CA THR F 5 -9.70 -29.41 23.37
C THR F 5 -10.59 -29.27 22.14
N PRO F 6 -11.86 -29.73 22.21
CA PRO F 6 -12.77 -29.68 21.05
C PRO F 6 -13.06 -28.24 20.67
N LYS F 7 -13.10 -27.98 19.38
CA LYS F 7 -13.66 -26.74 18.87
C LYS F 7 -15.11 -26.99 18.48
N ILE F 8 -16.02 -26.08 18.87
CA ILE F 8 -17.48 -26.26 18.73
C ILE F 8 -18.04 -25.26 17.72
N GLN F 9 -19.05 -25.64 16.95
CA GLN F 9 -19.67 -24.71 16.01
C GLN F 9 -21.14 -25.06 15.94
N VAL F 10 -22.02 -24.11 16.27
CA VAL F 10 -23.47 -24.33 16.20
C VAL F 10 -24.02 -23.57 15.01
N TYR F 11 -24.84 -24.20 14.19
CA TYR F 11 -25.32 -23.48 13.01
C TYR F 11 -26.49 -24.21 12.36
N SER F 12 -27.11 -23.55 11.38
CA SER F 12 -28.27 -24.15 10.73
C SER F 12 -27.91 -24.57 9.32
N ARG F 13 -28.64 -25.58 8.81
CA ARG F 13 -28.34 -26.11 7.49
C ARG F 13 -28.64 -25.06 6.43
N HIS F 14 -29.82 -24.44 6.56
CA HIS F 14 -30.24 -23.43 5.61
C HIS F 14 -30.23 -22.10 6.34
N PRO F 15 -30.01 -20.97 5.61
CA PRO F 15 -30.11 -19.65 6.26
C PRO F 15 -31.47 -19.54 6.95
N ALA F 16 -31.46 -19.17 8.24
CA ALA F 16 -32.63 -19.23 9.13
C ALA F 16 -33.81 -18.42 8.59
N GLU F 17 -35.02 -18.89 8.94
CA GLU F 17 -36.27 -18.22 8.58
C GLU F 17 -37.34 -18.58 9.59
N ASN F 18 -37.75 -17.60 10.43
CA ASN F 18 -38.70 -17.90 11.50
C ASN F 18 -39.94 -18.58 10.95
N GLY F 19 -40.15 -19.86 11.33
CA GLY F 19 -41.35 -20.58 10.96
C GLY F 19 -41.13 -21.63 9.88
N LYS F 20 -40.02 -21.54 9.13
CA LYS F 20 -39.65 -22.47 8.07
C LYS F 20 -38.80 -23.61 8.65
N SER F 21 -38.99 -24.83 8.13
CA SER F 21 -38.33 -26.00 8.70
C SER F 21 -36.84 -25.98 8.34
N ASN F 22 -36.00 -26.40 9.31
CA ASN F 22 -34.57 -26.39 9.14
C ASN F 22 -33.97 -27.55 9.92
N PHE F 23 -32.65 -27.51 10.06
CA PHE F 23 -31.90 -28.48 10.86
C PHE F 23 -30.88 -27.70 11.67
N LEU F 24 -30.81 -28.01 12.96
CA LEU F 24 -29.80 -27.41 13.80
C LEU F 24 -28.61 -28.36 13.93
N ASN F 25 -27.40 -27.88 13.63
CA ASN F 25 -26.17 -28.68 13.70
C ASN F 25 -25.25 -28.18 14.82
N CYS F 26 -24.52 -29.11 15.41
CA CYS F 26 -23.42 -28.81 16.31
C CYS F 26 -22.23 -29.65 15.87
N TYR F 27 -21.19 -29.01 15.34
CA TYR F 27 -20.09 -29.75 14.76
C TYR F 27 -18.88 -29.61 15.68
N VAL F 28 -18.31 -30.75 16.06
CA VAL F 28 -17.24 -30.75 17.05
C VAL F 28 -15.98 -31.36 16.43
N SER F 29 -14.85 -30.65 16.51
CA SER F 29 -13.63 -31.07 15.84
C SER F 29 -12.38 -30.80 16.68
N GLY F 30 -11.27 -31.45 16.35
CA GLY F 30 -10.00 -31.05 16.95
C GLY F 30 -9.73 -31.78 18.27
N PHE F 31 -10.63 -32.70 18.65
CA PHE F 31 -10.59 -33.31 19.99
C PHE F 31 -9.86 -34.66 19.99
N HIS F 32 -9.36 -35.01 21.19
CA HIS F 32 -8.74 -36.28 21.48
C HIS F 32 -8.50 -36.33 22.98
N PRO F 33 -8.83 -37.44 23.68
CA PRO F 33 -9.40 -38.64 23.07
C PRO F 33 -10.80 -38.45 22.49
N SER F 34 -11.32 -39.52 21.87
CA SER F 34 -12.53 -39.45 21.05
C SER F 34 -13.81 -39.50 21.88
N ASP F 35 -13.67 -39.75 23.19
CA ASP F 35 -14.83 -39.89 24.06
C ASP F 35 -15.37 -38.47 24.30
N ILE F 36 -16.61 -38.22 23.87
CA ILE F 36 -17.13 -36.88 23.98
C ILE F 36 -18.65 -36.93 24.12
N GLU F 37 -19.22 -36.05 24.95
CA GLU F 37 -20.66 -35.99 25.12
C GLU F 37 -21.15 -34.71 24.45
N VAL F 38 -22.28 -34.81 23.76
CA VAL F 38 -22.78 -33.66 23.01
C VAL F 38 -24.29 -33.61 23.07
N ASP F 39 -24.85 -32.51 23.57
CA ASP F 39 -26.30 -32.38 23.74
C ASP F 39 -26.76 -31.13 23.00
N LEU F 40 -27.88 -31.24 22.27
CA LEU F 40 -28.49 -30.08 21.67
C LEU F 40 -29.51 -29.54 22.67
N LEU F 41 -29.76 -28.22 22.68
CA LEU F 41 -30.59 -27.60 23.68
C LEU F 41 -31.59 -26.64 23.04
N LYS F 42 -32.86 -26.74 23.49
CA LYS F 42 -33.83 -25.68 23.25
C LYS F 42 -34.17 -25.03 24.58
N ASN F 43 -33.80 -23.75 24.74
CA ASN F 43 -34.21 -22.95 25.89
C ASN F 43 -33.70 -23.56 27.20
N GLY F 44 -32.56 -24.27 27.10
CA GLY F 44 -31.89 -24.83 28.27
C GLY F 44 -32.33 -26.26 28.61
N GLU F 45 -33.41 -26.73 27.97
CA GLU F 45 -33.81 -28.12 28.07
C GLU F 45 -33.11 -28.91 26.96
N ARG F 46 -32.82 -30.19 27.23
CA ARG F 46 -32.16 -31.06 26.27
C ARG F 46 -33.19 -31.53 25.24
N ILE F 47 -32.77 -31.62 23.97
CA ILE F 47 -33.59 -32.19 22.89
C ILE F 47 -33.37 -33.70 22.85
N GLU F 48 -34.40 -34.45 22.41
CA GLU F 48 -34.55 -35.87 22.72
C GLU F 48 -33.93 -36.73 21.60
N LYS F 49 -34.21 -36.40 20.33
CA LYS F 49 -34.05 -37.35 19.23
C LYS F 49 -32.71 -37.20 18.51
N VAL F 50 -31.79 -36.38 19.04
CA VAL F 50 -30.63 -35.91 18.30
C VAL F 50 -29.85 -37.07 17.67
N GLU F 51 -29.60 -36.97 16.36
CA GLU F 51 -28.76 -37.92 15.66
C GLU F 51 -27.31 -37.42 15.57
N HIS F 52 -26.40 -38.32 15.16
CA HIS F 52 -25.02 -37.92 14.94
C HIS F 52 -24.39 -38.74 13.82
N SER F 53 -23.30 -38.23 13.27
CA SER F 53 -22.53 -38.85 12.22
C SER F 53 -21.58 -39.87 12.84
N ASP F 54 -20.93 -40.63 11.94
CA ASP F 54 -20.05 -41.72 12.31
C ASP F 54 -18.69 -41.13 12.66
N LEU F 55 -18.11 -41.54 13.79
CA LEU F 55 -16.82 -40.99 14.22
C LEU F 55 -15.77 -41.08 13.11
N SER F 56 -15.14 -39.95 12.73
CA SER F 56 -14.01 -39.98 11.82
C SER F 56 -13.01 -38.89 12.18
N PHE F 57 -11.95 -38.74 11.38
CA PHE F 57 -10.90 -37.78 11.71
C PHE F 57 -10.36 -37.11 10.44
N SER F 58 -9.34 -36.26 10.62
CA SER F 58 -8.80 -35.40 9.57
C SER F 58 -7.38 -35.85 9.29
N LYS F 59 -6.81 -35.38 8.18
CA LYS F 59 -5.42 -35.67 7.84
C LYS F 59 -4.50 -35.34 9.02
N ASP F 60 -4.95 -34.58 10.00
CA ASP F 60 -4.11 -34.24 11.14
C ASP F 60 -4.32 -35.21 12.31
N TRP F 61 -5.22 -36.19 12.16
CA TRP F 61 -5.49 -37.24 13.13
C TRP F 61 -6.56 -36.88 14.15
N SER F 62 -7.11 -35.67 14.10
CA SER F 62 -8.07 -35.23 15.13
C SER F 62 -9.50 -35.57 14.69
N PHE F 63 -10.34 -35.85 15.69
CA PHE F 63 -11.65 -36.42 15.43
C PHE F 63 -12.66 -35.33 15.12
N TYR F 64 -13.78 -35.74 14.51
CA TYR F 64 -14.89 -34.82 14.39
C TYR F 64 -16.22 -35.56 14.35
N LEU F 65 -17.30 -34.88 14.72
CA LEU F 65 -18.64 -35.45 14.76
C LEU F 65 -19.62 -34.33 14.44
N LEU F 66 -20.63 -34.67 13.65
CA LEU F 66 -21.72 -33.73 13.45
C LEU F 66 -22.88 -34.26 14.27
N TYR F 67 -23.50 -33.40 15.09
CA TYR F 67 -24.75 -33.72 15.75
C TYR F 67 -25.80 -32.78 15.23
N TYR F 68 -27.00 -33.31 15.00
CA TYR F 68 -28.02 -32.54 14.32
C TYR F 68 -29.39 -33.04 14.73
N THR F 69 -30.37 -32.15 14.58
CA THR F 69 -31.77 -32.46 14.80
C THR F 69 -32.60 -31.55 13.92
N GLU F 70 -33.84 -31.97 13.67
CA GLU F 70 -34.75 -31.14 12.90
C GLU F 70 -35.38 -30.14 13.87
N PHE F 71 -35.55 -28.89 13.41
CA PHE F 71 -36.13 -27.87 14.26
C PHE F 71 -36.84 -26.85 13.38
N THR F 72 -37.64 -26.01 14.04
CA THR F 72 -38.20 -24.84 13.40
C THR F 72 -37.92 -23.65 14.29
N PRO F 73 -37.13 -22.66 13.81
CA PRO F 73 -36.88 -21.44 14.57
C PRO F 73 -38.11 -20.54 14.74
N THR F 74 -38.30 -20.12 16.01
CA THR F 74 -39.29 -19.14 16.39
C THR F 74 -38.53 -17.90 16.83
N GLU F 75 -39.26 -16.81 17.10
CA GLU F 75 -38.62 -15.58 17.52
C GLU F 75 -38.21 -15.72 18.99
N LYS F 76 -38.97 -16.50 19.76
CA LYS F 76 -38.78 -16.63 21.19
C LYS F 76 -37.72 -17.69 21.52
N ASP F 77 -37.59 -18.73 20.67
CA ASP F 77 -36.87 -19.93 21.04
C ASP F 77 -35.39 -19.75 20.77
N GLU F 78 -34.55 -19.95 21.80
CA GLU F 78 -33.10 -19.98 21.70
C GLU F 78 -32.58 -21.42 21.64
N TYR F 79 -31.42 -21.63 21.01
CA TYR F 79 -30.89 -22.98 20.86
C TYR F 79 -29.37 -23.03 21.12
N ALA F 80 -28.88 -24.11 21.75
CA ALA F 80 -27.45 -24.16 22.05
C ALA F 80 -26.91 -25.59 21.96
N CYS F 81 -25.60 -25.71 22.13
CA CYS F 81 -24.92 -26.99 22.07
C CYS F 81 -24.12 -27.17 23.36
N ARG F 82 -24.30 -28.30 24.05
CA ARG F 82 -23.64 -28.54 25.33
C ARG F 82 -22.68 -29.70 25.14
N VAL F 83 -21.38 -29.41 25.24
CA VAL F 83 -20.36 -30.41 24.94
C VAL F 83 -19.58 -30.74 26.21
N ASN F 84 -19.41 -32.05 26.46
CA ASN F 84 -18.61 -32.46 27.61
C ASN F 84 -17.48 -33.39 27.16
N HIS F 85 -16.28 -33.20 27.75
CA HIS F 85 -15.07 -33.87 27.28
C HIS F 85 -13.98 -33.70 28.35
N VAL F 86 -12.95 -34.54 28.29
CA VAL F 86 -11.90 -34.58 29.30
C VAL F 86 -11.28 -33.21 29.48
N THR F 87 -11.06 -32.51 28.36
CA THR F 87 -10.28 -31.26 28.33
C THR F 87 -11.06 -30.11 28.99
N LEU F 88 -12.37 -30.31 29.18
CA LEU F 88 -13.23 -29.26 29.68
C LEU F 88 -13.52 -29.50 31.17
N SER F 89 -13.23 -28.48 32.00
CA SER F 89 -13.42 -28.50 33.44
C SER F 89 -14.90 -28.53 33.77
N GLN F 90 -15.72 -27.94 32.90
CA GLN F 90 -17.17 -28.02 32.93
C GLN F 90 -17.66 -28.06 31.48
N PRO F 91 -18.95 -28.41 31.22
CA PRO F 91 -19.48 -28.35 29.86
C PRO F 91 -19.26 -26.97 29.22
N LYS F 92 -18.91 -26.95 27.93
CA LYS F 92 -18.91 -25.74 27.12
C LYS F 92 -20.31 -25.61 26.52
N ILE F 93 -20.90 -24.40 26.60
CA ILE F 93 -22.24 -24.16 26.07
C ILE F 93 -22.18 -23.02 25.06
N VAL F 94 -22.78 -23.23 23.89
CA VAL F 94 -22.48 -22.34 22.77
C VAL F 94 -23.81 -22.06 22.06
N LYS F 95 -24.26 -20.80 22.13
CA LYS F 95 -25.60 -20.48 21.68
C LYS F 95 -25.55 -20.35 20.17
N TRP F 96 -26.65 -20.75 19.55
CA TRP F 96 -26.81 -20.56 18.13
C TRP F 96 -26.98 -19.07 17.89
N ASP F 97 -26.39 -18.57 16.80
CA ASP F 97 -26.60 -17.19 16.42
C ASP F 97 -26.86 -17.17 14.92
N ARG F 98 -27.87 -16.40 14.49
CA ARG F 98 -28.39 -16.59 13.15
C ARG F 98 -27.53 -15.90 12.10
N ASP F 99 -26.31 -15.44 12.46
CA ASP F 99 -25.42 -14.71 11.55
C ASP F 99 -23.96 -15.15 11.73
N MET F 100 -23.80 -16.42 12.19
CA MET F 100 -22.56 -17.11 12.55
C MET F 100 -22.68 -18.68 12.40
N SER G 1 -13.96 -50.54 -1.52
CA SER G 1 -13.94 -51.78 -0.69
C SER G 1 -12.78 -51.74 0.30
N PRO G 2 -12.95 -52.27 1.55
CA PRO G 2 -11.83 -52.33 2.51
C PRO G 2 -10.84 -53.39 2.07
N ARG G 3 -9.53 -53.09 2.17
CA ARG G 3 -8.50 -53.98 1.71
C ARG G 3 -8.56 -55.25 2.56
N TRP G 4 -8.45 -56.40 1.88
CA TRP G 4 -8.54 -57.69 2.58
C TRP G 4 -7.14 -58.17 2.94
N TYR G 5 -6.34 -57.31 3.60
CA TYR G 5 -5.02 -57.74 4.04
C TYR G 5 -4.89 -57.23 5.46
N PHE G 6 -4.18 -57.94 6.34
CA PHE G 6 -4.19 -57.60 7.75
C PHE G 6 -2.76 -57.54 8.26
N TYR G 7 -2.33 -56.35 8.70
CA TYR G 7 -0.93 -56.11 9.02
C TYR G 7 -0.84 -55.80 10.50
N TYR G 8 0.16 -56.34 11.19
CA TYR G 8 0.33 -56.13 12.63
C TYR G 8 1.39 -55.07 12.88
N LEU G 9 1.03 -54.07 13.71
CA LEU G 9 1.98 -53.04 14.11
C LEU G 9 3.10 -53.62 15.02
N SER H 3 -5.35 26.11 -25.56
CA SER H 3 -5.16 27.21 -24.58
C SER H 3 -3.78 27.85 -24.68
N HIS H 4 -3.72 29.18 -24.80
CA HIS H 4 -2.47 29.88 -25.06
C HIS H 4 -2.53 31.26 -24.42
N SER H 5 -1.38 31.94 -24.44
CA SER H 5 -1.23 33.20 -23.73
C SER H 5 -0.16 34.06 -24.38
N MET H 6 -0.39 35.37 -24.28
CA MET H 6 0.65 36.37 -24.47
C MET H 6 0.76 37.18 -23.19
N ARG H 7 1.98 37.60 -22.86
CA ARG H 7 2.24 38.30 -21.62
C ARG H 7 3.47 39.19 -21.78
N TYR H 8 3.31 40.45 -21.36
CA TYR H 8 4.40 41.41 -21.30
C TYR H 8 4.77 41.65 -19.83
N PHE H 9 6.08 41.78 -19.60
CA PHE H 9 6.61 41.92 -18.25
C PHE H 9 7.55 43.11 -18.21
N TYR H 10 7.17 44.18 -17.48
CA TYR H 10 7.96 45.40 -17.51
C TYR H 10 8.60 45.62 -16.15
N THR H 11 9.87 46.04 -16.18
CA THR H 11 10.59 46.36 -14.95
C THR H 11 11.21 47.74 -15.12
N SER H 12 10.95 48.62 -14.15
CA SER H 12 11.59 49.93 -14.12
C SER H 12 12.29 50.16 -12.79
N VAL H 13 13.56 50.56 -12.88
CA VAL H 13 14.42 50.73 -11.71
C VAL H 13 15.01 52.14 -11.80
N SER H 14 14.57 53.04 -10.92
CA SER H 14 15.03 54.42 -10.94
C SER H 14 16.40 54.50 -10.26
N ARG H 15 17.30 55.34 -10.78
CA ARG H 15 18.66 55.41 -10.26
C ARG H 15 18.82 56.72 -9.46
N PRO H 16 19.71 56.80 -8.44
CA PRO H 16 19.89 58.04 -7.68
C PRO H 16 20.14 59.28 -8.55
N GLY H 17 21.08 59.19 -9.50
CA GLY H 17 21.48 60.37 -10.24
C GLY H 17 21.44 60.16 -11.73
N GLY H 19 20.69 60.66 -14.83
CA GLY H 19 20.30 59.27 -15.19
C GLY H 19 18.79 58.97 -15.20
N GLU H 20 18.24 58.57 -16.35
CA GLU H 20 16.87 58.05 -16.44
C GLU H 20 16.80 56.64 -15.79
N PRO H 21 15.66 56.23 -15.19
CA PRO H 21 15.40 54.82 -14.91
C PRO H 21 15.80 53.87 -16.03
N ARG H 22 16.22 52.67 -15.65
CA ARG H 22 16.37 51.58 -16.60
C ARG H 22 15.01 50.92 -16.76
N PHE H 23 14.61 50.74 -18.03
CA PHE H 23 13.36 50.07 -18.32
C PHE H 23 13.64 48.84 -19.17
N ILE H 24 13.20 47.70 -18.67
CA ILE H 24 13.44 46.48 -19.41
C ILE H 24 12.07 45.85 -19.60
N SER H 25 11.87 45.30 -20.79
CA SER H 25 10.61 44.64 -21.09
C SER H 25 10.92 43.32 -21.79
N VAL H 26 10.17 42.29 -21.41
CA VAL H 26 10.22 41.00 -22.07
C VAL H 26 8.81 40.59 -22.50
N GLY H 27 8.71 39.98 -23.68
CA GLY H 27 7.43 39.48 -24.17
C GLY H 27 7.43 37.95 -24.36
N TYR H 28 6.40 37.28 -23.83
CA TYR H 28 6.28 35.85 -23.93
C TYR H 28 5.01 35.50 -24.70
N VAL H 29 5.12 34.44 -25.49
CA VAL H 29 3.95 33.69 -25.91
C VAL H 29 4.15 32.33 -25.29
N ASP H 30 3.15 31.89 -24.51
CA ASP H 30 3.29 30.65 -23.75
C ASP H 30 4.55 30.82 -22.92
N ASP H 31 5.54 29.93 -23.05
CA ASP H 31 6.76 30.03 -22.24
C ASP H 31 7.96 30.33 -23.12
N THR H 32 7.69 30.96 -24.29
CA THR H 32 8.71 31.31 -25.26
C THR H 32 8.94 32.83 -25.24
N GLN H 33 10.13 33.27 -24.83
CA GLN H 33 10.44 34.69 -24.87
C GLN H 33 10.65 35.04 -26.33
N PHE H 34 9.97 36.10 -26.83
CA PHE H 34 9.96 36.37 -28.25
C PHE H 34 10.35 37.79 -28.57
N VAL H 35 10.42 38.68 -27.58
CA VAL H 35 10.89 40.03 -27.85
C VAL H 35 11.54 40.54 -26.57
N ARG H 36 12.34 41.61 -26.70
CA ARG H 36 12.96 42.24 -25.54
C ARG H 36 13.23 43.70 -25.85
N PHE H 37 13.39 44.50 -24.81
CA PHE H 37 13.71 45.89 -24.98
C PHE H 37 14.47 46.34 -23.74
N ASP H 38 15.60 46.99 -23.97
CA ASP H 38 16.43 47.44 -22.87
C ASP H 38 16.82 48.90 -23.11
N SER H 39 16.58 49.74 -22.10
CA SER H 39 16.78 51.17 -22.25
C SER H 39 18.26 51.51 -22.11
N ASP H 40 19.15 50.51 -22.08
CA ASP H 40 20.57 50.74 -21.81
C ASP H 40 21.37 50.95 -23.09
N ALA H 41 20.82 50.57 -24.26
CA ALA H 41 21.49 50.83 -25.52
C ALA H 41 21.53 52.33 -25.79
N ALA H 42 22.34 52.77 -26.78
CA ALA H 42 22.29 54.16 -27.22
C ALA H 42 21.23 54.34 -28.32
N SER H 43 20.88 53.26 -29.03
CA SER H 43 19.69 53.29 -29.88
C SER H 43 18.77 52.13 -29.50
N PRO H 44 18.04 52.22 -28.36
CA PRO H 44 17.17 51.13 -27.92
C PRO H 44 16.17 50.73 -29.00
N ARG H 45 16.15 49.44 -29.32
CA ARG H 45 15.20 48.87 -30.25
C ARG H 45 14.59 47.60 -29.67
N GLU H 46 13.27 47.43 -29.84
CA GLU H 46 12.66 46.11 -29.74
C GLU H 46 13.51 45.17 -30.61
N GLU H 47 13.94 44.05 -30.01
CA GLU H 47 14.78 43.03 -30.64
C GLU H 47 14.09 41.68 -30.52
N PRO H 48 14.30 40.78 -31.51
CA PRO H 48 13.72 39.44 -31.46
C PRO H 48 14.53 38.45 -30.61
N ARG H 49 13.83 37.47 -30.04
CA ARG H 49 14.41 36.42 -29.23
C ARG H 49 13.75 35.08 -29.56
N ALA H 50 12.79 35.10 -30.49
CA ALA H 50 12.25 33.88 -31.08
C ALA H 50 12.54 33.90 -32.58
N PRO H 51 12.75 32.75 -33.24
CA PRO H 51 13.00 32.76 -34.69
C PRO H 51 11.84 33.28 -35.51
N TRP H 52 10.60 33.05 -35.04
CA TRP H 52 9.39 33.23 -35.82
C TRP H 52 8.88 34.68 -35.80
N ILE H 53 9.37 35.51 -34.86
CA ILE H 53 8.99 36.92 -34.86
C ILE H 53 9.81 37.63 -35.92
N GLU H 54 10.69 36.87 -36.59
CA GLU H 54 11.67 37.48 -37.48
C GLU H 54 11.05 37.75 -38.84
N GLN H 55 9.91 37.10 -39.11
CA GLN H 55 9.16 37.34 -40.33
C GLN H 55 8.59 38.77 -40.36
N GLU H 56 8.54 39.41 -39.20
CA GLU H 56 8.05 40.79 -39.08
C GLU H 56 9.00 41.77 -39.76
N GLY H 57 8.39 42.69 -40.53
CA GLY H 57 9.07 43.72 -41.27
C GLY H 57 9.52 44.88 -40.37
N PRO H 58 10.25 45.87 -40.93
CA PRO H 58 10.87 46.92 -40.10
C PRO H 58 9.90 47.84 -39.35
N GLU H 59 8.67 47.96 -39.86
CA GLU H 59 7.62 48.82 -39.34
C GLU H 59 7.19 48.36 -37.94
N TYR H 60 6.98 47.05 -37.80
CA TYR H 60 6.78 46.42 -36.49
C TYR H 60 7.79 46.97 -35.47
N TRP H 61 9.09 46.75 -35.72
CA TRP H 61 10.15 47.05 -34.77
C TRP H 61 10.23 48.54 -34.47
N ASP H 62 9.96 49.36 -35.50
CA ASP H 62 10.04 50.80 -35.36
C ASP H 62 8.92 51.28 -34.44
N ARG H 63 7.70 50.77 -34.71
CA ARG H 63 6.54 51.25 -34.00
C ARG H 63 6.59 50.84 -32.52
N ASN H 64 6.96 49.58 -32.30
CA ASN H 64 7.04 49.01 -30.96
C ASN H 64 8.09 49.76 -30.14
N THR H 65 9.20 50.13 -30.79
CA THR H 65 10.24 50.86 -30.08
C THR H 65 9.70 52.18 -29.54
N GLN H 66 8.84 52.83 -30.36
CA GLN H 66 8.24 54.10 -30.00
C GLN H 66 7.40 53.91 -28.73
N ILE H 67 6.65 52.80 -28.70
CA ILE H 67 5.72 52.54 -27.62
C ILE H 67 6.49 52.26 -26.34
N TYR H 68 7.62 51.54 -26.46
CA TYR H 68 8.42 51.18 -25.29
C TYR H 68 8.98 52.46 -24.66
N LYS H 69 9.57 53.31 -25.52
CA LYS H 69 10.19 54.54 -25.03
C LYS H 69 9.16 55.38 -24.28
N ALA H 70 7.92 55.40 -24.79
CA ALA H 70 6.82 56.11 -24.17
C ALA H 70 6.44 55.45 -22.84
N GLN H 71 6.47 54.11 -22.83
CA GLN H 71 6.09 53.41 -21.62
C GLN H 71 7.13 53.69 -20.56
N ALA H 72 8.38 53.62 -21.01
CA ALA H 72 9.51 53.91 -20.16
C ALA H 72 9.31 55.29 -19.54
N GLN H 73 8.95 56.29 -20.38
CA GLN H 73 8.63 57.65 -19.97
C GLN H 73 7.53 57.65 -18.90
N THR H 74 6.40 57.01 -19.20
CA THR H 74 5.30 56.93 -18.23
C THR H 74 5.83 56.41 -16.90
N ASP H 75 6.65 55.34 -16.96
CA ASP H 75 7.08 54.59 -15.78
C ASP H 75 7.97 55.47 -14.90
N ARG H 76 8.85 56.24 -15.54
CA ARG H 76 9.65 57.25 -14.89
C ARG H 76 8.77 58.19 -14.06
N GLU H 77 7.61 58.58 -14.60
CA GLU H 77 6.70 59.48 -13.92
C GLU H 77 5.94 58.74 -12.82
N SER H 78 5.28 57.63 -13.20
CA SER H 78 4.65 56.77 -12.22
C SER H 78 5.57 56.63 -10.99
N LEU H 79 6.89 56.52 -11.25
CA LEU H 79 7.88 56.28 -10.21
C LEU H 79 8.02 57.48 -9.28
N ARG H 80 8.04 58.68 -9.89
CA ARG H 80 8.10 59.91 -9.11
C ARG H 80 6.83 60.02 -8.25
N ASN H 81 5.67 59.93 -8.91
CA ASN H 81 4.36 59.95 -8.26
C ASN H 81 4.34 59.05 -7.03
N LEU H 82 4.94 57.86 -7.13
CA LEU H 82 4.87 56.88 -6.06
C LEU H 82 5.77 57.31 -4.91
N ARG H 83 6.93 57.91 -5.24
CA ARG H 83 7.82 58.41 -4.19
C ARG H 83 7.06 59.41 -3.34
N GLY H 84 6.21 60.22 -4.01
CA GLY H 84 5.34 61.20 -3.37
C GLY H 84 4.27 60.55 -2.48
N TYR H 85 3.64 59.47 -2.96
CA TYR H 85 2.53 58.81 -2.27
C TYR H 85 3.01 58.20 -0.97
N TYR H 86 4.24 57.66 -0.96
CA TYR H 86 4.72 56.96 0.21
C TYR H 86 5.60 57.85 1.06
N ASN H 87 5.68 59.15 0.74
CA ASN H 87 6.58 60.10 1.42
C ASN H 87 8.01 59.55 1.53
N GLN H 88 8.65 59.39 0.35
CA GLN H 88 10.02 58.92 0.26
C GLN H 88 10.83 60.05 -0.36
N SER H 89 12.08 60.27 0.08
CA SER H 89 12.93 61.24 -0.59
C SER H 89 13.17 60.78 -2.04
N GLU H 90 13.64 61.70 -2.89
CA GLU H 90 13.91 61.39 -4.29
C GLU H 90 15.12 60.44 -4.36
N ALA H 91 16.04 60.64 -3.40
CA ALA H 91 17.23 59.84 -3.13
C ALA H 91 16.84 58.42 -2.68
N GLY H 92 17.35 57.41 -3.37
CA GLY H 92 16.89 56.04 -3.15
C GLY H 92 16.26 55.48 -4.41
N SER H 93 16.91 54.46 -4.97
CA SER H 93 16.43 53.64 -6.07
C SER H 93 15.09 53.00 -5.70
N HIS H 94 14.19 52.87 -6.68
CA HIS H 94 12.95 52.13 -6.51
C HIS H 94 12.66 51.24 -7.74
N THR H 95 11.76 50.24 -7.55
CA THR H 95 11.38 49.28 -8.59
C THR H 95 9.87 49.28 -8.80
N LEU H 96 9.45 49.52 -10.05
CA LEU H 96 8.08 49.28 -10.48
C LEU H 96 8.04 48.15 -11.52
N GLN H 97 7.18 47.16 -11.24
CA GLN H 97 7.00 46.00 -12.09
C GLN H 97 5.57 45.97 -12.58
N SER H 98 5.40 45.59 -13.86
CA SER H 98 4.09 45.60 -14.50
C SER H 98 3.94 44.29 -15.28
N MET H 99 2.75 43.70 -15.25
CA MET H 99 2.54 42.49 -16.01
C MET H 99 1.13 42.54 -16.58
N TYR H 100 0.98 42.38 -17.89
CA TYR H 100 -0.35 42.35 -18.49
C TYR H 100 -0.29 41.33 -19.60
N GLY H 101 -1.45 40.78 -19.96
CA GLY H 101 -1.57 39.85 -21.06
C GLY H 101 -2.98 39.26 -21.13
N CYS H 102 -3.16 38.40 -22.12
CA CYS H 102 -4.43 37.74 -22.37
C CYS H 102 -4.16 36.25 -22.55
N ASP H 103 -5.08 35.44 -22.03
CA ASP H 103 -5.10 34.00 -22.24
C ASP H 103 -6.28 33.74 -23.18
N VAL H 104 -6.03 32.99 -24.25
CA VAL H 104 -7.10 32.64 -25.16
C VAL H 104 -7.38 31.15 -25.10
N GLY H 105 -8.61 30.75 -25.47
CA GLY H 105 -9.05 29.36 -25.47
C GLY H 105 -8.56 28.57 -26.68
N PRO H 106 -8.90 27.25 -26.81
CA PRO H 106 -8.63 26.50 -28.04
C PRO H 106 -9.50 27.08 -29.15
N ASP H 107 -10.59 27.71 -28.72
CA ASP H 107 -11.48 28.57 -29.50
C ASP H 107 -10.65 29.64 -30.22
N GLY H 108 -9.91 30.45 -29.45
CA GLY H 108 -9.25 31.63 -29.95
C GLY H 108 -9.83 32.90 -29.33
N ARG H 109 -10.74 32.74 -28.35
CA ARG H 109 -11.34 33.88 -27.66
C ARG H 109 -10.81 34.00 -26.23
N LEU H 110 -11.07 35.17 -25.64
CA LEU H 110 -10.46 35.53 -24.38
C LEU H 110 -10.98 34.60 -23.30
N LEU H 111 -10.08 33.83 -22.67
CA LEU H 111 -10.33 33.16 -21.39
C LEU H 111 -10.31 34.20 -20.28
N ARG H 112 -9.13 34.82 -20.11
CA ARG H 112 -8.95 35.80 -19.03
C ARG H 112 -7.90 36.80 -19.47
N GLY H 113 -8.05 38.03 -18.94
CA GLY H 113 -7.11 39.13 -19.05
C GLY H 113 -6.37 39.38 -17.74
N HIS H 114 -5.18 39.96 -17.83
CA HIS H 114 -4.37 40.22 -16.65
C HIS H 114 -3.77 41.60 -16.79
N ASP H 115 -3.67 42.34 -15.68
CA ASP H 115 -3.17 43.70 -15.73
C ASP H 115 -2.80 44.14 -14.32
N GLN H 116 -1.54 43.99 -13.91
CA GLN H 116 -1.24 44.13 -12.50
C GLN H 116 0.13 44.78 -12.30
N TYR H 117 0.32 45.35 -11.11
CA TYR H 117 1.50 46.14 -10.85
C TYR H 117 2.05 45.80 -9.46
N ALA H 118 3.37 45.93 -9.30
CA ALA H 118 4.00 45.87 -8.00
C ALA H 118 5.08 46.94 -7.84
N TYR H 119 5.13 47.55 -6.66
CA TYR H 119 6.09 48.61 -6.32
C TYR H 119 7.02 48.09 -5.22
N ASP H 120 8.33 48.26 -5.42
CA ASP H 120 9.36 47.88 -4.46
C ASP H 120 9.11 46.47 -3.92
N GLY H 121 8.68 45.54 -4.79
CA GLY H 121 8.48 44.16 -4.38
C GLY H 121 7.02 43.86 -4.02
N LYS H 122 6.26 44.81 -3.47
CA LYS H 122 4.96 44.40 -2.97
C LYS H 122 3.89 44.71 -4.02
N ASP H 123 2.84 43.88 -4.02
CA ASP H 123 1.61 44.13 -4.77
C ASP H 123 1.22 45.60 -4.60
N TYR H 124 0.82 46.26 -5.70
CA TYR H 124 0.39 47.65 -5.63
C TYR H 124 -1.07 47.81 -6.04
N ILE H 125 -1.39 47.51 -7.30
CA ILE H 125 -2.78 47.55 -7.77
C ILE H 125 -2.94 46.56 -8.91
N ALA H 126 -4.14 45.97 -9.01
CA ALA H 126 -4.40 44.99 -10.05
C ALA H 126 -5.84 45.05 -10.56
N LEU H 127 -6.05 44.51 -11.78
CA LEU H 127 -7.34 44.57 -12.43
C LEU H 127 -8.06 43.25 -12.17
N ASN H 128 -9.30 43.34 -11.68
CA ASN H 128 -10.07 42.17 -11.30
C ASN H 128 -10.49 41.44 -12.56
N GLU H 129 -11.13 40.29 -12.39
CA GLU H 129 -11.29 39.33 -13.47
C GLU H 129 -12.43 39.74 -14.39
N ASP H 130 -13.33 40.62 -13.88
CA ASP H 130 -14.45 41.14 -14.64
C ASP H 130 -13.95 42.11 -15.69
N LEU H 131 -12.72 42.60 -15.45
CA LEU H 131 -12.02 43.60 -16.24
C LEU H 131 -12.79 44.92 -16.14
N ARG H 132 -13.38 45.17 -14.96
CA ARG H 132 -14.24 46.32 -14.75
C ARG H 132 -13.85 47.11 -13.50
N SER H 133 -13.17 46.44 -12.56
CA SER H 133 -12.81 47.05 -11.28
C SER H 133 -11.32 46.87 -10.95
N TRP H 134 -10.88 47.51 -9.87
CA TRP H 134 -9.50 47.51 -9.41
C TRP H 134 -9.44 47.00 -7.97
N THR H 135 -8.29 46.40 -7.61
CA THR H 135 -7.94 45.96 -6.26
C THR H 135 -6.64 46.67 -5.86
N ALA H 136 -6.73 47.48 -4.79
CA ALA H 136 -5.56 48.23 -4.33
C ALA H 136 -4.97 47.55 -3.09
N ALA H 137 -3.64 47.52 -2.99
CA ALA H 137 -3.01 46.83 -1.88
C ALA H 137 -2.98 47.69 -0.62
N ASP H 138 -2.62 48.96 -0.74
CA ASP H 138 -2.59 49.82 0.44
C ASP H 138 -3.40 51.10 0.17
N THR H 139 -3.32 52.04 1.11
CA THR H 139 -4.08 53.28 1.02
C THR H 139 -3.46 54.20 -0.04
N ALA H 140 -2.15 54.05 -0.30
CA ALA H 140 -1.48 54.85 -1.32
C ALA H 140 -1.92 54.44 -2.74
N ALA H 141 -2.18 53.14 -2.93
CA ALA H 141 -2.59 52.62 -4.23
C ALA H 141 -4.03 53.04 -4.52
N GLN H 142 -4.74 53.48 -3.47
CA GLN H 142 -6.13 53.91 -3.59
C GLN H 142 -6.17 55.29 -4.20
N ILE H 143 -5.08 56.03 -4.02
CA ILE H 143 -4.86 57.25 -4.77
C ILE H 143 -4.96 56.96 -6.28
N THR H 144 -4.22 55.96 -6.76
CA THR H 144 -4.18 55.56 -8.17
C THR H 144 -5.56 55.02 -8.55
N GLN H 145 -6.20 54.31 -7.61
CA GLN H 145 -7.48 53.69 -7.86
C GLN H 145 -8.57 54.72 -8.18
N ARG H 146 -8.62 55.78 -7.36
CA ARG H 146 -9.57 56.85 -7.55
C ARG H 146 -9.32 57.49 -8.90
N LYS H 147 -8.03 57.73 -9.20
CA LYS H 147 -7.61 58.44 -10.39
C LYS H 147 -8.08 57.68 -11.63
N TRP H 148 -7.92 56.35 -11.60
CA TRP H 148 -8.18 55.49 -12.75
C TRP H 148 -9.67 55.26 -12.91
N GLU H 149 -10.40 55.21 -11.78
CA GLU H 149 -11.85 55.04 -11.84
C GLU H 149 -12.47 56.30 -12.44
N ALA H 150 -12.03 57.48 -11.96
CA ALA H 150 -12.51 58.75 -12.46
C ALA H 150 -12.25 58.85 -13.95
N ALA H 151 -11.14 58.29 -14.42
CA ALA H 151 -10.76 58.35 -15.82
C ALA H 151 -11.23 57.13 -16.62
N ARG H 152 -12.17 56.33 -16.06
CA ARG H 152 -12.78 55.18 -16.73
C ARG H 152 -11.70 54.33 -17.42
N GLU H 153 -10.57 54.11 -16.72
CA GLU H 153 -9.45 53.39 -17.30
C GLU H 153 -9.76 51.92 -17.55
N ALA H 154 -10.60 51.32 -16.71
CA ALA H 154 -10.97 49.92 -16.89
C ALA H 154 -11.49 49.64 -18.31
N GLU H 155 -12.31 50.56 -18.87
CA GLU H 155 -12.89 50.42 -20.20
C GLU H 155 -11.79 50.23 -21.25
N GLN H 156 -10.72 51.03 -21.12
CA GLN H 156 -9.63 51.04 -22.09
C GLN H 156 -8.78 49.78 -22.04
N ARG H 157 -8.58 49.21 -20.85
CA ARG H 157 -7.73 48.05 -20.68
C ARG H 157 -8.55 46.84 -21.12
N ARG H 158 -9.82 46.79 -20.67
CA ARG H 158 -10.70 45.72 -21.12
C ARG H 158 -10.73 45.72 -22.65
N ALA H 159 -10.77 46.93 -23.22
CA ALA H 159 -10.84 47.03 -24.66
C ALA H 159 -9.59 46.39 -25.28
N TYR H 160 -8.42 46.77 -24.74
CA TYR H 160 -7.15 46.23 -25.22
C TYR H 160 -7.12 44.71 -25.09
N LEU H 161 -7.44 44.22 -23.87
CA LEU H 161 -7.31 42.83 -23.49
C LEU H 161 -8.20 41.94 -24.34
N GLU H 162 -9.46 42.35 -24.53
CA GLU H 162 -10.40 41.57 -25.31
C GLU H 162 -10.09 41.62 -26.81
N GLY H 163 -9.44 42.69 -27.30
CA GLY H 163 -9.38 42.97 -28.72
C GLY H 163 -8.00 42.84 -29.33
N GLU H 164 -7.18 43.87 -29.17
CA GLU H 164 -5.88 43.91 -29.81
C GLU H 164 -4.98 42.79 -29.28
N CYS H 165 -5.07 42.51 -27.97
CA CYS H 165 -4.19 41.53 -27.37
C CYS H 165 -4.33 40.18 -28.10
N VAL H 166 -5.59 39.75 -28.26
CA VAL H 166 -5.92 38.43 -28.77
C VAL H 166 -5.49 38.32 -30.23
N GLU H 167 -5.61 39.42 -30.98
CA GLU H 167 -5.36 39.42 -32.41
C GLU H 167 -3.88 39.30 -32.65
N TRP H 168 -3.09 40.01 -31.84
CA TRP H 168 -1.65 39.87 -31.87
C TRP H 168 -1.24 38.43 -31.54
N LEU H 169 -1.86 37.89 -30.47
CA LEU H 169 -1.59 36.52 -30.06
C LEU H 169 -1.94 35.54 -31.18
N ARG H 170 -3.13 35.70 -31.75
CA ARG H 170 -3.62 34.79 -32.79
C ARG H 170 -2.63 34.76 -33.95
N ARG H 171 -2.10 35.93 -34.26
CA ARG H 171 -1.18 36.06 -35.36
C ARG H 171 0.14 35.37 -35.06
N TYR H 172 0.66 35.62 -33.85
CA TYR H 172 1.96 35.07 -33.45
C TYR H 172 1.94 33.54 -33.47
N LEU H 173 0.79 32.98 -33.04
CA LEU H 173 0.61 31.54 -33.08
C LEU H 173 0.61 30.99 -34.51
N GLU H 174 -0.04 31.71 -35.45
CA GLU H 174 0.10 31.38 -36.87
C GLU H 174 1.57 31.43 -37.30
N ASN H 175 2.27 32.50 -36.95
CA ASN H 175 3.62 32.69 -37.47
C ASN H 175 4.58 31.59 -37.00
N GLY H 176 4.37 31.00 -35.82
CA GLY H 176 5.31 29.97 -35.39
C GLY H 176 4.63 28.67 -34.94
N LYS H 177 3.67 28.18 -35.73
CA LYS H 177 2.81 27.07 -35.33
C LYS H 177 3.63 25.84 -34.90
N ASP H 178 4.63 25.46 -35.70
CA ASP H 178 5.47 24.30 -35.40
C ASP H 178 6.02 24.41 -33.97
N LYS H 179 6.70 25.53 -33.68
CA LYS H 179 7.45 25.64 -32.44
C LYS H 179 6.53 25.82 -31.23
N LEU H 180 5.34 26.41 -31.40
CA LEU H 180 4.50 26.78 -30.27
C LEU H 180 3.34 25.80 -30.07
N GLU H 181 3.24 24.71 -30.86
CA GLU H 181 2.08 23.82 -30.80
C GLU H 181 2.50 22.36 -30.60
N ARG H 182 3.76 22.04 -30.92
CA ARG H 182 4.44 20.82 -30.49
C ARG H 182 4.61 20.89 -28.97
N ALA H 183 4.46 19.75 -28.29
CA ALA H 183 4.89 19.65 -26.90
C ALA H 183 6.10 18.71 -26.79
N ASP H 184 7.25 19.25 -26.36
CA ASP H 184 8.46 18.44 -26.21
C ASP H 184 8.46 17.73 -24.86
N PRO H 185 8.33 16.36 -24.85
CA PRO H 185 8.17 15.62 -23.61
C PRO H 185 9.52 15.38 -22.93
N PRO H 186 9.56 15.25 -21.58
CA PRO H 186 10.84 15.15 -20.87
C PRO H 186 11.61 13.86 -21.14
N LYS H 187 12.92 13.94 -21.38
CA LYS H 187 13.74 12.75 -21.26
C LYS H 187 14.04 12.42 -19.78
N THR H 188 13.35 11.41 -19.22
CA THR H 188 13.39 11.11 -17.79
C THR H 188 14.36 9.98 -17.44
N HIS H 189 14.85 9.97 -16.20
CA HIS H 189 15.64 8.90 -15.57
C HIS H 189 15.85 9.15 -14.08
N VAL H 190 16.42 8.16 -13.38
CA VAL H 190 16.53 8.24 -11.93
C VAL H 190 17.97 7.93 -11.51
N THR H 191 18.47 8.69 -10.52
CA THR H 191 19.82 8.50 -10.01
C THR H 191 19.69 8.19 -8.52
N HIS H 192 20.64 7.38 -8.02
CA HIS H 192 20.62 7.04 -6.59
C HIS H 192 21.91 7.48 -5.92
N HIS H 193 21.81 7.90 -4.66
CA HIS H 193 22.99 8.30 -3.91
C HIS H 193 22.98 7.66 -2.52
N PRO H 194 23.98 6.79 -2.23
CA PRO H 194 24.15 6.21 -0.89
C PRO H 194 24.81 7.25 0.03
N ILE H 195 23.98 8.09 0.63
CA ILE H 195 24.48 9.25 1.33
C ILE H 195 25.04 8.84 2.69
N SER H 196 24.63 7.69 3.21
CA SER H 196 25.14 7.18 4.47
C SER H 196 24.85 5.69 4.55
N ASP H 197 25.07 5.11 5.73
CA ASP H 197 24.70 3.72 5.97
C ASP H 197 23.18 3.59 5.98
N HIS H 198 22.47 4.47 6.70
CA HIS H 198 21.07 4.25 6.99
C HIS H 198 20.11 5.05 6.11
N GLU H 199 20.63 5.79 5.11
CA GLU H 199 19.74 6.47 4.18
C GLU H 199 20.37 6.65 2.80
N ALA H 200 19.51 6.80 1.79
CA ALA H 200 19.92 7.02 0.42
C ALA H 200 18.93 7.94 -0.30
N THR H 201 19.48 8.69 -1.28
CA THR H 201 18.75 9.71 -1.99
C THR H 201 18.42 9.19 -3.38
N LEU H 202 17.13 9.19 -3.69
CA LEU H 202 16.61 8.84 -4.99
C LEU H 202 16.16 10.14 -5.64
N ARG H 203 16.79 10.48 -6.78
CA ARG H 203 16.49 11.73 -7.44
C ARG H 203 16.03 11.46 -8.87
N CYS H 204 14.83 11.95 -9.16
CA CYS H 204 14.16 11.74 -10.42
C CYS H 204 14.28 12.97 -11.30
N TRP H 205 14.84 12.80 -12.50
CA TRP H 205 15.12 13.88 -13.43
C TRP H 205 14.08 13.99 -14.54
N ALA H 206 13.93 15.20 -15.09
CA ALA H 206 13.14 15.50 -16.27
C ALA H 206 13.92 16.55 -17.06
N LEU H 207 14.24 16.24 -18.32
CA LEU H 207 15.16 17.07 -19.08
C LEU H 207 14.60 17.37 -20.48
N GLY H 208 14.85 18.60 -20.92
CA GLY H 208 14.56 19.09 -22.27
C GLY H 208 13.07 19.17 -22.60
N PHE H 209 12.20 19.43 -21.62
CA PHE H 209 10.76 19.51 -21.90
C PHE H 209 10.29 20.93 -22.18
N TYR H 210 9.19 21.02 -22.95
CA TYR H 210 8.48 22.27 -23.22
C TYR H 210 7.01 21.95 -23.48
N PRO H 211 6.01 22.65 -22.90
CA PRO H 211 6.24 23.79 -22.01
C PRO H 211 6.78 23.45 -20.63
N ALA H 212 6.82 24.45 -19.75
CA ALA H 212 7.44 24.27 -18.45
C ALA H 212 6.55 23.54 -17.43
N GLU H 213 5.21 23.51 -17.62
CA GLU H 213 4.40 22.86 -16.61
C GLU H 213 4.60 21.36 -16.70
N ILE H 214 4.89 20.74 -15.55
CA ILE H 214 5.17 19.32 -15.36
C ILE H 214 4.84 18.96 -13.92
N THR H 215 4.62 17.68 -13.59
CA THR H 215 4.61 17.25 -12.20
C THR H 215 5.57 16.08 -12.01
N LEU H 216 6.43 16.20 -10.98
CA LEU H 216 7.20 15.06 -10.48
C LEU H 216 6.74 14.77 -9.05
N THR H 217 6.24 13.53 -8.82
CA THR H 217 5.88 13.06 -7.49
C THR H 217 6.50 11.68 -7.24
N TRP H 218 7.24 11.53 -6.13
CA TRP H 218 7.60 10.24 -5.56
C TRP H 218 6.42 9.59 -4.81
N GLN H 219 6.33 8.26 -4.95
CA GLN H 219 5.30 7.50 -4.24
C GLN H 219 5.94 6.29 -3.56
N ARG H 220 5.60 6.09 -2.27
CA ARG H 220 5.99 4.90 -1.52
C ARG H 220 4.81 3.92 -1.51
N ASP H 221 4.85 2.95 -2.43
CA ASP H 221 3.79 1.96 -2.58
C ASP H 221 2.46 2.67 -2.88
N GLY H 222 2.45 3.41 -3.99
CA GLY H 222 1.27 4.14 -4.39
C GLY H 222 0.85 5.23 -3.39
N GLU H 223 1.56 5.40 -2.27
CA GLU H 223 1.31 6.53 -1.39
C GLU H 223 2.25 7.66 -1.80
N ASP H 224 1.71 8.87 -1.98
CA ASP H 224 2.49 10.00 -2.49
C ASP H 224 3.22 10.68 -1.32
N GLN H 225 4.55 10.81 -1.43
CA GLN H 225 5.37 11.33 -0.35
C GLN H 225 5.53 12.82 -0.55
N THR H 226 4.44 13.55 -0.30
CA THR H 226 4.37 14.94 -0.69
C THR H 226 5.38 15.77 0.10
N GLN H 227 5.47 15.48 1.40
CA GLN H 227 6.14 16.44 2.29
C GLN H 227 7.62 16.11 2.44
N ASP H 228 8.05 14.91 2.04
CA ASP H 228 9.43 14.49 2.28
C ASP H 228 10.33 14.63 1.04
N THR H 229 9.87 15.36 0.01
CA THR H 229 10.55 15.40 -1.28
C THR H 229 11.09 16.79 -1.54
N GLU H 230 12.34 16.90 -2.03
CA GLU H 230 12.92 18.15 -2.52
C GLU H 230 12.59 18.33 -3.99
N LEU H 231 11.85 19.39 -4.32
CA LEU H 231 11.44 19.72 -5.68
C LEU H 231 12.12 21.04 -6.09
N VAL H 232 13.06 21.00 -7.01
CA VAL H 232 13.75 22.21 -7.47
C VAL H 232 12.87 22.91 -8.50
N GLU H 233 12.88 24.24 -8.44
CA GLU H 233 12.10 25.11 -9.30
C GLU H 233 12.48 24.80 -10.74
N THR H 234 11.46 24.60 -11.59
CA THR H 234 11.70 24.30 -13.00
C THR H 234 12.68 25.34 -13.53
N ARG H 235 13.71 24.92 -14.27
CA ARG H 235 14.82 25.78 -14.64
C ARG H 235 15.03 25.77 -16.16
N PRO H 236 15.59 26.85 -16.76
CA PRO H 236 15.76 26.88 -18.21
C PRO H 236 17.04 26.18 -18.62
N ALA H 237 16.92 25.38 -19.70
CA ALA H 237 18.04 24.62 -20.23
C ALA H 237 19.03 25.58 -20.91
N GLY H 238 18.45 26.65 -21.48
CA GLY H 238 19.22 27.63 -22.23
C GLY H 238 18.86 27.61 -23.71
N ASP H 239 18.06 26.60 -24.13
CA ASP H 239 17.71 26.36 -25.52
C ASP H 239 16.19 26.27 -25.64
N ARG H 240 15.47 27.02 -24.77
CA ARG H 240 14.02 27.15 -24.82
C ARG H 240 13.31 25.95 -24.23
N THR H 241 14.04 25.07 -23.53
CA THR H 241 13.43 23.91 -22.88
C THR H 241 13.74 23.99 -21.40
N PHE H 242 13.12 23.10 -20.62
CA PHE H 242 13.20 23.20 -19.16
C PHE H 242 13.67 21.89 -18.55
N GLN H 243 14.35 22.02 -17.41
CA GLN H 243 14.75 20.89 -16.59
C GLN H 243 14.12 21.00 -15.21
N LYS H 244 13.86 19.87 -14.55
CA LYS H 244 13.40 19.87 -13.18
C LYS H 244 13.88 18.59 -12.50
N TRP H 245 14.02 18.60 -11.18
CA TRP H 245 14.17 17.32 -10.52
C TRP H 245 13.46 17.23 -9.17
N ALA H 246 13.03 16.01 -8.81
CA ALA H 246 12.48 15.74 -7.49
C ALA H 246 13.24 14.61 -6.81
N ALA H 247 13.56 14.80 -5.52
CA ALA H 247 14.40 13.85 -4.81
C ALA H 247 13.81 13.54 -3.45
N VAL H 248 14.03 12.29 -3.00
CA VAL H 248 13.47 11.83 -1.75
C VAL H 248 14.57 11.09 -1.01
N VAL H 249 14.57 11.27 0.32
CA VAL H 249 15.49 10.53 1.16
C VAL H 249 14.75 9.34 1.78
N VAL H 250 15.17 8.13 1.42
CA VAL H 250 14.46 6.91 1.80
C VAL H 250 15.37 6.15 2.77
N PRO H 251 14.82 5.28 3.67
CA PRO H 251 15.63 4.35 4.47
C PRO H 251 16.45 3.51 3.50
N SER H 252 17.65 3.10 3.91
CA SER H 252 18.43 2.24 3.05
C SER H 252 17.89 0.81 3.16
N GLY H 253 17.69 0.15 2.00
CA GLY H 253 17.10 -1.18 1.98
C GLY H 253 15.64 -1.19 1.55
N GLU H 254 14.87 -0.15 1.93
CA GLU H 254 13.48 0.03 1.53
C GLU H 254 13.43 0.99 0.35
N GLU H 255 14.31 0.77 -0.64
CA GLU H 255 14.48 1.67 -1.78
C GLU H 255 13.44 1.36 -2.87
N GLN H 256 13.23 0.04 -3.10
CA GLN H 256 12.46 -0.48 -4.20
C GLN H 256 10.97 -0.24 -4.04
N ARG H 257 10.56 0.24 -2.88
CA ARG H 257 9.16 0.59 -2.69
C ARG H 257 8.76 1.95 -3.27
N TYR H 258 9.72 2.67 -3.87
CA TYR H 258 9.54 4.06 -4.28
C TYR H 258 9.53 4.21 -5.80
N THR H 259 8.56 5.00 -6.30
CA THR H 259 8.43 5.24 -7.73
C THR H 259 8.12 6.70 -8.01
N CYS H 260 8.79 7.26 -9.02
CA CYS H 260 8.60 8.63 -9.48
C CYS H 260 7.56 8.65 -10.59
N HIS H 261 6.61 9.58 -10.51
CA HIS H 261 5.51 9.69 -11.44
C HIS H 261 5.67 11.02 -12.16
N VAL H 262 5.78 10.95 -13.48
CA VAL H 262 5.96 12.12 -14.31
C VAL H 262 4.69 12.38 -15.11
N GLN H 263 4.13 13.59 -15.01
CA GLN H 263 3.03 14.01 -15.86
C GLN H 263 3.43 15.22 -16.70
N HIS H 264 3.04 15.26 -17.98
CA HIS H 264 3.34 16.36 -18.89
C HIS H 264 2.54 16.21 -20.18
N GLU H 265 2.31 17.34 -20.85
CA GLU H 265 1.48 17.44 -22.04
C GLU H 265 2.09 16.67 -23.21
N GLY H 266 3.40 16.76 -23.41
CA GLY H 266 4.07 16.07 -24.50
C GLY H 266 4.19 14.56 -24.28
N LEU H 267 3.66 14.05 -23.15
CA LEU H 267 3.78 12.63 -22.82
C LEU H 267 2.48 11.90 -23.20
N PRO H 268 2.55 10.92 -24.15
CA PRO H 268 1.43 10.01 -24.44
C PRO H 268 0.60 9.54 -23.26
N LYS H 269 1.26 9.11 -22.18
CA LYS H 269 0.60 8.75 -20.93
C LYS H 269 1.58 8.92 -19.77
N PRO H 270 1.10 9.15 -18.52
CA PRO H 270 2.00 9.32 -17.37
C PRO H 270 3.03 8.20 -17.23
N LEU H 271 4.31 8.57 -17.10
CA LEU H 271 5.43 7.66 -16.83
C LEU H 271 5.52 7.34 -15.33
N THR H 272 6.07 6.15 -15.03
CA THR H 272 6.52 5.73 -13.71
C THR H 272 7.94 5.19 -13.86
N LEU H 273 8.86 5.59 -12.96
CA LEU H 273 10.25 5.13 -13.04
C LEU H 273 10.72 4.73 -11.64
N ARG H 274 11.89 4.07 -11.56
CA ARG H 274 12.49 3.64 -10.29
C ARG H 274 13.94 3.20 -10.54
N TRP H 275 14.70 2.78 -9.49
CA TRP H 275 15.96 2.04 -9.64
C TRP H 275 17.12 2.54 -8.75
N GLU H 276 18.29 1.94 -8.96
CA GLU H 276 19.56 2.17 -8.27
C GLU H 276 19.48 1.72 -6.79
N ILE I 2 10.58 44.97 1.03
CA ILE I 2 10.70 43.48 0.94
C ILE I 2 12.07 43.16 0.35
N GLN I 3 12.80 42.24 0.99
CA GLN I 3 13.92 41.55 0.36
C GLN I 3 13.65 40.04 0.26
N ARG I 4 14.24 39.42 -0.76
CA ARG I 4 14.12 37.98 -0.98
C ARG I 4 15.51 37.48 -1.39
N THR I 5 15.90 36.29 -0.91
CA THR I 5 17.25 35.78 -1.15
C THR I 5 17.28 34.96 -2.44
N PRO I 6 18.30 35.15 -3.29
CA PRO I 6 18.47 34.34 -4.51
C PRO I 6 18.58 32.84 -4.30
N LYS I 7 17.79 32.09 -5.08
CA LYS I 7 17.92 30.65 -5.20
C LYS I 7 18.89 30.35 -6.35
N ILE I 8 20.08 29.81 -6.02
CA ILE I 8 21.09 29.54 -7.03
C ILE I 8 21.07 28.07 -7.42
N GLN I 9 21.24 27.78 -8.72
CA GLN I 9 21.27 26.41 -9.19
C GLN I 9 22.27 26.38 -10.32
N VAL I 10 23.40 25.67 -10.17
CA VAL I 10 24.42 25.57 -11.22
C VAL I 10 24.28 24.24 -11.93
N TYR I 11 24.35 24.21 -13.25
CA TYR I 11 24.09 22.98 -13.98
C TYR I 11 24.50 23.13 -15.46
N SER I 12 24.27 22.07 -16.26
CA SER I 12 24.69 22.07 -17.64
C SER I 12 23.50 21.85 -18.57
N ARG I 13 23.60 22.31 -19.82
CA ARG I 13 22.47 22.26 -20.73
C ARG I 13 22.15 20.82 -21.10
N HIS I 14 23.12 20.10 -21.69
CA HIS I 14 23.02 18.66 -21.92
C HIS I 14 23.87 17.94 -20.87
N PRO I 15 23.60 16.66 -20.56
CA PRO I 15 24.35 15.99 -19.49
C PRO I 15 25.84 16.00 -19.81
N ALA I 16 26.68 16.31 -18.82
CA ALA I 16 28.13 16.39 -18.97
C ALA I 16 28.69 15.06 -19.46
N GLU I 17 29.50 15.11 -20.52
CA GLU I 17 30.34 14.01 -20.96
C GLU I 17 31.71 14.57 -21.32
N ASN I 18 32.72 14.16 -20.53
CA ASN I 18 34.08 14.71 -20.56
C ASN I 18 34.57 14.88 -21.99
N GLY I 19 35.15 16.05 -22.28
CA GLY I 19 35.69 16.35 -23.58
C GLY I 19 34.62 16.42 -24.67
N LYS I 20 33.38 16.76 -24.29
CA LYS I 20 32.35 17.17 -25.24
C LYS I 20 31.81 18.53 -24.78
N SER I 21 31.84 19.50 -25.70
CA SER I 21 31.49 20.87 -25.37
C SER I 21 30.01 20.93 -24.99
N ASN I 22 29.67 21.90 -24.14
CA ASN I 22 28.35 22.00 -23.55
C ASN I 22 28.12 23.48 -23.26
N PHE I 23 27.18 23.75 -22.36
CA PHE I 23 26.96 25.07 -21.78
C PHE I 23 26.92 24.91 -20.27
N LEU I 24 27.65 25.77 -19.55
CA LEU I 24 27.50 25.83 -18.11
C LEU I 24 26.49 26.94 -17.78
N ASN I 25 25.44 26.61 -17.02
CA ASN I 25 24.39 27.55 -16.66
C ASN I 25 24.46 27.92 -15.18
N CYS I 26 24.15 29.18 -14.87
CA CYS I 26 23.92 29.59 -13.49
C CYS I 26 22.57 30.32 -13.38
N TYR I 27 21.55 29.66 -12.82
CA TYR I 27 20.21 30.21 -12.81
C TYR I 27 19.97 30.75 -11.41
N VAL I 28 19.64 32.04 -11.33
CA VAL I 28 19.44 32.73 -10.08
C VAL I 28 17.97 33.21 -10.05
N SER I 29 17.25 32.92 -8.96
CA SER I 29 15.81 33.17 -8.96
C SER I 29 15.28 33.56 -7.57
N GLY I 30 14.15 34.25 -7.55
CA GLY I 30 13.47 34.50 -6.29
C GLY I 30 14.01 35.72 -5.56
N PHE I 31 14.95 36.46 -6.16
CA PHE I 31 15.65 37.55 -5.50
C PHE I 31 15.01 38.91 -5.77
N HIS I 32 15.18 39.85 -4.83
CA HIS I 32 14.63 41.19 -4.93
C HIS I 32 15.39 42.07 -3.95
N PRO I 33 16.17 43.08 -4.40
CA PRO I 33 16.08 43.70 -5.72
C PRO I 33 16.82 43.06 -6.89
N SER I 34 16.72 43.70 -8.05
CA SER I 34 17.28 43.22 -9.30
C SER I 34 18.79 43.45 -9.42
N ASP I 35 19.36 44.21 -8.46
CA ASP I 35 20.80 44.40 -8.48
C ASP I 35 21.47 43.11 -7.98
N ILE I 36 22.28 42.51 -8.86
CA ILE I 36 22.89 41.23 -8.49
C ILE I 36 24.20 41.09 -9.24
N GLU I 37 25.21 40.50 -8.60
CA GLU I 37 26.44 40.14 -9.30
C GLU I 37 26.44 38.64 -9.50
N VAL I 38 26.78 38.18 -10.71
CA VAL I 38 26.86 36.74 -10.93
C VAL I 38 28.02 36.36 -11.87
N ASP I 39 28.94 35.56 -11.34
CA ASP I 39 30.11 35.12 -12.08
C ASP I 39 30.17 33.60 -12.20
N LEU I 40 30.65 33.15 -13.36
CA LEU I 40 31.09 31.79 -13.54
C LEU I 40 32.57 31.71 -13.19
N LEU I 41 33.00 30.56 -12.65
CA LEU I 41 34.40 30.33 -12.28
C LEU I 41 34.86 28.99 -12.86
N LYS I 42 36.08 28.98 -13.40
CA LYS I 42 36.80 27.75 -13.69
C LYS I 42 37.98 27.67 -12.73
N ASN I 43 37.94 26.66 -11.86
CA ASN I 43 39.02 26.34 -10.93
C ASN I 43 39.26 27.49 -9.95
N GLY I 44 38.34 28.46 -9.87
CA GLY I 44 38.48 29.57 -8.94
C GLY I 44 38.52 30.91 -9.66
N GLU I 45 38.98 30.92 -10.92
CA GLU I 45 39.13 32.17 -11.68
C GLU I 45 37.88 32.46 -12.52
N ARG I 46 37.48 33.74 -12.59
CA ARG I 46 36.31 34.18 -13.33
C ARG I 46 36.47 33.92 -14.83
N ILE I 47 35.37 33.55 -15.49
CA ILE I 47 35.39 33.26 -16.92
C ILE I 47 34.98 34.53 -17.67
N GLU I 48 35.60 34.75 -18.83
CA GLU I 48 35.33 35.89 -19.68
C GLU I 48 34.25 35.50 -20.69
N LYS I 49 33.57 36.49 -21.31
CA LYS I 49 32.57 36.27 -22.35
C LYS I 49 31.35 35.54 -21.79
N VAL I 50 30.93 35.95 -20.58
CA VAL I 50 29.76 35.34 -19.96
C VAL I 50 28.51 36.15 -20.30
N GLU I 51 27.61 35.55 -21.09
CA GLU I 51 26.34 36.17 -21.42
C GLU I 51 25.27 35.88 -20.37
N HIS I 52 24.16 36.63 -20.42
CA HIS I 52 23.02 36.36 -19.54
C HIS I 52 21.71 36.67 -20.26
N SER I 53 20.60 36.18 -19.71
CA SER I 53 19.25 36.44 -20.18
C SER I 53 18.83 37.87 -19.84
N ASP I 54 17.65 38.25 -20.35
CA ASP I 54 17.04 39.55 -20.08
C ASP I 54 16.24 39.42 -18.80
N LEU I 55 16.43 40.36 -17.86
CA LEU I 55 15.74 40.33 -16.57
C LEU I 55 14.24 40.18 -16.75
N SER I 56 13.67 39.18 -16.06
CA SER I 56 12.22 39.03 -15.98
C SER I 56 11.83 38.53 -14.59
N PHE I 57 10.52 38.35 -14.38
CA PHE I 57 10.05 37.94 -13.07
C PHE I 57 8.85 36.97 -13.23
N SER I 58 8.51 36.27 -12.13
CA SER I 58 7.46 35.27 -12.11
C SER I 58 6.15 35.90 -11.67
N LYS I 59 5.04 35.18 -11.83
CA LYS I 59 3.73 35.65 -11.42
C LYS I 59 3.76 36.15 -9.98
N ASP I 60 4.79 35.78 -9.20
CA ASP I 60 4.83 36.21 -7.81
C ASP I 60 5.76 37.41 -7.61
N TRP I 61 6.28 38.01 -8.72
CA TRP I 61 6.99 39.29 -8.74
C TRP I 61 8.48 39.15 -8.46
N SER I 62 8.99 37.91 -8.34
CA SER I 62 10.40 37.72 -8.02
C SER I 62 11.18 37.52 -9.30
N PHE I 63 12.42 38.05 -9.30
CA PHE I 63 13.19 38.16 -10.52
C PHE I 63 13.92 36.85 -10.80
N TYR I 64 14.29 36.67 -12.08
CA TYR I 64 15.14 35.54 -12.41
C TYR I 64 16.04 35.85 -13.61
N LEU I 65 17.28 35.38 -13.51
CA LEU I 65 18.31 35.56 -14.51
C LEU I 65 19.06 34.25 -14.72
N LEU I 66 19.24 33.86 -15.97
CA LEU I 66 20.17 32.81 -16.34
C LEU I 66 21.46 33.48 -16.80
N TYR I 67 22.61 32.99 -16.35
CA TYR I 67 23.91 33.40 -16.89
C TYR I 67 24.65 32.19 -17.42
N TYR I 68 24.80 32.10 -18.74
CA TYR I 68 25.35 30.92 -19.38
C TYR I 68 26.71 31.24 -20.00
N THR I 69 27.38 30.20 -20.52
CA THR I 69 28.71 30.25 -21.12
C THR I 69 28.92 28.96 -21.87
N GLU I 70 29.87 28.96 -22.80
CA GLU I 70 30.21 27.72 -23.48
C GLU I 70 31.41 27.11 -22.77
N PHE I 71 31.39 25.80 -22.53
CA PHE I 71 32.50 25.16 -21.85
C PHE I 71 32.65 23.74 -22.35
N THR I 72 33.82 23.16 -22.10
CA THR I 72 34.03 21.74 -22.33
C THR I 72 34.49 21.17 -21.01
N PRO I 73 33.67 20.29 -20.40
CA PRO I 73 34.01 19.70 -19.10
C PRO I 73 35.11 18.63 -19.18
N THR I 74 35.99 18.63 -18.19
CA THR I 74 37.09 17.67 -18.16
C THR I 74 37.22 17.11 -16.76
N GLU I 75 37.90 15.97 -16.64
CA GLU I 75 37.92 15.20 -15.40
C GLU I 75 38.65 15.98 -14.30
N LYS I 76 39.56 16.88 -14.68
CA LYS I 76 40.31 17.60 -13.67
C LYS I 76 39.64 18.92 -13.30
N ASP I 77 38.94 19.55 -14.26
CA ASP I 77 38.47 20.92 -14.14
C ASP I 77 37.25 21.04 -13.23
N GLU I 78 37.15 22.16 -12.50
CA GLU I 78 36.11 22.43 -11.52
C GLU I 78 35.40 23.77 -11.75
N TYR I 79 34.10 23.73 -12.11
CA TYR I 79 33.38 24.95 -12.46
C TYR I 79 32.40 25.35 -11.37
N ALA I 80 32.49 26.60 -10.91
CA ALA I 80 31.59 27.11 -9.89
C ALA I 80 30.74 28.26 -10.44
N CYS I 81 29.91 28.85 -9.57
CA CYS I 81 29.16 30.06 -9.81
C CYS I 81 29.25 30.90 -8.53
N ARG I 82 29.76 32.13 -8.64
CA ARG I 82 29.83 33.05 -7.52
C ARG I 82 28.81 34.16 -7.70
N VAL I 83 27.89 34.30 -6.74
CA VAL I 83 26.80 35.28 -6.84
C VAL I 83 26.90 36.26 -5.69
N ASN I 84 26.66 37.55 -5.95
CA ASN I 84 26.65 38.54 -4.89
C ASN I 84 25.35 39.34 -4.93
N HIS I 85 24.80 39.62 -3.74
CA HIS I 85 23.53 40.29 -3.58
C HIS I 85 23.49 40.91 -2.19
N VAL I 86 22.46 41.73 -1.94
CA VAL I 86 22.34 42.52 -0.73
C VAL I 86 21.85 41.66 0.43
N THR I 87 21.15 40.55 0.15
CA THR I 87 20.68 39.62 1.17
C THR I 87 21.82 38.75 1.70
N LEU I 88 22.99 38.80 1.06
CA LEU I 88 24.08 37.89 1.39
C LEU I 88 25.17 38.60 2.20
N SER I 89 25.71 37.85 3.17
CA SER I 89 26.78 38.27 4.07
C SER I 89 28.07 38.51 3.29
N GLN I 90 28.28 37.75 2.23
CA GLN I 90 29.46 37.79 1.37
C GLN I 90 29.08 37.10 0.07
N PRO I 91 29.86 37.18 -1.04
CA PRO I 91 29.58 36.36 -2.22
C PRO I 91 29.20 34.93 -1.76
N LYS I 92 28.24 34.29 -2.47
CA LYS I 92 27.87 32.90 -2.24
C LYS I 92 28.41 32.03 -3.38
N ILE I 93 29.11 30.93 -3.04
CA ILE I 93 29.60 30.03 -4.07
C ILE I 93 28.80 28.73 -4.09
N VAL I 94 28.53 28.22 -5.31
CA VAL I 94 27.81 26.97 -5.48
C VAL I 94 28.53 26.14 -6.54
N LYS I 95 29.04 24.96 -6.13
CA LYS I 95 29.88 24.17 -7.01
C LYS I 95 29.00 23.36 -7.94
N TRP I 96 29.48 23.22 -9.17
CA TRP I 96 28.80 22.37 -10.13
C TRP I 96 28.89 20.91 -9.69
N ASP I 97 27.74 20.25 -9.50
CA ASP I 97 27.75 18.91 -8.93
C ASP I 97 27.70 17.81 -10.00
N ARG I 98 27.15 18.09 -11.17
CA ARG I 98 27.10 17.07 -12.22
C ARG I 98 25.98 16.07 -11.94
N ASP I 99 25.26 16.19 -10.81
CA ASP I 99 24.02 15.46 -10.55
C ASP I 99 23.07 16.21 -9.62
N MET I 100 23.16 17.54 -9.58
CA MET I 100 22.23 18.35 -8.80
C MET I 100 21.67 19.56 -9.62
N SER J 1 2.13 42.56 -29.76
CA SER J 1 2.90 43.83 -29.59
C SER J 1 2.48 44.53 -28.29
N PRO J 2 3.41 45.31 -27.69
CA PRO J 2 3.12 46.10 -26.50
C PRO J 2 1.89 46.99 -26.68
N ARG J 3 1.19 47.23 -25.57
CA ARG J 3 -0.05 47.96 -25.62
C ARG J 3 0.28 49.44 -25.69
N TRP J 4 -0.44 50.12 -26.60
CA TRP J 4 -0.21 51.54 -26.88
C TRP J 4 -1.06 52.34 -25.93
N TYR J 5 -1.31 51.78 -24.74
CA TYR J 5 -2.03 52.55 -23.74
C TYR J 5 -1.09 52.61 -22.54
N PHE J 6 -0.64 53.82 -22.21
CA PHE J 6 0.15 54.04 -21.01
C PHE J 6 -0.75 54.79 -20.04
N TYR J 7 -0.64 54.43 -18.76
CA TYR J 7 -1.39 55.08 -17.71
C TYR J 7 -0.43 55.47 -16.59
N TYR J 8 -0.56 56.71 -16.10
CA TYR J 8 0.25 57.24 -15.01
C TYR J 8 -0.34 56.75 -13.68
N LEU J 9 0.57 56.28 -12.80
CA LEU J 9 0.21 55.83 -11.47
C LEU J 9 0.06 57.04 -10.54
#